data_2ITK
# 
_entry.id   2ITK 
# 
_audit_conform.dict_name       mmcif_pdbx.dic 
_audit_conform.dict_version    5.381 
_audit_conform.dict_location   http://mmcif.pdb.org/dictionaries/ascii/mmcif_pdbx.dic 
# 
loop_
_database_2.database_id 
_database_2.database_code 
_database_2.pdbx_database_accession 
_database_2.pdbx_DOI 
PDB   2ITK         pdb_00002itk 10.2210/pdb2itk/pdb 
RCSB  RCSB039997   ?            ?                   
WWPDB D_1000039997 ?            ?                   
# 
loop_
_pdbx_database_related.db_name 
_pdbx_database_related.db_id 
_pdbx_database_related.details 
_pdbx_database_related.content_type 
PDB 1PIN 'Pin1 peptidyl-prolyl cis-trans isomerase from Homo sapiens'                        unspecified 
PDB 1F8A 'Structural basis for the phosphoserine-proline recognition by group IV WW domains' unspecified 
PDB 2ITI 'Human Pin1 bound to L-PEPTIDE'                                                     unspecified 
# 
_pdbx_database_status.status_code                     REL 
_pdbx_database_status.entry_id                        2ITK 
_pdbx_database_status.recvd_initial_deposition_date   2006-10-19 
_pdbx_database_status.deposit_site                    RCSB 
_pdbx_database_status.process_site                    RCSB 
_pdbx_database_status.status_code_sf                  REL 
_pdbx_database_status.status_code_mr                  ? 
_pdbx_database_status.SG_entry                        ? 
_pdbx_database_status.status_code_cs                  ? 
_pdbx_database_status.pdb_format_compatible           Y 
_pdbx_database_status.status_code_nmr_data            ? 
_pdbx_database_status.methods_development_category    ? 
# 
loop_
_audit_author.name 
_audit_author.pdbx_ordinal 
'Noel, J.P.' 1 
'Zhang, Y.'  2 
# 
_citation.id                        primary 
_citation.title                     'Structural basis for high-affinity peptide inhibition of human Pin1.' 
_citation.journal_abbrev            'Acs Chem.Biol.' 
_citation.journal_volume            2 
_citation.page_first                320 
_citation.page_last                 328 
_citation.year                      2007 
_citation.journal_id_ASTM           ? 
_citation.country                   US 
_citation.journal_id_ISSN           1554-8929 
_citation.journal_id_CSD            ? 
_citation.book_publisher            ? 
_citation.pdbx_database_id_PubMed   17518432 
_citation.pdbx_database_id_DOI      10.1021/cb7000044 
# 
loop_
_citation_author.citation_id 
_citation_author.name 
_citation_author.ordinal 
_citation_author.identifier_ORCID 
primary 'Zhang, Y.'      1  ? 
primary 'Daum, S.'       2  ? 
primary 'Wildemann, D.'  3  ? 
primary 'Zhou, X.Z.'     4  ? 
primary 'Verdecia, M.A.' 5  ? 
primary 'Bowman, M.E.'   6  ? 
primary 'Lucke, C.'      7  ? 
primary 'Hunter, T.'     8  ? 
primary 'Lu, K.P.'       9  ? 
primary 'Fischer, G.'    10 ? 
primary 'Noel, J.P.'     11 ? 
# 
_cell.entry_id           2ITK 
_cell.length_a           68.727 
_cell.length_b           68.727 
_cell.length_c           79.957 
_cell.angle_alpha        90.00 
_cell.angle_beta         90.00 
_cell.angle_gamma        120.00 
_cell.Z_PDB              6 
_cell.pdbx_unique_axis   ? 
_cell.length_a_esd       ? 
_cell.length_b_esd       ? 
_cell.length_c_esd       ? 
_cell.angle_alpha_esd    ? 
_cell.angle_beta_esd     ? 
_cell.angle_gamma_esd    ? 
# 
_symmetry.entry_id                         2ITK 
_symmetry.space_group_name_H-M             'P 31 2 1' 
_symmetry.pdbx_full_space_group_name_H-M   ? 
_symmetry.cell_setting                     ? 
_symmetry.Int_Tables_number                152 
_symmetry.space_group_name_Hall            ? 
# 
loop_
_entity.id 
_entity.type 
_entity.src_method 
_entity.pdbx_description 
_entity.formula_weight 
_entity.pdbx_number_of_molecules 
_entity.pdbx_ec 
_entity.pdbx_mutation 
_entity.pdbx_fragment 
_entity.details 
1 polymer     man 'Peptidyl-prolyl cis-trans isomerase NIMA-interacting 1'                             18524.525 1   5.2.1.8 R14A 
? ? 
2 polymer     syn D-Peptide                                                                            806.822   1   ?       ?    
? ? 
3 non-polymer syn '2-{2-[2-(2-{2-[2-(2-ETHOXY-ETHOXY)-ETHOXY]-ETHOXY}-ETHOXY)-ETHOXY]-ETHOXY}-ETHANOL' 354.436   1   ?       ?    
? ? 
4 water       nat water                                                                                18.015    172 ?       ?    
? ? 
# 
_entity_name_com.entity_id   1 
_entity_name_com.name        'Rotamase Pin1, PPIase Pin1' 
# 
loop_
_entity_poly.entity_id 
_entity_poly.type 
_entity_poly.nstd_linkage 
_entity_poly.nstd_monomer 
_entity_poly.pdbx_seq_one_letter_code 
_entity_poly.pdbx_seq_one_letter_code_can 
_entity_poly.pdbx_strand_id 
_entity_poly.pdbx_target_identifier 
1 'polypeptide(L)' no no  
;GSHGMADEEKLPPGWEKAMSRSSGRVYYFNHITNASQWERPSGNSSSGGKNGQGEPARVRCSHLLVKHSQSRRPSSWRQE
KITRTKEEALELINGYIQKIKSGEEDFESLASQFSDCSSAKARGDLGAFSRGQMQKPFEDASFALRTGEMSGPVFTDSGI
HIILRTE
;
;GSHGMADEEKLPPGWEKAMSRSSGRVYYFNHITNASQWERPSGNSSSGGKNGQGEPARVRCSHLLVKHSQSRRPSSWRQE
KITRTKEEALELINGYIQKIKSGEEDFESLASQFSDCSSAKARGDLGAFSRGQMQKPFEDASFALRTGEMSGPVFTDSGI
HIILRTE
;
A ? 
2 'polypeptide(L)' no yes '(ACE)F(D11)(YCP)(NAL)Q(NH2)' XFTXAQX B ? 
# 
loop_
_entity_poly_seq.entity_id 
_entity_poly_seq.num 
_entity_poly_seq.mon_id 
_entity_poly_seq.hetero 
1 1   GLY n 
1 2   SER n 
1 3   HIS n 
1 4   GLY n 
1 5   MET n 
1 6   ALA n 
1 7   ASP n 
1 8   GLU n 
1 9   GLU n 
1 10  LYS n 
1 11  LEU n 
1 12  PRO n 
1 13  PRO n 
1 14  GLY n 
1 15  TRP n 
1 16  GLU n 
1 17  LYS n 
1 18  ALA n 
1 19  MET n 
1 20  SER n 
1 21  ARG n 
1 22  SER n 
1 23  SER n 
1 24  GLY n 
1 25  ARG n 
1 26  VAL n 
1 27  TYR n 
1 28  TYR n 
1 29  PHE n 
1 30  ASN n 
1 31  HIS n 
1 32  ILE n 
1 33  THR n 
1 34  ASN n 
1 35  ALA n 
1 36  SER n 
1 37  GLN n 
1 38  TRP n 
1 39  GLU n 
1 40  ARG n 
1 41  PRO n 
1 42  SER n 
1 43  GLY n 
1 44  ASN n 
1 45  SER n 
1 46  SER n 
1 47  SER n 
1 48  GLY n 
1 49  GLY n 
1 50  LYS n 
1 51  ASN n 
1 52  GLY n 
1 53  GLN n 
1 54  GLY n 
1 55  GLU n 
1 56  PRO n 
1 57  ALA n 
1 58  ARG n 
1 59  VAL n 
1 60  ARG n 
1 61  CYS n 
1 62  SER n 
1 63  HIS n 
1 64  LEU n 
1 65  LEU n 
1 66  VAL n 
1 67  LYS n 
1 68  HIS n 
1 69  SER n 
1 70  GLN n 
1 71  SER n 
1 72  ARG n 
1 73  ARG n 
1 74  PRO n 
1 75  SER n 
1 76  SER n 
1 77  TRP n 
1 78  ARG n 
1 79  GLN n 
1 80  GLU n 
1 81  LYS n 
1 82  ILE n 
1 83  THR n 
1 84  ARG n 
1 85  THR n 
1 86  LYS n 
1 87  GLU n 
1 88  GLU n 
1 89  ALA n 
1 90  LEU n 
1 91  GLU n 
1 92  LEU n 
1 93  ILE n 
1 94  ASN n 
1 95  GLY n 
1 96  TYR n 
1 97  ILE n 
1 98  GLN n 
1 99  LYS n 
1 100 ILE n 
1 101 LYS n 
1 102 SER n 
1 103 GLY n 
1 104 GLU n 
1 105 GLU n 
1 106 ASP n 
1 107 PHE n 
1 108 GLU n 
1 109 SER n 
1 110 LEU n 
1 111 ALA n 
1 112 SER n 
1 113 GLN n 
1 114 PHE n 
1 115 SER n 
1 116 ASP n 
1 117 CYS n 
1 118 SER n 
1 119 SER n 
1 120 ALA n 
1 121 LYS n 
1 122 ALA n 
1 123 ARG n 
1 124 GLY n 
1 125 ASP n 
1 126 LEU n 
1 127 GLY n 
1 128 ALA n 
1 129 PHE n 
1 130 SER n 
1 131 ARG n 
1 132 GLY n 
1 133 GLN n 
1 134 MET n 
1 135 GLN n 
1 136 LYS n 
1 137 PRO n 
1 138 PHE n 
1 139 GLU n 
1 140 ASP n 
1 141 ALA n 
1 142 SER n 
1 143 PHE n 
1 144 ALA n 
1 145 LEU n 
1 146 ARG n 
1 147 THR n 
1 148 GLY n 
1 149 GLU n 
1 150 MET n 
1 151 SER n 
1 152 GLY n 
1 153 PRO n 
1 154 VAL n 
1 155 PHE n 
1 156 THR n 
1 157 ASP n 
1 158 SER n 
1 159 GLY n 
1 160 ILE n 
1 161 HIS n 
1 162 ILE n 
1 163 ILE n 
1 164 LEU n 
1 165 ARG n 
1 166 THR n 
1 167 GLU n 
2 1   ACE n 
2 2   PHE n 
2 3   D11 n 
2 4   YCP n 
2 5   NAL n 
2 6   GLN n 
2 7   NH2 n 
# 
_entity_src_gen.entity_id                          1 
_entity_src_gen.pdbx_src_id                        1 
_entity_src_gen.pdbx_alt_source_flag               sample 
_entity_src_gen.pdbx_seq_type                      ? 
_entity_src_gen.pdbx_beg_seq_num                   ? 
_entity_src_gen.pdbx_end_seq_num                   ? 
_entity_src_gen.gene_src_common_name               human 
_entity_src_gen.gene_src_genus                     Homo 
_entity_src_gen.pdbx_gene_src_gene                 PIN1 
_entity_src_gen.gene_src_species                   ? 
_entity_src_gen.gene_src_strain                    Hela 
_entity_src_gen.gene_src_tissue                    ? 
_entity_src_gen.gene_src_tissue_fraction           ? 
_entity_src_gen.gene_src_details                   ? 
_entity_src_gen.pdbx_gene_src_fragment             ? 
_entity_src_gen.pdbx_gene_src_scientific_name      'Homo sapiens' 
_entity_src_gen.pdbx_gene_src_ncbi_taxonomy_id     9606 
_entity_src_gen.pdbx_gene_src_variant              ? 
_entity_src_gen.pdbx_gene_src_cell_line            ? 
_entity_src_gen.pdbx_gene_src_atcc                 ? 
_entity_src_gen.pdbx_gene_src_organ                ? 
_entity_src_gen.pdbx_gene_src_organelle            ? 
_entity_src_gen.pdbx_gene_src_cell                 ? 
_entity_src_gen.pdbx_gene_src_cellular_location    ? 
_entity_src_gen.host_org_common_name               ? 
_entity_src_gen.pdbx_host_org_scientific_name      'Escherichia coli BL21(DE3)' 
_entity_src_gen.pdbx_host_org_ncbi_taxonomy_id     469008 
_entity_src_gen.host_org_genus                     Escherichia 
_entity_src_gen.pdbx_host_org_gene                 ? 
_entity_src_gen.pdbx_host_org_organ                ? 
_entity_src_gen.host_org_species                   'Escherichia coli' 
_entity_src_gen.pdbx_host_org_tissue               ? 
_entity_src_gen.pdbx_host_org_tissue_fraction      ? 
_entity_src_gen.pdbx_host_org_strain               'BL21(DE3)' 
_entity_src_gen.pdbx_host_org_variant              ? 
_entity_src_gen.pdbx_host_org_cell_line            ? 
_entity_src_gen.pdbx_host_org_atcc                 ? 
_entity_src_gen.pdbx_host_org_culture_collection   ? 
_entity_src_gen.pdbx_host_org_cell                 ? 
_entity_src_gen.pdbx_host_org_organelle            ? 
_entity_src_gen.pdbx_host_org_cellular_location    ? 
_entity_src_gen.pdbx_host_org_vector_type          plasmid 
_entity_src_gen.pdbx_host_org_vector               ? 
_entity_src_gen.host_org_details                   ? 
_entity_src_gen.expression_system_id               ? 
_entity_src_gen.plasmid_name                       pet28 
_entity_src_gen.plasmid_details                    ? 
_entity_src_gen.pdbx_description                   ? 
# 
_pdbx_entity_src_syn.entity_id              2 
_pdbx_entity_src_syn.pdbx_src_id            1 
_pdbx_entity_src_syn.pdbx_alt_source_flag   sample 
_pdbx_entity_src_syn.pdbx_beg_seq_num       ? 
_pdbx_entity_src_syn.pdbx_end_seq_num       ? 
_pdbx_entity_src_syn.organism_scientific    ? 
_pdbx_entity_src_syn.organism_common_name   ? 
_pdbx_entity_src_syn.ncbi_taxonomy_id       ? 
_pdbx_entity_src_syn.details                'Synthetic peptide' 
# 
loop_
_struct_ref.id 
_struct_ref.db_name 
_struct_ref.db_code 
_struct_ref.pdbx_db_accession 
_struct_ref.entity_id 
_struct_ref.pdbx_seq_one_letter_code 
_struct_ref.pdbx_align_begin 
_struct_ref.pdbx_db_isoform 
1 UNP PIN1_HUMAN Q13526 1 
;MADEEKLPPGWEKRMSRSSGRVYYFNHITNASQWERPSGNSSSGGKNGQGEPARVRCSHLLVKHSQSRRPSSWRQEKITR
TKEEALELINGYIQKIKSGEEDFESLASQFSDCSSAKARGDLGAFSRGQMQKPFEDASFALRTGEMSGPVFTDSGIHIIL
RTE
;
1 ? 
2 PDB 2ITK       2ITK   2 ? ? ? 
# 
loop_
_struct_ref_seq.align_id 
_struct_ref_seq.ref_id 
_struct_ref_seq.pdbx_PDB_id_code 
_struct_ref_seq.pdbx_strand_id 
_struct_ref_seq.seq_align_beg 
_struct_ref_seq.pdbx_seq_align_beg_ins_code 
_struct_ref_seq.seq_align_end 
_struct_ref_seq.pdbx_seq_align_end_ins_code 
_struct_ref_seq.pdbx_db_accession 
_struct_ref_seq.db_align_beg 
_struct_ref_seq.pdbx_db_align_beg_ins_code 
_struct_ref_seq.db_align_end 
_struct_ref_seq.pdbx_db_align_end_ins_code 
_struct_ref_seq.pdbx_auth_seq_align_beg 
_struct_ref_seq.pdbx_auth_seq_align_end 
1 1 2ITK A 5 ? 167 ? Q13526 1   ? 163 ? 1   163 
2 2 2ITK B 1 ? 7   ? 2ITK   500 ? 506 ? 500 506 
# 
loop_
_struct_ref_seq_dif.align_id 
_struct_ref_seq_dif.pdbx_pdb_id_code 
_struct_ref_seq_dif.mon_id 
_struct_ref_seq_dif.pdbx_pdb_strand_id 
_struct_ref_seq_dif.seq_num 
_struct_ref_seq_dif.pdbx_pdb_ins_code 
_struct_ref_seq_dif.pdbx_seq_db_name 
_struct_ref_seq_dif.pdbx_seq_db_accession_code 
_struct_ref_seq_dif.db_mon_id 
_struct_ref_seq_dif.pdbx_seq_db_seq_num 
_struct_ref_seq_dif.details 
_struct_ref_seq_dif.pdbx_auth_seq_num 
_struct_ref_seq_dif.pdbx_ordinal 
1 2ITK GLY A 1  ? UNP Q13526 ?   ?  'cloning artifact'    -3 1 
1 2ITK SER A 2  ? UNP Q13526 ?   ?  'cloning artifact'    -2 2 
1 2ITK HIS A 3  ? UNP Q13526 ?   ?  'cloning artifact'    -1 3 
1 2ITK GLY A 4  ? UNP Q13526 ?   ?  'cloning artifact'    0  4 
1 2ITK ALA A 18 ? UNP Q13526 ARG 14 'engineered mutation' 14 5 
# 
loop_
_chem_comp.id 
_chem_comp.type 
_chem_comp.mon_nstd_flag 
_chem_comp.name 
_chem_comp.pdbx_synonyms 
_chem_comp.formula 
_chem_comp.formula_weight 
ACE non-polymer         . 'ACETYL GROUP'                                                                       ? 'C2 H4 O'        
44.053  
ALA 'L-peptide linking' y ALANINE                                                                              ? 'C3 H7 N O2'     
89.093  
ARG 'L-peptide linking' y ARGININE                                                                             ? 'C6 H15 N4 O2 1' 
175.209 
ASN 'L-peptide linking' y ASPARAGINE                                                                           ? 'C4 H8 N2 O3'    
132.118 
ASP 'L-peptide linking' y 'ASPARTIC ACID'                                                                      ? 'C4 H7 N O4'     
133.103 
CYS 'L-peptide linking' y CYSTEINE                                                                             ? 'C3 H7 N O2 S'   
121.158 
D11 'D-peptide linking' . D-PHOSPHOTHREONINE                                                                   
O-PHOSPHONO-D-THREONINE       'C4 H10 N O6 P'  199.099 
GLN 'L-peptide linking' y GLUTAMINE                                                                            ? 'C5 H10 N2 O3'   
146.144 
GLU 'L-peptide linking' y 'GLUTAMIC ACID'                                                                      ? 'C5 H9 N O4'     
147.129 
GLY 'peptide linking'   y GLYCINE                                                                              ? 'C2 H5 N O2'     
75.067  
HIS 'L-peptide linking' y HISTIDINE                                                                            ? 'C6 H10 N3 O2 1' 
156.162 
HOH non-polymer         . WATER                                                                                ? 'H2 O'           
18.015  
ILE 'L-peptide linking' y ISOLEUCINE                                                                           ? 'C6 H13 N O2'    
131.173 
LEU 'L-peptide linking' y LEUCINE                                                                              ? 'C6 H13 N O2'    
131.173 
LYS 'L-peptide linking' y LYSINE                                                                               ? 'C6 H15 N2 O2 1' 
147.195 
MET 'L-peptide linking' y METHIONINE                                                                           ? 'C5 H11 N O2 S'  
149.211 
NAL 'L-peptide linking' n 'BETA-(2-NAPHTHYL)-ALANINE'                                                          ? 'C13 H13 N O2'   
215.248 
NH2 non-polymer         . 'AMINO GROUP'                                                                        ? 'H2 N'           
16.023  
PE4 non-polymer         . '2-{2-[2-(2-{2-[2-(2-ETHOXY-ETHOXY)-ETHOXY]-ETHOXY}-ETHOXY)-ETHOXY]-ETHOXY}-ETHANOL' 
'POLYETHYLENE GLYCOL PEG4000' 'C16 H34 O8'     354.436 
PHE 'L-peptide linking' y PHENYLALANINE                                                                        ? 'C9 H11 N O2'    
165.189 
PRO 'L-peptide linking' y PROLINE                                                                              ? 'C5 H9 N O2'     
115.130 
SER 'L-peptide linking' y SERINE                                                                               ? 'C3 H7 N O3'     
105.093 
THR 'L-peptide linking' y THREONINE                                                                            ? 'C4 H9 N O3'     
119.119 
TRP 'L-peptide linking' y TRYPTOPHAN                                                                           ? 'C11 H12 N2 O2'  
204.225 
TYR 'L-peptide linking' y TYROSINE                                                                             ? 'C9 H11 N O3'    
181.189 
VAL 'L-peptide linking' y VALINE                                                                               ? 'C5 H11 N O2'    
117.146 
YCP 'L-peptide linking' . '(2S)-piperidine-2-carboxylic acid'                                                  ? 'C6 H11 N O2'    
129.157 
# 
_exptl.entry_id          2ITK 
_exptl.method            'X-RAY DIFFRACTION' 
_exptl.crystals_number   1 
# 
_exptl_crystal.id                    1 
_exptl_crystal.density_meas          ? 
_exptl_crystal.density_Matthews      2.82 
_exptl_crystal.density_percent_sol   56.37 
_exptl_crystal.description           ? 
_exptl_crystal.F_000                 ? 
_exptl_crystal.preparation           ? 
# 
_exptl_crystal_grow.crystal_id      1 
_exptl_crystal_grow.method          'VAPOR DIFFUSION, HANGING DROP' 
_exptl_crystal_grow.temp            ? 
_exptl_crystal_grow.temp_details    ? 
_exptl_crystal_grow.pH              7.5 
_exptl_crystal_grow.pdbx_details    '2M Ammonium Sulfate, 1% PEG400, 100mM HEPES, pH 7.5, VAPOR DIFFUSION, HANGING DROP' 
_exptl_crystal_grow.pdbx_pH_range   . 
# 
_diffrn.id                     1 
_diffrn.ambient_temp           100 
_diffrn.ambient_temp_details   ? 
_diffrn.crystal_id             1 
# 
_diffrn_detector.diffrn_id              1 
_diffrn_detector.detector               CCD 
_diffrn_detector.type                   'ADSC QUANTUM 315' 
_diffrn_detector.pdbx_collection_date   2005-03-24 
_diffrn_detector.details                mirrors 
# 
_diffrn_radiation.diffrn_id                        1 
_diffrn_radiation.wavelength_id                    1 
_diffrn_radiation.pdbx_monochromatic_or_laue_m_l   M 
_diffrn_radiation.monochromator                    graphite 
_diffrn_radiation.pdbx_diffrn_protocol             'SINGLE WAVELENGTH' 
_diffrn_radiation.pdbx_scattering_type             x-ray 
# 
_diffrn_radiation_wavelength.id           1 
_diffrn_radiation_wavelength.wavelength   1 
_diffrn_radiation_wavelength.wt           1.0 
# 
_diffrn_source.diffrn_id                   1 
_diffrn_source.source                      SYNCHROTRON 
_diffrn_source.type                        'ALS BEAMLINE 8.2.2' 
_diffrn_source.pdbx_synchrotron_site       ALS 
_diffrn_source.pdbx_synchrotron_beamline   8.2.2 
_diffrn_source.pdbx_wavelength             ? 
_diffrn_source.pdbx_wavelength_list        1 
# 
_reflns.entry_id                     2ITK 
_reflns.observed_criterion_sigma_F   -3 
_reflns.observed_criterion_sigma_I   ? 
_reflns.d_resolution_high            1.45 
_reflns.d_resolution_low             35 
_reflns.number_all                   39191 
_reflns.number_obs                   37494 
_reflns.percent_possible_obs         95.3 
_reflns.pdbx_Rmerge_I_obs            ? 
_reflns.pdbx_Rsym_value              0.046 
_reflns.pdbx_netI_over_sigmaI        41.2 
_reflns.B_iso_Wilson_estimate        ? 
_reflns.pdbx_redundancy              4.6 
_reflns.R_free_details               ? 
_reflns.limit_h_max                  ? 
_reflns.limit_h_min                  ? 
_reflns.limit_k_max                  ? 
_reflns.limit_k_min                  ? 
_reflns.limit_l_max                  ? 
_reflns.limit_l_min                  ? 
_reflns.observed_criterion_F_max     ? 
_reflns.observed_criterion_F_min     ? 
_reflns.pdbx_chi_squared             ? 
_reflns.pdbx_scaling_rejects         ? 
_reflns.pdbx_ordinal                 1 
_reflns.pdbx_diffrn_id               1 
# 
_reflns_shell.d_res_high             1.45 
_reflns_shell.d_res_low              1.49 
_reflns_shell.percent_possible_all   84.4 
_reflns_shell.Rmerge_I_obs           ? 
_reflns_shell.pdbx_Rsym_value        0.469 
_reflns_shell.meanI_over_sigI_obs    2.0 
_reflns_shell.pdbx_redundancy        3 
_reflns_shell.percent_possible_obs   ? 
_reflns_shell.number_unique_all      ? 
_reflns_shell.number_measured_all    ? 
_reflns_shell.number_measured_obs    ? 
_reflns_shell.number_unique_obs      ? 
_reflns_shell.pdbx_chi_squared       ? 
_reflns_shell.pdbx_ordinal           1 
_reflns_shell.pdbx_diffrn_id         1 
# 
_refine.entry_id                                 2ITK 
_refine.ls_number_reflns_obs                     35494 
_refine.ls_number_reflns_all                     ? 
_refine.pdbx_ls_sigma_I                          ? 
_refine.pdbx_ls_sigma_F                          ? 
_refine.pdbx_data_cutoff_high_absF               ? 
_refine.pdbx_data_cutoff_low_absF                ? 
_refine.pdbx_data_cutoff_high_rms_absF           ? 
_refine.ls_d_res_low                             33.19 
_refine.ls_d_res_high                            1.45 
_refine.ls_percent_reflns_obs                    95.33 
_refine.ls_R_factor_obs                          0.22304 
_refine.ls_R_factor_all                          ? 
_refine.ls_R_factor_R_work                       0.22239 
_refine.ls_R_factor_R_free                       0.23526 
_refine.ls_R_factor_R_free_error                 ? 
_refine.ls_R_factor_R_free_error_details         ? 
_refine.ls_percent_reflns_R_free                 5.0 
_refine.ls_number_reflns_R_free                  1870 
_refine.ls_number_parameters                     ? 
_refine.ls_number_restraints                     ? 
_refine.occupancy_min                            ? 
_refine.occupancy_max                            ? 
_refine.correlation_coeff_Fo_to_Fc               0.953 
_refine.correlation_coeff_Fo_to_Fc_free          0.950 
_refine.B_iso_mean                               23.329 
_refine.aniso_B[1][1]                            0.27 
_refine.aniso_B[2][2]                            0.27 
_refine.aniso_B[3][3]                            -0.40 
_refine.aniso_B[1][2]                            0.13 
_refine.aniso_B[1][3]                            0.00 
_refine.aniso_B[2][3]                            0.00 
_refine.solvent_model_details                    MASK 
_refine.solvent_model_param_ksol                 ? 
_refine.solvent_model_param_bsol                 ? 
_refine.pdbx_solvent_vdw_probe_radii             1.40 
_refine.pdbx_solvent_ion_probe_radii             0.80 
_refine.pdbx_solvent_shrinkage_radii             0.80 
_refine.pdbx_ls_cross_valid_method               THROUGHOUT 
_refine.details                                  'HYDROGENS HAVE BEEN ADDED IN THE RIDING POSITIONS' 
_refine.pdbx_starting_model                      'PDB ENTRY 1PIN' 
_refine.pdbx_method_to_determine_struct          'MOLECULAR REPLACEMENT' 
_refine.pdbx_isotropic_thermal_model             ? 
_refine.pdbx_stereochemistry_target_values       'MAXIMUM LIKELIHOOD' 
_refine.pdbx_stereochem_target_val_spec_case     ? 
_refine.pdbx_R_Free_selection_details            RANDOM 
_refine.pdbx_overall_ESU_R                       0.072 
_refine.pdbx_overall_ESU_R_Free                  0.070 
_refine.overall_SU_ML                            0.050 
_refine.overall_SU_B                             1.291 
_refine.ls_redundancy_reflns_obs                 ? 
_refine.B_iso_min                                ? 
_refine.B_iso_max                                ? 
_refine.overall_SU_R_Cruickshank_DPI             ? 
_refine.overall_SU_R_free                        ? 
_refine.ls_wR_factor_R_free                      ? 
_refine.ls_wR_factor_R_work                      ? 
_refine.overall_FOM_free_R_set                   ? 
_refine.overall_FOM_work_R_set                   ? 
_refine.pdbx_overall_phase_error                 ? 
_refine.pdbx_refine_id                           'X-RAY DIFFRACTION' 
_refine.pdbx_diffrn_id                           1 
_refine.pdbx_TLS_residual_ADP_flag               ? 
_refine.pdbx_overall_SU_R_free_Cruickshank_DPI   ? 
_refine.pdbx_overall_SU_R_Blow_DPI               ? 
_refine.pdbx_overall_SU_R_free_Blow_DPI          ? 
# 
_refine_hist.pdbx_refine_id                   'X-RAY DIFFRACTION' 
_refine_hist.cycle_id                         LAST 
_refine_hist.pdbx_number_atoms_protein        1204 
_refine_hist.pdbx_number_atoms_nucleic_acid   0 
_refine_hist.pdbx_number_atoms_ligand         24 
_refine_hist.number_atoms_solvent             172 
_refine_hist.number_atoms_total               1400 
_refine_hist.d_res_high                       1.45 
_refine_hist.d_res_low                        33.19 
# 
loop_
_refine_ls_restr.type 
_refine_ls_restr.dev_ideal 
_refine_ls_restr.dev_ideal_target 
_refine_ls_restr.weight 
_refine_ls_restr.number 
_refine_ls_restr.pdbx_refine_id 
_refine_ls_restr.pdbx_restraint_function 
r_bond_refined_d             0.010  0.021  ? 1254 'X-RAY DIFFRACTION' ? 
r_bond_other_d               ?      ?      ? ?    'X-RAY DIFFRACTION' ? 
r_angle_refined_deg          1.258  2.001  ? 1675 'X-RAY DIFFRACTION' ? 
r_angle_other_deg            ?      ?      ? ?    'X-RAY DIFFRACTION' ? 
r_dihedral_angle_1_deg       5.914  5.000  ? 143  'X-RAY DIFFRACTION' ? 
r_dihedral_angle_2_deg       33.785 22.586 ? 58   'X-RAY DIFFRACTION' ? 
r_dihedral_angle_3_deg       14.022 15.000 ? 211  'X-RAY DIFFRACTION' ? 
r_dihedral_angle_4_deg       17.293 15.000 ? 13   'X-RAY DIFFRACTION' ? 
r_chiral_restr               0.080  0.200  ? 169  'X-RAY DIFFRACTION' ? 
r_gen_planes_refined         0.005  0.020  ? 938  'X-RAY DIFFRACTION' ? 
r_gen_planes_other           ?      ?      ? ?    'X-RAY DIFFRACTION' ? 
r_nbd_refined                0.194  0.200  ? 562  'X-RAY DIFFRACTION' ? 
r_nbd_other                  ?      ?      ? ?    'X-RAY DIFFRACTION' ? 
r_nbtor_refined              0.303  0.200  ? 839  'X-RAY DIFFRACTION' ? 
r_nbtor_other                ?      ?      ? ?    'X-RAY DIFFRACTION' ? 
r_xyhbond_nbd_refined        0.125  0.200  ? 160  'X-RAY DIFFRACTION' ? 
r_xyhbond_nbd_other          ?      ?      ? ?    'X-RAY DIFFRACTION' ? 
r_metal_ion_refined          ?      ?      ? ?    'X-RAY DIFFRACTION' ? 
r_metal_ion_other            ?      ?      ? ?    'X-RAY DIFFRACTION' ? 
r_symmetry_vdw_refined       0.191  0.200  ? 41   'X-RAY DIFFRACTION' ? 
r_symmetry_vdw_other         ?      ?      ? ?    'X-RAY DIFFRACTION' ? 
r_symmetry_hbond_refined     0.140  0.200  ? 25   'X-RAY DIFFRACTION' ? 
r_symmetry_hbond_other       ?      ?      ? ?    'X-RAY DIFFRACTION' ? 
r_symmetry_metal_ion_refined ?      ?      ? ?    'X-RAY DIFFRACTION' ? 
r_symmetry_metal_ion_other   ?      ?      ? ?    'X-RAY DIFFRACTION' ? 
r_mcbond_it                  0.980  1.500  ? 746  'X-RAY DIFFRACTION' ? 
r_mcbond_other               ?      ?      ? ?    'X-RAY DIFFRACTION' ? 
r_mcangle_it                 1.543  2.000  ? 1165 'X-RAY DIFFRACTION' ? 
r_scbond_it                  2.126  3.000  ? 580  'X-RAY DIFFRACTION' ? 
r_scangle_it                 3.255  4.500  ? 510  'X-RAY DIFFRACTION' ? 
r_rigid_bond_restr           ?      ?      ? ?    'X-RAY DIFFRACTION' ? 
r_sphericity_free            ?      ?      ? ?    'X-RAY DIFFRACTION' ? 
r_sphericity_bonded          ?      ?      ? ?    'X-RAY DIFFRACTION' ? 
# 
_refine_ls_shell.pdbx_total_number_of_bins_used   20 
_refine_ls_shell.d_res_high                       1.450 
_refine_ls_shell.d_res_low                        1.488 
_refine_ls_shell.number_reflns_R_work             2310 
_refine_ls_shell.R_factor_R_work                  0.323 
_refine_ls_shell.percent_reflns_obs               84.44 
_refine_ls_shell.R_factor_R_free                  0.329 
_refine_ls_shell.R_factor_R_free_error            ? 
_refine_ls_shell.percent_reflns_R_free            ? 
_refine_ls_shell.number_reflns_R_free             116 
_refine_ls_shell.number_reflns_all                ? 
_refine_ls_shell.R_factor_all                     ? 
_refine_ls_shell.number_reflns_obs                ? 
_refine_ls_shell.redundancy_reflns_obs            ? 
_refine_ls_shell.pdbx_refine_id                   'X-RAY DIFFRACTION' 
# 
_struct.entry_id                  2ITK 
_struct.title                     'human Pin1 bound to D-PEPTIDE' 
_struct.pdbx_model_details        ? 
_struct.pdbx_CASP_flag            ? 
_struct.pdbx_model_type_details   ? 
# 
_struct_keywords.entry_id        2ITK 
_struct_keywords.pdbx_keywords   'ISOMERASE/ISOMERASE INHIBITOR' 
_struct_keywords.text            'Pin1, isomerase, WW domain, ISOMERASE-ISOMERASE INHIBITOR COMPLEX' 
# 
loop_
_struct_asym.id 
_struct_asym.pdbx_blank_PDB_chainid_flag 
_struct_asym.pdbx_modified 
_struct_asym.entity_id 
_struct_asym.details 
A N N 1 ? 
B N N 2 ? 
C N N 3 ? 
D N N 4 ? 
# 
_struct_biol.id        1 
_struct_biol.details   ? 
# 
loop_
_struct_conf.conf_type_id 
_struct_conf.id 
_struct_conf.pdbx_PDB_helix_id 
_struct_conf.beg_label_comp_id 
_struct_conf.beg_label_asym_id 
_struct_conf.beg_label_seq_id 
_struct_conf.pdbx_beg_PDB_ins_code 
_struct_conf.end_label_comp_id 
_struct_conf.end_label_asym_id 
_struct_conf.end_label_seq_id 
_struct_conf.pdbx_end_PDB_ins_code 
_struct_conf.beg_auth_comp_id 
_struct_conf.beg_auth_asym_id 
_struct_conf.beg_auth_seq_id 
_struct_conf.end_auth_comp_id 
_struct_conf.end_auth_asym_id 
_struct_conf.end_auth_seq_id 
_struct_conf.pdbx_PDB_helix_class 
_struct_conf.details 
_struct_conf.pdbx_PDB_helix_length 
HELX_P HELX_P1 1 THR A 85  ? SER A 102 ? THR A 81  SER A 98  1 ? 18 
HELX_P HELX_P2 2 ASP A 106 ? SER A 115 ? ASP A 102 SER A 111 1 ? 10 
HELX_P HELX_P3 3 CYS A 117 ? ARG A 123 ? CYS A 113 ARG A 119 5 ? 7  
HELX_P HELX_P4 4 GLN A 135 ? LEU A 145 ? GLN A 131 LEU A 141 1 ? 11 
# 
_struct_conf_type.id          HELX_P 
_struct_conf_type.criteria    ? 
_struct_conf_type.reference   ? 
# 
loop_
_struct_conn.id 
_struct_conn.conn_type_id 
_struct_conn.pdbx_leaving_atom_flag 
_struct_conn.pdbx_PDB_id 
_struct_conn.ptnr1_label_asym_id 
_struct_conn.ptnr1_label_comp_id 
_struct_conn.ptnr1_label_seq_id 
_struct_conn.ptnr1_label_atom_id 
_struct_conn.pdbx_ptnr1_label_alt_id 
_struct_conn.pdbx_ptnr1_PDB_ins_code 
_struct_conn.pdbx_ptnr1_standard_comp_id 
_struct_conn.ptnr1_symmetry 
_struct_conn.ptnr2_label_asym_id 
_struct_conn.ptnr2_label_comp_id 
_struct_conn.ptnr2_label_seq_id 
_struct_conn.ptnr2_label_atom_id 
_struct_conn.pdbx_ptnr2_label_alt_id 
_struct_conn.pdbx_ptnr2_PDB_ins_code 
_struct_conn.ptnr1_auth_asym_id 
_struct_conn.ptnr1_auth_comp_id 
_struct_conn.ptnr1_auth_seq_id 
_struct_conn.ptnr2_auth_asym_id 
_struct_conn.ptnr2_auth_comp_id 
_struct_conn.ptnr2_auth_seq_id 
_struct_conn.ptnr2_symmetry 
_struct_conn.pdbx_ptnr3_label_atom_id 
_struct_conn.pdbx_ptnr3_label_seq_id 
_struct_conn.pdbx_ptnr3_label_comp_id 
_struct_conn.pdbx_ptnr3_label_asym_id 
_struct_conn.pdbx_ptnr3_label_alt_id 
_struct_conn.pdbx_ptnr3_PDB_ins_code 
_struct_conn.details 
_struct_conn.pdbx_dist_value 
_struct_conn.pdbx_value_order 
_struct_conn.pdbx_role 
covale1 covale both ? B PHE 2 C ? ? ? 1_555 B D11 3 N ? ? B PHE 501 B D11 502 1_555 ? ? ? ? ? ? ? 1.316 ? ? 
covale2 covale both ? B YCP 4 C ? ? ? 1_555 B NAL 5 N ? ? B YCP 503 B NAL 504 1_555 ? ? ? ? ? ? ? 1.366 ? ? 
covale3 covale both ? B GLN 6 C ? ? ? 1_555 B NH2 7 N ? ? B GLN 505 B NH2 506 1_555 ? ? ? ? ? ? ? 1.351 ? ? 
# 
_struct_conn_type.id          covale 
_struct_conn_type.criteria    ? 
_struct_conn_type.reference   ? 
# 
loop_
_struct_sheet.id 
_struct_sheet.type 
_struct_sheet.number_strands 
_struct_sheet.details 
A ? 3 ? 
B ? 4 ? 
# 
loop_
_struct_sheet_order.sheet_id 
_struct_sheet_order.range_id_1 
_struct_sheet_order.range_id_2 
_struct_sheet_order.offset 
_struct_sheet_order.sense 
A 1 2 ? anti-parallel 
A 2 3 ? anti-parallel 
B 1 2 ? anti-parallel 
B 2 3 ? anti-parallel 
B 3 4 ? anti-parallel 
# 
loop_
_struct_sheet_range.sheet_id 
_struct_sheet_range.id 
_struct_sheet_range.beg_label_comp_id 
_struct_sheet_range.beg_label_asym_id 
_struct_sheet_range.beg_label_seq_id 
_struct_sheet_range.pdbx_beg_PDB_ins_code 
_struct_sheet_range.end_label_comp_id 
_struct_sheet_range.end_label_asym_id 
_struct_sheet_range.end_label_seq_id 
_struct_sheet_range.pdbx_end_PDB_ins_code 
_struct_sheet_range.beg_auth_comp_id 
_struct_sheet_range.beg_auth_asym_id 
_struct_sheet_range.beg_auth_seq_id 
_struct_sheet_range.end_auth_comp_id 
_struct_sheet_range.end_auth_asym_id 
_struct_sheet_range.end_auth_seq_id 
A 1 TRP A 15  ? MET A 19  ? TRP A 11  MET A 15  
A 2 VAL A 26  ? ASN A 30  ? VAL A 22  ASN A 26  
A 3 SER A 36  ? GLN A 37  ? SER A 32  GLN A 33  
B 1 ASP A 125 ? PHE A 129 ? ASP A 121 PHE A 125 
B 2 VAL A 59  ? VAL A 66  ? VAL A 55  VAL A 62  
B 3 GLY A 159 ? ARG A 165 ? GLY A 155 ARG A 161 
B 4 VAL A 154 ? THR A 156 ? VAL A 150 THR A 152 
# 
loop_
_pdbx_struct_sheet_hbond.sheet_id 
_pdbx_struct_sheet_hbond.range_id_1 
_pdbx_struct_sheet_hbond.range_id_2 
_pdbx_struct_sheet_hbond.range_1_label_atom_id 
_pdbx_struct_sheet_hbond.range_1_label_comp_id 
_pdbx_struct_sheet_hbond.range_1_label_asym_id 
_pdbx_struct_sheet_hbond.range_1_label_seq_id 
_pdbx_struct_sheet_hbond.range_1_PDB_ins_code 
_pdbx_struct_sheet_hbond.range_1_auth_atom_id 
_pdbx_struct_sheet_hbond.range_1_auth_comp_id 
_pdbx_struct_sheet_hbond.range_1_auth_asym_id 
_pdbx_struct_sheet_hbond.range_1_auth_seq_id 
_pdbx_struct_sheet_hbond.range_2_label_atom_id 
_pdbx_struct_sheet_hbond.range_2_label_comp_id 
_pdbx_struct_sheet_hbond.range_2_label_asym_id 
_pdbx_struct_sheet_hbond.range_2_label_seq_id 
_pdbx_struct_sheet_hbond.range_2_PDB_ins_code 
_pdbx_struct_sheet_hbond.range_2_auth_atom_id 
_pdbx_struct_sheet_hbond.range_2_auth_comp_id 
_pdbx_struct_sheet_hbond.range_2_auth_asym_id 
_pdbx_struct_sheet_hbond.range_2_auth_seq_id 
A 1 2 N ALA A 18  ? N ALA A 14  O TYR A 27  ? O TYR A 23  
A 2 3 N TYR A 28  ? N TYR A 24  O GLN A 37  ? O GLN A 33  
B 1 2 O PHE A 129 ? O PHE A 125 N VAL A 59  ? N VAL A 55  
B 2 3 N SER A 62  ? N SER A 58  O LEU A 164 ? O LEU A 160 
B 3 4 O HIS A 161 ? O HIS A 157 N VAL A 154 ? N VAL A 150 
# 
loop_
_struct_site.id 
_struct_site.pdbx_evidence_code 
_struct_site.pdbx_auth_asym_id 
_struct_site.pdbx_auth_comp_id 
_struct_site.pdbx_auth_seq_id 
_struct_site.pdbx_auth_ins_code 
_struct_site.pdbx_num_residues 
_struct_site.details 
AC1 Software A PE4 300 ? 15 'BINDING SITE FOR RESIDUE PE4 A 300'    
AC2 Software ? ?   ?   ? 17 'BINDING SITE FOR CHAIN B OF D-PEPTIDE' 
# 
loop_
_struct_site_gen.id 
_struct_site_gen.site_id 
_struct_site_gen.pdbx_num_res 
_struct_site_gen.label_comp_id 
_struct_site_gen.label_asym_id 
_struct_site_gen.label_seq_id 
_struct_site_gen.pdbx_auth_ins_code 
_struct_site_gen.auth_comp_id 
_struct_site_gen.auth_asym_id 
_struct_site_gen.auth_seq_id 
_struct_site_gen.label_atom_id 
_struct_site_gen.label_alt_id 
_struct_site_gen.symmetry 
_struct_site_gen.details 
1  AC1 15 TYR A 27  ? TYR A 23  . ? 1_555 ? 
2  AC1 15 ALA A 35  ? ALA A 31  . ? 1_555 ? 
3  AC1 15 SER A 36  ? SER A 32  . ? 1_555 ? 
4  AC1 15 GLN A 37  ? GLN A 33  . ? 1_555 ? 
5  AC1 15 TRP A 38  ? TRP A 34  . ? 1_555 ? 
6  AC1 15 ILE A 97  ? ILE A 93  . ? 1_555 ? 
7  AC1 15 LYS A 101 ? LYS A 97  . ? 5_555 ? 
8  AC1 15 LYS A 101 ? LYS A 97  . ? 1_555 ? 
9  AC1 15 SER A 102 ? SER A 98  . ? 5_555 ? 
10 AC1 15 MET A 150 ? MET A 146 . ? 1_555 ? 
11 AC1 15 SER A 151 ? SER A 147 . ? 1_555 ? 
12 AC1 15 GLY A 152 ? GLY A 148 . ? 1_555 ? 
13 AC1 15 HOH D .   ? HOH A 323 . ? 1_555 ? 
14 AC1 15 HOH D .   ? HOH A 368 . ? 1_555 ? 
15 AC1 15 HOH D .   ? HOH A 430 . ? 1_555 ? 
16 AC2 17 HIS A 63  ? HIS A 59  . ? 1_555 ? 
17 AC2 17 LEU A 65  ? LEU A 61  . ? 1_555 ? 
18 AC2 17 LYS A 67  ? LYS A 63  . ? 1_555 ? 
19 AC2 17 ARG A 73  ? ARG A 69  . ? 1_555 ? 
20 AC2 17 LEU A 126 ? LEU A 122 . ? 1_555 ? 
21 AC2 17 PHE A 129 ? PHE A 125 . ? 1_555 ? 
22 AC2 17 GLN A 133 ? GLN A 129 . ? 1_555 ? 
23 AC2 17 MET A 134 ? MET A 130 . ? 1_555 ? 
24 AC2 17 GLN A 135 ? GLN A 131 . ? 1_555 ? 
25 AC2 17 SER A 158 ? SER A 154 . ? 1_555 ? 
26 AC2 17 HOH D .   ? HOH A 465 . ? 4_656 ? 
27 AC2 17 HOH D .   ? HOH A 901 . ? 1_555 ? 
28 AC2 17 HOH D .   ? HOH A 902 . ? 1_555 ? 
29 AC2 17 HOH D .   ? HOH A 903 . ? 1_555 ? 
30 AC2 17 HOH D .   ? HOH A 904 . ? 1_555 ? 
31 AC2 17 HOH D .   ? HOH A 905 . ? 1_555 ? 
32 AC2 17 HOH D .   ? HOH A 906 . ? 1_555 ? 
# 
_atom_sites.entry_id                    2ITK 
_atom_sites.fract_transf_matrix[1][1]   -0.01282698 
_atom_sites.fract_transf_matrix[1][2]   0.00510366 
_atom_sites.fract_transf_matrix[1][3]   -0.00957604 
_atom_sites.fract_transf_matrix[2][1]   0.00007767 
_atom_sites.fract_transf_matrix[2][2]   -0.00312316 
_atom_sites.fract_transf_matrix[2][3]   -0.01650798 
_atom_sites.fract_transf_matrix[3][1]   -0.00584068 
_atom_sites.fract_transf_matrix[3][2]   -0.01087167 
_atom_sites.fract_transf_matrix[3][3]   0.00202934 
_atom_sites.fract_transf_vector[1]      0.635930 
_atom_sites.fract_transf_vector[2]      0.249268 
_atom_sites.fract_transf_vector[3]      0.351207 
# 
loop_
_atom_type.symbol 
C 
N 
O 
P 
S 
# 
loop_
_atom_site.group_PDB 
_atom_site.id 
_atom_site.type_symbol 
_atom_site.label_atom_id 
_atom_site.label_alt_id 
_atom_site.label_comp_id 
_atom_site.label_asym_id 
_atom_site.label_entity_id 
_atom_site.label_seq_id 
_atom_site.pdbx_PDB_ins_code 
_atom_site.Cartn_x 
_atom_site.Cartn_y 
_atom_site.Cartn_z 
_atom_site.occupancy 
_atom_site.B_iso_or_equiv 
_atom_site.pdbx_formal_charge 
_atom_site.auth_seq_id 
_atom_site.auth_comp_id 
_atom_site.auth_asym_id 
_atom_site.auth_atom_id 
_atom_site.pdbx_PDB_model_num 
ATOM   1    N N   . LEU A 1 11  ? -19.532 2.876   10.614  1.00 33.19 ? 7   LEU A N   1 
ATOM   2    C CA  . LEU A 1 11  ? -18.096 3.103   10.264  1.00 32.79 ? 7   LEU A CA  1 
ATOM   3    C C   . LEU A 1 11  ? -17.950 3.405   8.765   1.00 32.41 ? 7   LEU A C   1 
ATOM   4    O O   . LEU A 1 11  ? -18.791 2.977   7.971   1.00 32.48 ? 7   LEU A O   1 
ATOM   5    C CB  . LEU A 1 11  ? -17.269 1.867   10.638  1.00 33.10 ? 7   LEU A CB  1 
ATOM   6    C CG  . LEU A 1 11  ? -17.198 1.417   12.106  1.00 33.23 ? 7   LEU A CG  1 
ATOM   7    C CD1 . LEU A 1 11  ? -16.736 -0.032  12.208  1.00 33.60 ? 7   LEU A CD1 1 
ATOM   8    C CD2 . LEU A 1 11  ? -16.292 2.326   12.931  1.00 33.64 ? 7   LEU A CD2 1 
ATOM   9    N N   . PRO A 1 12  ? -16.877 4.128   8.372   1.00 31.50 ? 8   PRO A N   1 
ATOM   10   C CA  . PRO A 1 12  ? -16.609 4.422   6.951   1.00 30.95 ? 8   PRO A CA  1 
ATOM   11   C C   . PRO A 1 12  ? -16.438 3.163   6.072   1.00 30.05 ? 8   PRO A C   1 
ATOM   12   O O   . PRO A 1 12  ? -16.212 2.062   6.611   1.00 29.95 ? 8   PRO A O   1 
ATOM   13   C CB  . PRO A 1 12  ? -15.296 5.210   6.994   1.00 31.12 ? 8   PRO A CB  1 
ATOM   14   C CG  . PRO A 1 12  ? -15.206 5.749   8.380   1.00 31.51 ? 8   PRO A CG  1 
ATOM   15   C CD  . PRO A 1 12  ? -15.855 4.725   9.254   1.00 31.85 ? 8   PRO A CD  1 
ATOM   16   N N   . PRO A 1 13  ? -16.550 3.316   4.730   1.00 29.17 ? 9   PRO A N   1 
ATOM   17   C CA  . PRO A 1 13  ? -16.457 2.181   3.801   1.00 28.13 ? 9   PRO A CA  1 
ATOM   18   C C   . PRO A 1 13  ? -15.260 1.249   4.023   1.00 26.99 ? 9   PRO A C   1 
ATOM   19   O O   . PRO A 1 13  ? -14.101 1.689   3.993   1.00 26.32 ? 9   PRO A O   1 
ATOM   20   C CB  . PRO A 1 13  ? -16.351 2.870   2.428   1.00 28.16 ? 9   PRO A CB  1 
ATOM   21   C CG  . PRO A 1 13  ? -17.160 4.100   2.604   1.00 29.21 ? 9   PRO A CG  1 
ATOM   22   C CD  . PRO A 1 13  ? -16.814 4.575   3.999   1.00 28.74 ? 9   PRO A CD  1 
ATOM   23   N N   . GLY A 1 14  ? -15.562 -0.029  4.236   1.00 26.09 ? 10  GLY A N   1 
ATOM   24   C CA  . GLY A 1 14  ? -14.549 -1.057  4.381   1.00 24.15 ? 10  GLY A CA  1 
ATOM   25   C C   . GLY A 1 14  ? -14.191 -1.404  5.814   1.00 22.94 ? 10  GLY A C   1 
ATOM   26   O O   . GLY A 1 14  ? -13.579 -2.421  6.047   1.00 21.39 ? 10  GLY A O   1 
ATOM   27   N N   . TRP A 1 15  ? -14.568 -0.547  6.758   1.00 23.36 ? 11  TRP A N   1 
ATOM   28   C CA  . TRP A 1 15  ? -14.131 -0.694  8.159   1.00 23.79 ? 11  TRP A CA  1 
ATOM   29   C C   . TRP A 1 15  ? -15.009 -1.670  8.949   1.00 24.57 ? 11  TRP A C   1 
ATOM   30   O O   . TRP A 1 15  ? -16.241 -1.640  8.845   1.00 26.18 ? 11  TRP A O   1 
ATOM   31   C CB  . TRP A 1 15  ? -14.058 0.670   8.868   1.00 22.70 ? 11  TRP A CB  1 
ATOM   32   C CG  . TRP A 1 15  ? -12.903 1.530   8.450   1.00 22.79 ? 11  TRP A CG  1 
ATOM   33   C CD1 . TRP A 1 15  ? -12.937 2.577   7.577   1.00 20.50 ? 11  TRP A CD1 1 
ATOM   34   C CD2 . TRP A 1 15  ? -11.542 1.421   8.886   1.00 22.79 ? 11  TRP A CD2 1 
ATOM   35   N NE1 . TRP A 1 15  ? -11.678 3.126   7.426   1.00 22.77 ? 11  TRP A NE1 1 
ATOM   36   C CE2 . TRP A 1 15  ? -10.807 2.446   8.238   1.00 21.53 ? 11  TRP A CE2 1 
ATOM   37   C CE3 . TRP A 1 15  ? -10.872 0.563   9.777   1.00 21.55 ? 11  TRP A CE3 1 
ATOM   38   C CZ2 . TRP A 1 15  ? -9.434  2.622   8.430   1.00 21.61 ? 11  TRP A CZ2 1 
ATOM   39   C CZ3 . TRP A 1 15  ? -9.518  0.750   9.976   1.00 21.09 ? 11  TRP A CZ3 1 
ATOM   40   C CH2 . TRP A 1 15  ? -8.809  1.766   9.303   1.00 20.79 ? 11  TRP A CH2 1 
ATOM   41   N N   . GLU A 1 16  ? -14.362 -2.529  9.746   1.00 25.76 ? 12  GLU A N   1 
ATOM   42   C CA  . GLU A 1 16  ? -15.037 -3.503  10.617  1.00 26.91 ? 12  GLU A CA  1 
ATOM   43   C C   . GLU A 1 16  ? -14.349 -3.571  11.991  1.00 26.63 ? 12  GLU A C   1 
ATOM   44   O O   . GLU A 1 16  ? -13.156 -3.296  12.112  1.00 25.38 ? 12  GLU A O   1 
ATOM   45   C CB  . GLU A 1 16  ? -15.052 -4.911  9.983   1.00 27.06 ? 12  GLU A CB  1 
ATOM   46   C CG  . GLU A 1 16  ? -13.843 -5.815  10.338  1.00 30.08 ? 12  GLU A CG  1 
ATOM   47   C CD  . GLU A 1 16  ? -13.824 -7.160  9.607   1.00 30.06 ? 12  GLU A CD  1 
ATOM   48   O OE1 . GLU A 1 16  ? -13.774 -7.177  8.356   1.00 33.25 ? 12  GLU A OE1 1 
ATOM   49   O OE2 . GLU A 1 16  ? -13.827 -8.211  10.291  1.00 34.64 ? 12  GLU A OE2 1 
ATOM   50   N N   . LYS A 1 17  ? -15.108 -3.962  13.010  1.00 26.81 ? 13  LYS A N   1 
ATOM   51   C CA  . LYS A 1 17  ? -14.568 -4.140  14.360  1.00 27.69 ? 13  LYS A CA  1 
ATOM   52   C C   . LYS A 1 17  ? -13.995 -5.544  14.516  1.00 26.71 ? 13  LYS A C   1 
ATOM   53   O O   . LYS A 1 17  ? -14.576 -6.527  14.033  1.00 27.33 ? 13  LYS A O   1 
ATOM   54   C CB  . LYS A 1 17  ? -15.656 -3.866  15.403  1.00 27.79 ? 13  LYS A CB  1 
ATOM   55   C CG  . LYS A 1 17  ? -15.135 -3.551  16.796  1.00 30.25 ? 13  LYS A CG  1 
ATOM   56   C CD  . LYS A 1 17  ? -16.287 -3.342  17.791  1.00 30.46 ? 13  LYS A CD  1 
ATOM   57   C CE  . LYS A 1 17  ? -16.941 -1.965  17.623  1.00 34.36 ? 13  LYS A CE  1 
ATOM   58   N NZ  . LYS A 1 17  ? -17.955 -1.684  18.689  1.00 37.00 ? 13  LYS A NZ  1 
ATOM   59   N N   . ALA A 1 18  ? -12.846 -5.639  15.177  1.00 25.38 ? 14  ALA A N   1 
ATOM   60   C CA  . ALA A 1 18  ? -12.180 -6.913  15.372  1.00 25.19 ? 14  ALA A CA  1 
ATOM   61   C C   . ALA A 1 18  ? -11.622 -7.018  16.792  1.00 24.86 ? 14  ALA A C   1 
ATOM   62   O O   . ALA A 1 18  ? -11.716 -6.069  17.594  1.00 24.05 ? 14  ALA A O   1 
ATOM   63   C CB  . ALA A 1 18  ? -11.085 -7.105  14.339  1.00 25.23 ? 14  ALA A CB  1 
ATOM   64   N N   . MET A 1 19  ? -11.034 -8.173  17.077  1.00 25.68 ? 15  MET A N   1 
ATOM   65   C CA  . MET A 1 19  ? -10.601 -8.522  18.418  1.00 26.24 ? 15  MET A CA  1 
ATOM   66   C C   . MET A 1 19  ? -9.124  -8.893  18.409  1.00 25.96 ? 15  MET A C   1 
ATOM   67   O O   . MET A 1 19  ? -8.738  -9.837  17.725  1.00 25.49 ? 15  MET A O   1 
ATOM   68   C CB  . MET A 1 19  ? -11.450 -9.708  18.904  1.00 26.99 ? 15  MET A CB  1 
ATOM   69   C CG  . MET A 1 19  ? -11.035 -10.301 20.231  1.00 29.68 ? 15  MET A CG  1 
ATOM   70   S SD  . MET A 1 19  ? -10.729 -9.002  21.439  1.00 33.65 ? 15  MET A SD  1 
ATOM   71   C CE  . MET A 1 19  ? -12.394 -8.417  21.767  1.00 31.70 ? 15  MET A CE  1 
ATOM   72   N N   . SER A 1 20  ? -8.290  -8.164  19.158  1.00 25.97 ? 16  SER A N   1 
ATOM   73   C CA  . SER A 1 20  ? -6.861  -8.499  19.196  1.00 26.41 ? 16  SER A CA  1 
ATOM   74   C C   . SER A 1 20  ? -6.634  -9.872  19.816  1.00 27.05 ? 16  SER A C   1 
ATOM   75   O O   . SER A 1 20  ? -7.101  -10.133 20.928  1.00 26.92 ? 16  SER A O   1 
ATOM   76   C CB  . SER A 1 20  ? -6.040  -7.458  19.963  1.00 26.05 ? 16  SER A CB  1 
ATOM   77   O OG  . SER A 1 20  ? -4.696  -7.900  20.148  1.00 27.41 ? 16  SER A OG  1 
ATOM   78   N N   . ARG A 1 21  ? -5.933  -10.742 19.095  1.00 28.15 ? 17  ARG A N   1 
ATOM   79   C CA  . ARG A 1 21  ? -5.633  -12.081 19.613  1.00 29.73 ? 17  ARG A CA  1 
ATOM   80   C C   . ARG A 1 21  ? -4.590  -12.089 20.728  1.00 29.77 ? 17  ARG A C   1 
ATOM   81   O O   . ARG A 1 21  ? -4.627  -12.944 21.618  1.00 29.33 ? 17  ARG A O   1 
ATOM   82   C CB  . ARG A 1 21  ? -5.246  -13.047 18.485  1.00 30.21 ? 17  ARG A CB  1 
ATOM   83   C CG  . ARG A 1 21  ? -6.433  -13.866 17.990  1.00 31.23 ? 17  ARG A CG  1 
ATOM   84   C CD  . ARG A 1 21  ? -6.101  -14.718 16.771  1.00 32.65 ? 17  ARG A CD  1 
ATOM   85   N NE  . ARG A 1 21  ? -7.317  -15.216 16.117  1.00 36.20 ? 17  ARG A NE  1 
ATOM   86   C CZ  . ARG A 1 21  ? -8.193  -14.448 15.469  1.00 38.37 ? 17  ARG A CZ  1 
ATOM   87   N NH1 . ARG A 1 21  ? -8.018  -13.130 15.371  1.00 41.32 ? 17  ARG A NH1 1 
ATOM   88   N NH2 . ARG A 1 21  ? -9.256  -14.989 14.914  1.00 40.11 ? 17  ARG A NH2 1 
ATOM   89   N N   . SER A 1 22  ? -3.662  -11.141 20.695  1.00 29.52 ? 18  SER A N   1 
ATOM   90   C CA  . SER A 1 22  ? -2.613  -11.123 21.717  1.00 29.58 ? 18  SER A CA  1 
ATOM   91   C C   . SER A 1 22  ? -3.007  -10.318 22.960  1.00 29.28 ? 18  SER A C   1 
ATOM   92   O O   . SER A 1 22  ? -2.549  -10.625 24.068  1.00 29.44 ? 18  SER A O   1 
ATOM   93   C CB  . SER A 1 22  ? -1.270  -10.662 21.136  1.00 29.62 ? 18  SER A CB  1 
ATOM   94   O OG  . SER A 1 22  ? -1.379  -9.360  20.590  1.00 30.63 ? 18  SER A OG  1 
ATOM   95   N N   . SER A 1 23  ? -3.881  -9.328  22.793  1.00 28.70 ? 19  SER A N   1 
ATOM   96   C CA  . SER A 1 23  ? -4.238  -8.428  23.894  1.00 28.40 ? 19  SER A CA  1 
ATOM   97   C C   . SER A 1 23  ? -5.705  -8.413  24.339  1.00 27.69 ? 19  SER A C   1 
ATOM   98   O O   . SER A 1 23  ? -6.003  -7.970  25.443  1.00 28.40 ? 19  SER A O   1 
ATOM   99   C CB  . SER A 1 23  ? -3.779  -7.001  23.579  1.00 28.69 ? 19  SER A CB  1 
ATOM   100  O OG  . SER A 1 23  ? -4.724  -6.325  22.766  1.00 29.09 ? 19  SER A OG  1 
ATOM   101  N N   . GLY A 1 24  ? -6.624  -8.869  23.487  1.00 26.55 ? 20  GLY A N   1 
ATOM   102  C CA  . GLY A 1 24  ? -8.047  -8.847  23.816  1.00 25.89 ? 20  GLY A CA  1 
ATOM   103  C C   . GLY A 1 24  ? -8.755  -7.504  23.633  1.00 25.09 ? 20  GLY A C   1 
ATOM   104  O O   . GLY A 1 24  ? -9.955  -7.386  23.853  1.00 26.50 ? 20  GLY A O   1 
ATOM   105  N N   . ARG A 1 25  ? -8.020  -6.484  23.214  1.00 24.73 ? 21  ARG A N   1 
ATOM   106  C CA  . ARG A 1 25  ? -8.622  -5.182  23.007  1.00 23.72 ? 21  ARG A CA  1 
ATOM   107  C C   . ARG A 1 25  ? -9.265  -5.100  21.610  1.00 22.47 ? 21  ARG A C   1 
ATOM   108  O O   . ARG A 1 25  ? -8.758  -5.697  20.653  1.00 22.99 ? 21  ARG A O   1 
ATOM   109  C CB  . ARG A 1 25  ? -7.557  -4.100  23.185  1.00 24.43 ? 21  ARG A CB  1 
ATOM   110  C CG  . ARG A 1 25  ? -8.093  -2.678  23.246  1.00 25.40 ? 21  ARG A CG  1 
ATOM   111  C CD  . ARG A 1 25  ? -7.178  -1.749  24.049  1.00 26.79 ? 21  ARG A CD  1 
ATOM   112  N NE  . ARG A 1 25  ? -5.799  -2.206  24.027  1.00 28.02 ? 21  ARG A NE  1 
ATOM   113  C CZ  . ARG A 1 25  ? -4.822  -1.691  23.289  1.00 26.33 ? 21  ARG A CZ  1 
ATOM   114  N NH1 . ARG A 1 25  ? -5.010  -0.631  22.489  1.00 25.94 ? 21  ARG A NH1 1 
ATOM   115  N NH2 . ARG A 1 25  ? -3.618  -2.230  23.404  1.00 28.22 ? 21  ARG A NH2 1 
ATOM   116  N N   . VAL A 1 26  ? -10.363 -4.359  21.515  1.00 21.90 ? 22  VAL A N   1 
ATOM   117  C CA  . VAL A 1 26  ? -11.050 -4.135  20.234  1.00 21.63 ? 22  VAL A CA  1 
ATOM   118  C C   . VAL A 1 26  ? -10.173 -3.286  19.309  1.00 20.41 ? 22  VAL A C   1 
ATOM   119  O O   . VAL A 1 26  ? -9.456  -2.389  19.766  1.00 19.50 ? 22  VAL A O   1 
ATOM   120  C CB  . VAL A 1 26  ? -12.458 -3.513  20.413  1.00 22.58 ? 22  VAL A CB  1 
ATOM   121  C CG1 . VAL A 1 26  ? -13.326 -4.398  21.336  1.00 23.94 ? 22  VAL A CG1 1 
ATOM   122  C CG2 . VAL A 1 26  ? -12.380 -2.084  20.932  1.00 24.46 ? 22  VAL A CG2 1 
ATOM   123  N N   . TYR A 1 27  ? -10.192 -3.606  18.018  1.00 18.98 ? 23  TYR A N   1 
ATOM   124  C CA  . TYR A 1 27  ? -9.561  -2.733  17.038  1.00 18.30 ? 23  TYR A CA  1 
ATOM   125  C C   . TYR A 1 27  ? -10.397 -2.678  15.773  1.00 18.39 ? 23  TYR A C   1 
ATOM   126  O O   . TYR A 1 27  ? -11.452 -3.297  15.698  1.00 18.39 ? 23  TYR A O   1 
ATOM   127  C CB  . TYR A 1 27  ? -8.138  -3.185  16.748  1.00 18.07 ? 23  TYR A CB  1 
ATOM   128  C CG  . TYR A 1 27  ? -7.971  -4.461  15.940  1.00 18.72 ? 23  TYR A CG  1 
ATOM   129  C CD1 . TYR A 1 27  ? -8.014  -5.712  16.549  1.00 19.67 ? 23  TYR A CD1 1 
ATOM   130  C CD2 . TYR A 1 27  ? -7.730  -4.416  14.555  1.00 17.98 ? 23  TYR A CD2 1 
ATOM   131  C CE1 . TYR A 1 27  ? -7.824  -6.885  15.811  1.00 20.67 ? 23  TYR A CE1 1 
ATOM   132  C CE2 . TYR A 1 27  ? -7.553  -5.583  13.804  1.00 19.01 ? 23  TYR A CE2 1 
ATOM   133  C CZ  . TYR A 1 27  ? -7.597  -6.820  14.439  1.00 20.25 ? 23  TYR A CZ  1 
ATOM   134  O OH  . TYR A 1 27  ? -7.419  -7.991  13.714  1.00 21.06 ? 23  TYR A OH  1 
ATOM   135  N N   . TYR A 1 28  ? -9.913  -1.912  14.796  1.00 17.34 ? 24  TYR A N   1 
ATOM   136  C CA  . TYR A 1 28  ? -10.644 -1.690  13.552  1.00 18.11 ? 24  TYR A CA  1 
ATOM   137  C C   . TYR A 1 28  ? -9.779  -2.113  12.381  1.00 17.10 ? 24  TYR A C   1 
ATOM   138  O O   . TYR A 1 28  ? -8.596  -1.827  12.344  1.00 16.57 ? 24  TYR A O   1 
ATOM   139  C CB  . TYR A 1 28  ? -11.061 -0.225  13.466  1.00 19.92 ? 24  TYR A CB  1 
ATOM   140  C CG  . TYR A 1 28  ? -11.942 0.144   14.631  1.00 22.70 ? 24  TYR A CG  1 
ATOM   141  C CD1 . TYR A 1 28  ? -13.318 -0.037  14.562  1.00 24.37 ? 24  TYR A CD1 1 
ATOM   142  C CD2 . TYR A 1 28  ? -11.388 0.606   15.832  1.00 24.08 ? 24  TYR A CD2 1 
ATOM   143  C CE1 . TYR A 1 28  ? -14.149 0.268   15.644  1.00 26.38 ? 24  TYR A CE1 1 
ATOM   144  C CE2 . TYR A 1 28  ? -12.209 0.901   16.936  1.00 24.76 ? 24  TYR A CE2 1 
ATOM   145  C CZ  . TYR A 1 28  ? -13.587 0.738   16.822  1.00 26.70 ? 24  TYR A CZ  1 
ATOM   146  O OH  . TYR A 1 28  ? -14.417 1.032   17.884  1.00 27.35 ? 24  TYR A OH  1 
ATOM   147  N N   . PHE A 1 29  ? -10.407 -2.829  11.455  1.00 17.32 ? 25  PHE A N   1 
ATOM   148  C CA  . PHE A 1 29  ? -9.752  -3.357  10.260  1.00 18.10 ? 25  PHE A CA  1 
ATOM   149  C C   . PHE A 1 29  ? -10.565 -2.941  9.047   1.00 17.78 ? 25  PHE A C   1 
ATOM   150  O O   . PHE A 1 29  ? -11.790 -2.939  9.096   1.00 18.73 ? 25  PHE A O   1 
ATOM   151  C CB  . PHE A 1 29  ? -9.691  -4.891  10.335  1.00 18.87 ? 25  PHE A CB  1 
ATOM   152  C CG  . PHE A 1 29  ? -9.247  -5.545  9.069   1.00 20.48 ? 25  PHE A CG  1 
ATOM   153  C CD1 . PHE A 1 29  ? -7.949  -5.354  8.591   1.00 18.80 ? 25  PHE A CD1 1 
ATOM   154  C CD2 . PHE A 1 29  ? -10.127 -6.345  8.340   1.00 20.62 ? 25  PHE A CD2 1 
ATOM   155  C CE1 . PHE A 1 29  ? -7.525  -5.959  7.397   1.00 21.48 ? 25  PHE A CE1 1 
ATOM   156  C CE2 . PHE A 1 29  ? -9.705  -6.961  7.147   1.00 22.55 ? 25  PHE A CE2 1 
ATOM   157  C CZ  . PHE A 1 29  ? -8.406  -6.751  6.686   1.00 21.37 ? 25  PHE A CZ  1 
ATOM   158  N N   . ASN A 1 30  ? -9.868  -2.600  7.970   1.00 16.22 ? 26  ASN A N   1 
ATOM   159  C CA  . ASN A 1 30  ? -10.524 -2.241  6.719   1.00 15.83 ? 26  ASN A CA  1 
ATOM   160  C C   . ASN A 1 30  ? -10.225 -3.290  5.675   1.00 14.92 ? 26  ASN A C   1 
ATOM   161  O O   . ASN A 1 30  ? -9.078  -3.528  5.342   1.00 14.96 ? 26  ASN A O   1 
ATOM   162  C CB  . ASN A 1 30  ? -10.072 -0.853  6.251   1.00 15.91 ? 26  ASN A CB  1 
ATOM   163  C CG  . ASN A 1 30  ? -10.897 -0.348  5.071   1.00 16.45 ? 26  ASN A CG  1 
ATOM   164  O OD1 . ASN A 1 30  ? -10.950 -1.000  4.034   1.00 16.40 ? 26  ASN A OD1 1 
ATOM   165  N ND2 . ASN A 1 30  ? -11.547 0.799   5.237   1.00 17.59 ? 26  ASN A ND2 1 
ATOM   166  N N   . HIS A 1 31  ? -11.271 -3.954  5.176   1.00 14.76 ? 27  HIS A N   1 
ATOM   167  C CA  . HIS A 1 31  ? -11.051 -5.093  4.275   1.00 15.26 ? 27  HIS A CA  1 
ATOM   168  C C   . HIS A 1 31  ? -10.772 -4.673  2.822   1.00 15.59 ? 27  HIS A C   1 
ATOM   169  O O   . HIS A 1 31  ? -10.459 -5.515  1.995   1.00 16.21 ? 27  HIS A O   1 
ATOM   170  C CB  . HIS A 1 31  ? -12.227 -6.107  4.313   1.00 15.16 ? 27  HIS A CB  1 
ATOM   171  C CG  . HIS A 1 31  ? -13.531 -5.544  3.829   1.00 18.07 ? 27  HIS A CG  1 
ATOM   172  N ND1 . HIS A 1 31  ? -13.877 -5.490  2.493   1.00 24.62 ? 27  HIS A ND1 1 
ATOM   173  C CD2 . HIS A 1 31  ? -14.577 -5.016  4.507   1.00 22.62 ? 27  HIS A CD2 1 
ATOM   174  C CE1 . HIS A 1 31  ? -15.075 -4.951  2.371   1.00 22.82 ? 27  HIS A CE1 1 
ATOM   175  N NE2 . HIS A 1 31  ? -15.518 -4.641  3.576   1.00 23.29 ? 27  HIS A NE2 1 
ATOM   176  N N   . ILE A 1 32  ? -10.885 -3.377  2.548   1.00 15.46 ? 28  ILE A N   1 
ATOM   177  C CA  . ILE A 1 32  ? -10.544 -2.830  1.237   1.00 15.84 ? 28  ILE A CA  1 
ATOM   178  C C   . ILE A 1 32  ? -9.090  -2.355  1.154   1.00 15.57 ? 28  ILE A C   1 
ATOM   179  O O   . ILE A 1 32  ? -8.409  -2.576  0.158   1.00 17.11 ? 28  ILE A O   1 
ATOM   180  C CB  . ILE A 1 32  ? -11.482 -1.680  0.879   1.00 15.52 ? 28  ILE A CB  1 
ATOM   181  C CG1 . ILE A 1 32  ? -12.950 -2.121  0.984   1.00 16.23 ? 28  ILE A CG1 1 
ATOM   182  C CG2 . ILE A 1 32  ? -11.175 -1.158  -0.527  1.00 16.99 ? 28  ILE A CG2 1 
ATOM   183  C CD1 . ILE A 1 32  ? -13.946 -0.978  0.871   1.00 18.80 ? 28  ILE A CD1 1 
ATOM   184  N N   . THR A 1 33  ? -8.621  -1.697  2.218   1.00 14.76 ? 29  THR A N   1 
ATOM   185  C CA  . THR A 1 33  ? -7.277  -1.128  2.244   1.00 14.19 ? 29  THR A CA  1 
ATOM   186  C C   . THR A 1 33  ? -6.300  -1.992  3.046   1.00 13.63 ? 29  THR A C   1 
ATOM   187  O O   . THR A 1 33  ? -5.092  -1.778  2.954   1.00 13.85 ? 29  THR A O   1 
ATOM   188  C CB  . THR A 1 33  ? -7.278  0.234   2.934   1.00 13.53 ? 29  THR A CB  1 
ATOM   189  O OG1 . THR A 1 33  ? -7.677  0.051   4.302   1.00 14.04 ? 29  THR A OG1 1 
ATOM   190  C CG2 . THR A 1 33  ? -8.235  1.211   2.254   1.00 14.74 ? 29  THR A CG2 1 
ATOM   191  N N   . ASN A 1 34  ? -6.834  -2.978  3.799   1.00 13.55 ? 30  ASN A N   1 
ATOM   192  C CA  . ASN A 1 34  ? -6.052  -3.794  4.746   1.00 14.00 ? 30  ASN A CA  1 
ATOM   193  C C   . ASN A 1 34  ? -5.411  -2.987  5.885   1.00 13.50 ? 30  ASN A C   1 
ATOM   194  O O   . ASN A 1 34  ? -4.500  -3.470  6.530   1.00 14.24 ? 30  ASN A O   1 
ATOM   195  C CB  . ASN A 1 34  ? -5.034  -4.677  4.026   1.00 13.83 ? 30  ASN A CB  1 
ATOM   196  C CG  . ASN A 1 34  ? -5.694  -5.815  3.264   1.00 16.27 ? 30  ASN A CG  1 
ATOM   197  O OD1 . ASN A 1 34  ? -5.251  -6.192  2.149   1.00 17.31 ? 30  ASN A OD1 1 
ATOM   198  N ND2 . ASN A 1 34  ? -6.764  -6.358  3.844   1.00 16.34 ? 30  ASN A ND2 1 
ATOM   199  N N   . ALA A 1 35  ? -5.922  -1.775  6.115   1.00 13.63 ? 31  ALA A N   1 
ATOM   200  C CA  . ALA A 1 35  ? -5.467  -0.952  7.234   1.00 13.82 ? 31  ALA A CA  1 
ATOM   201  C C   . ALA A 1 35  ? -6.009  -1.554  8.514   1.00 14.51 ? 31  ALA A C   1 
ATOM   202  O O   . ALA A 1 35  ? -7.099  -2.131  8.536   1.00 15.35 ? 31  ALA A O   1 
ATOM   203  C CB  . ALA A 1 35  ? -5.941  0.465   7.092   1.00 13.77 ? 31  ALA A CB  1 
ATOM   204  N N   . SER A 1 36  ? -5.240  -1.397  9.588   1.00 15.13 ? 32  SER A N   1 
ATOM   205  C CA  . SER A 1 36  ? -5.744  -1.754  10.905  1.00 16.19 ? 32  SER A CA  1 
ATOM   206  C C   . SER A 1 36  ? -5.217  -0.757  11.904  1.00 17.37 ? 32  SER A C   1 
ATOM   207  O O   . SER A 1 36  ? -4.102  -0.269  11.761  1.00 17.60 ? 32  SER A O   1 
ATOM   208  C CB  . SER A 1 36  ? -5.322  -3.173  11.305  1.00 17.20 ? 32  SER A CB  1 
ATOM   209  O OG  . SER A 1 36  ? -3.950  -3.398  11.075  1.00 18.05 ? 32  SER A OG  1 
ATOM   210  N N   . GLN A 1 37  ? -6.021  -0.483  12.923  1.00 17.29 ? 33  GLN A N   1 
ATOM   211  C CA  . GLN A 1 37  ? -5.633  0.494   13.931  1.00 18.45 ? 33  GLN A CA  1 
ATOM   212  C C   . GLN A 1 37  ? -6.494  0.311   15.166  1.00 19.03 ? 33  GLN A C   1 
ATOM   213  O O   . GLN A 1 37  ? -7.587  -0.243  15.102  1.00 17.35 ? 33  GLN A O   1 
ATOM   214  C CB  . GLN A 1 37  ? -5.795  1.906   13.374  1.00 18.91 ? 33  GLN A CB  1 
ATOM   215  C CG  . GLN A 1 37  ? -7.202  2.237   12.946  1.00 19.52 ? 33  GLN A CG  1 
ATOM   216  C CD  . GLN A 1 37  ? -7.292  3.562   12.246  1.00 23.26 ? 33  GLN A CD  1 
ATOM   217  O OE1 . GLN A 1 37  ? -8.162  4.376   12.550  1.00 26.82 ? 33  GLN A OE1 1 
ATOM   218  N NE2 . GLN A 1 37  ? -6.367  3.800   11.320  1.00 22.54 ? 33  GLN A NE2 1 
ATOM   219  N N   . TRP A 1 38  ? -5.990  0.797   16.303  1.00 19.76 ? 34  TRP A N   1 
ATOM   220  C CA  . TRP A 1 38  ? -6.749  0.741   17.558  1.00 20.90 ? 34  TRP A CA  1 
ATOM   221  C C   . TRP A 1 38  ? -7.895  1.729   17.579  1.00 22.29 ? 34  TRP A C   1 
ATOM   222  O O   . TRP A 1 38  ? -8.990  1.463   18.106  1.00 22.69 ? 34  TRP A O   1 
ATOM   223  C CB  . TRP A 1 38  ? -5.810  1.053   18.731  1.00 19.56 ? 34  TRP A CB  1 
ATOM   224  C CG  . TRP A 1 38  ? -4.776  0.028   18.921  1.00 19.24 ? 34  TRP A CG  1 
ATOM   225  C CD1 . TRP A 1 38  ? -3.424  0.189   18.814  1.00 18.71 ? 34  TRP A CD1 1 
ATOM   226  C CD2 . TRP A 1 38  ? -4.990  -1.344  19.254  1.00 18.52 ? 34  TRP A CD2 1 
ATOM   227  N NE1 . TRP A 1 38  ? -2.780  -0.995  19.061  1.00 21.36 ? 34  TRP A NE1 1 
ATOM   228  C CE2 . TRP A 1 38  ? -3.721  -1.958  19.337  1.00 19.33 ? 34  TRP A CE2 1 
ATOM   229  C CE3 . TRP A 1 38  ? -6.135  -2.113  19.516  1.00 17.01 ? 34  TRP A CE3 1 
ATOM   230  C CZ2 . TRP A 1 38  ? -3.560  -3.303  19.652  1.00 20.30 ? 34  TRP A CZ2 1 
ATOM   231  C CZ3 . TRP A 1 38  ? -5.964  -3.463  19.832  1.00 19.55 ? 34  TRP A CZ3 1 
ATOM   232  C CH2 . TRP A 1 38  ? -4.699  -4.039  19.893  1.00 19.63 ? 34  TRP A CH2 1 
ATOM   233  N N   . GLU A 1 39  ? -7.615  2.891   17.000  1.00 24.78 ? 35  GLU A N   1 
ATOM   234  C CA  . GLU A 1 39  ? -8.455  4.057   17.080  1.00 27.61 ? 35  GLU A CA  1 
ATOM   235  C C   . GLU A 1 39  ? -9.654  3.926   16.155  1.00 29.91 ? 35  GLU A C   1 
ATOM   236  O O   . GLU A 1 39  ? -9.518  3.468   15.015  1.00 29.89 ? 35  GLU A O   1 
ATOM   237  C CB  . GLU A 1 39  ? -7.622  5.296   16.710  1.00 27.68 ? 35  GLU A CB  1 
ATOM   238  C CG  . GLU A 1 39  ? -6.427  5.604   17.665  1.00 27.94 ? 35  GLU A CG  1 
ATOM   239  C CD  . GLU A 1 39  ? -5.178  4.754   17.400  1.00 28.41 ? 35  GLU A CD  1 
ATOM   240  O OE1 . GLU A 1 39  ? -5.052  4.201   16.280  1.00 26.82 ? 35  GLU A OE1 1 
ATOM   241  O OE2 . GLU A 1 39  ? -4.314  4.649   18.316  1.00 26.53 ? 35  GLU A OE2 1 
ATOM   242  N N   . ARG A 1 40  ? -10.825 4.319   16.646  1.00 32.34 ? 36  ARG A N   1 
ATOM   243  C CA  . ARG A 1 40  ? -12.038 4.326   15.832  1.00 35.62 ? 36  ARG A CA  1 
ATOM   244  C C   . ARG A 1 40  ? -11.876 5.278   14.633  1.00 36.71 ? 36  ARG A C   1 
ATOM   245  O O   . ARG A 1 40  ? -11.560 6.460   14.828  1.00 37.37 ? 36  ARG A O   1 
ATOM   246  C CB  . ARG A 1 40  ? -13.260 4.710   16.676  1.00 35.41 ? 36  ARG A CB  1 
ATOM   247  C CG  . ARG A 1 40  ? -14.569 4.176   16.103  1.00 37.20 ? 36  ARG A CG  1 
ATOM   248  C CD  . ARG A 1 40  ? -15.782 4.525   16.947  1.00 37.68 ? 36  ARG A CD  1 
ATOM   249  N NE  . ARG A 1 40  ? -17.027 4.222   16.237  1.00 41.36 ? 36  ARG A NE  1 
ATOM   250  C CZ  . ARG A 1 40  ? -17.664 3.052   16.283  1.00 42.45 ? 36  ARG A CZ  1 
ATOM   251  N NH1 . ARG A 1 40  ? -17.184 2.049   17.013  1.00 42.78 ? 36  ARG A NH1 1 
ATOM   252  N NH2 . ARG A 1 40  ? -18.791 2.886   15.599  1.00 43.16 ? 36  ARG A NH2 1 
ATOM   253  N N   . PRO A 1 41  ? -12.080 4.766   13.390  1.00 38.00 ? 37  PRO A N   1 
ATOM   254  C CA  . PRO A 1 41  ? -11.797 5.533   12.161  1.00 39.02 ? 37  PRO A CA  1 
ATOM   255  C C   . PRO A 1 41  ? -12.546 6.867   12.064  1.00 40.06 ? 37  PRO A C   1 
ATOM   256  O O   . PRO A 1 41  ? -13.717 6.954   12.453  1.00 40.22 ? 37  PRO A O   1 
ATOM   257  C CB  . PRO A 1 41  ? -12.232 4.582   11.033  1.00 38.81 ? 37  PRO A CB  1 
ATOM   258  C CG  . PRO A 1 41  ? -13.094 3.570   11.668  1.00 38.33 ? 37  PRO A CG  1 
ATOM   259  C CD  . PRO A 1 41  ? -12.596 3.419   13.074  1.00 38.03 ? 37  PRO A CD  1 
ATOM   260  N N   . SER A 1 42  ? -11.855 7.879   11.532  1.00 41.02 ? 38  SER A N   1 
ATOM   261  C CA  . SER A 1 42  ? -12.311 9.277   11.539  1.00 42.20 ? 38  SER A CA  1 
ATOM   262  C C   . SER A 1 42  ? -13.664 9.536   10.852  1.00 42.53 ? 38  SER A C   1 
ATOM   263  O O   . SER A 1 42  ? -14.124 8.752   10.012  1.00 43.27 ? 38  SER A O   1 
ATOM   264  C CB  . SER A 1 42  ? -11.223 10.181  10.939  1.00 42.31 ? 38  SER A CB  1 
ATOM   265  O OG  . SER A 1 42  ? -11.475 11.551  11.200  1.00 44.01 ? 38  SER A OG  1 
ATOM   266  N N   . GLU A 1 55  ? -17.911 9.868   -2.219  1.00 41.22 ? 51  GLU A N   1 
ATOM   267  C CA  . GLU A 1 55  ? -16.464 9.727   -2.386  1.00 40.89 ? 51  GLU A CA  1 
ATOM   268  C C   . GLU A 1 55  ? -15.899 10.762  -3.375  1.00 40.52 ? 51  GLU A C   1 
ATOM   269  O O   . GLU A 1 55  ? -16.619 11.226  -4.262  1.00 40.94 ? 51  GLU A O   1 
ATOM   270  C CB  . GLU A 1 55  ? -16.097 8.294   -2.821  1.00 41.06 ? 51  GLU A CB  1 
ATOM   271  C CG  . GLU A 1 55  ? -16.393 7.968   -4.278  1.00 41.12 ? 51  GLU A CG  1 
ATOM   272  C CD  . GLU A 1 55  ? -15.643 6.748   -4.789  1.00 40.71 ? 51  GLU A CD  1 
ATOM   273  O OE1 . GLU A 1 55  ? -15.324 5.844   -3.984  1.00 40.29 ? 51  GLU A OE1 1 
ATOM   274  O OE2 . GLU A 1 55  ? -15.379 6.702   -6.008  1.00 40.05 ? 51  GLU A OE2 1 
ATOM   275  N N   . PRO A 1 56  ? -14.605 11.129  -3.217  1.00 39.91 ? 52  PRO A N   1 
ATOM   276  C CA  . PRO A 1 56  ? -13.898 12.038  -4.131  1.00 38.91 ? 52  PRO A CA  1 
ATOM   277  C C   . PRO A 1 56  ? -13.896 11.587  -5.594  1.00 37.73 ? 52  PRO A C   1 
ATOM   278  O O   . PRO A 1 56  ? -13.910 10.382  -5.873  1.00 37.95 ? 52  PRO A O   1 
ATOM   279  C CB  . PRO A 1 56  ? -12.457 12.021  -3.594  1.00 39.05 ? 52  PRO A CB  1 
ATOM   280  C CG  . PRO A 1 56  ? -12.379 10.814  -2.707  1.00 39.71 ? 52  PRO A CG  1 
ATOM   281  C CD  . PRO A 1 56  ? -13.734 10.699  -2.110  1.00 39.95 ? 52  PRO A CD  1 
ATOM   282  N N   . ALA A 1 57  ? -13.858 12.558  -6.505  1.00 36.10 ? 53  ALA A N   1 
ATOM   283  C CA  . ALA A 1 57  ? -13.769 12.305  -7.948  1.00 34.25 ? 53  ALA A CA  1 
ATOM   284  C C   . ALA A 1 57  ? -12.354 11.888  -8.353  1.00 32.77 ? 53  ALA A C   1 
ATOM   285  O O   . ALA A 1 57  ? -12.158 11.054  -9.243  1.00 32.48 ? 53  ALA A O   1 
ATOM   286  C CB  . ALA A 1 57  ? -14.191 13.540  -8.724  1.00 34.79 ? 53  ALA A CB  1 
ATOM   287  N N   . ARG A 1 58  ? -11.367 12.499  -7.704  1.00 30.78 ? 54  ARG A N   1 
ATOM   288  C CA  . ARG A 1 58  ? -9.966  12.162  -7.933  1.00 28.80 ? 54  ARG A CA  1 
ATOM   289  C C   . ARG A 1 58  ? -9.249  12.059  -6.604  1.00 26.43 ? 54  ARG A C   1 
ATOM   290  O O   . ARG A 1 58  ? -9.632  12.708  -5.625  1.00 25.62 ? 54  ARG A O   1 
ATOM   291  C CB  . ARG A 1 58  ? -9.277  13.217  -8.809  1.00 29.51 ? 54  ARG A CB  1 
ATOM   292  C CG  . ARG A 1 58  ? -9.780  13.254  -10.256 1.00 32.04 ? 54  ARG A CG  1 
ATOM   293  C CD  . ARG A 1 58  ? -8.650  13.397  -11.274 1.00 35.42 ? 54  ARG A CD  1 
ATOM   294  N NE  . ARG A 1 58  ? -7.861  14.612  -11.091 1.00 38.57 ? 54  ARG A NE  1 
ATOM   295  C CZ  . ARG A 1 58  ? -6.728  14.878  -11.740 1.00 40.81 ? 54  ARG A CZ  1 
ATOM   296  N NH1 . ARG A 1 58  ? -6.231  14.015  -12.626 1.00 42.30 ? 54  ARG A NH1 1 
ATOM   297  N NH2 . ARG A 1 58  ? -6.084  16.015  -11.502 1.00 41.35 ? 54  ARG A NH2 1 
ATOM   298  N N   . VAL A 1 59  ? -8.233  11.203  -6.570  1.00 23.97 ? 55  VAL A N   1 
ATOM   299  C CA  . VAL A 1 59  ? -7.335  11.134  -5.423  1.00 22.25 ? 55  VAL A CA  1 
ATOM   300  C C   . VAL A 1 59  ? -5.902  11.204  -5.919  1.00 20.72 ? 55  VAL A C   1 
ATOM   301  O O   . VAL A 1 59  ? -5.605  10.887  -7.079  1.00 21.14 ? 55  VAL A O   1 
ATOM   302  C CB  . VAL A 1 59  ? -7.557  9.852   -4.553  1.00 21.77 ? 55  VAL A CB  1 
ATOM   303  C CG1 . VAL A 1 59  ? -8.992  9.802   -4.023  1.00 22.66 ? 55  VAL A CG1 1 
ATOM   304  C CG2 . VAL A 1 59  ? -7.204  8.589   -5.338  1.00 22.28 ? 55  VAL A CG2 1 
ATOM   305  N N   . ARG A 1 60  ? -5.021  11.647  -5.029  1.00 18.67 ? 56  ARG A N   1 
ATOM   306  C CA  . ARG A 1 60  ? -3.606  11.592  -5.281  1.00 17.25 ? 56  ARG A CA  1 
ATOM   307  C C   . ARG A 1 60  ? -2.994  10.625  -4.267  1.00 16.17 ? 56  ARG A C   1 
ATOM   308  O O   . ARG A 1 60  ? -3.238  10.733  -3.059  1.00 16.73 ? 56  ARG A O   1 
ATOM   309  C CB  . ARG A 1 60  ? -2.959  12.971  -5.155  1.00 17.01 ? 56  ARG A CB  1 
ATOM   310  C CG  . ARG A 1 60  ? -1.494  12.981  -5.519  1.00 18.20 ? 56  ARG A CG  1 
ATOM   311  C CD  . ARG A 1 60  ? -0.854  14.337  -5.236  1.00 21.58 ? 56  ARG A CD  1 
ATOM   312  N NE  . ARG A 1 60  ? 0.522   14.395  -5.727  1.00 21.45 ? 56  ARG A NE  1 
ATOM   313  C CZ  . ARG A 1 60  ? 1.228   15.521  -5.806  1.00 23.85 ? 56  ARG A CZ  1 
ATOM   314  N NH1 . ARG A 1 60  ? 0.690   16.673  -5.411  1.00 26.21 ? 56  ARG A NH1 1 
ATOM   315  N NH2 . ARG A 1 60  ? 2.472   15.495  -6.266  1.00 23.25 ? 56  ARG A NH2 1 
ATOM   316  N N   . CYS A 1 61  ? -2.210  9.688   -4.784  1.00 15.22 ? 57  CYS A N   1 
ATOM   317  C CA  . CYS A 1 61  ? -1.547  8.694   -3.938  1.00 15.05 ? 57  CYS A CA  1 
ATOM   318  C C   . CYS A 1 61  ? -0.077  8.544   -4.256  1.00 14.30 ? 57  CYS A C   1 
ATOM   319  O O   . CYS A 1 61  ? 0.344   8.758   -5.400  1.00 14.74 ? 57  CYS A O   1 
ATOM   320  C CB  . CYS A 1 61  ? -2.243  7.321   -4.053  1.00 15.36 ? 57  CYS A CB  1 
ATOM   321  S SG  . CYS A 1 61  ? -3.898  7.329   -3.393  1.00 17.19 ? 57  CYS A SG  1 
ATOM   322  N N   . SER A 1 62  ? 0.690   8.154   -3.233  1.00 13.23 ? 58  SER A N   1 
ATOM   323  C CA  . SER A 1 62  ? 1.994   7.592   -3.416  1.00 12.66 ? 58  SER A CA  1 
ATOM   324  C C   . SER A 1 62  ? 1.919   6.107   -3.090  1.00 12.59 ? 58  SER A C   1 
ATOM   325  O O   . SER A 1 62  ? 0.996   5.666   -2.402  1.00 13.32 ? 58  SER A O   1 
ATOM   326  C CB  . SER A 1 62  ? 3.004   8.249   -2.469  1.00 12.65 ? 58  SER A CB  1 
ATOM   327  O OG  . SER A 1 62  ? 3.089   9.641   -2.779  1.00 14.87 ? 58  SER A OG  1 
ATOM   328  N N   . HIS A 1 63  ? 2.905   5.352   -3.550  1.00 12.36 ? 59  HIS A N   1 
ATOM   329  C CA  . HIS A 1 63  ? 2.978   3.952   -3.153  1.00 12.47 ? 59  HIS A CA  1 
ATOM   330  C C   . HIS A 1 63  ? 4.398   3.452   -3.059  1.00 12.60 ? 59  HIS A C   1 
ATOM   331  O O   . HIS A 1 63  ? 5.345   4.064   -3.572  1.00 12.74 ? 59  HIS A O   1 
ATOM   332  C CB  . HIS A 1 63  ? 2.102   3.095   -4.090  1.00 13.77 ? 59  HIS A CB  1 
ATOM   333  C CG  . HIS A 1 63  ? 2.763   2.654   -5.360  1.00 14.61 ? 59  HIS A CG  1 
ATOM   334  N ND1 . HIS A 1 63  ? 3.380   3.497   -6.265  1.00 18.68 ? 59  HIS A ND1 1 
ATOM   335  C CD2 . HIS A 1 63  ? 2.831   1.418   -5.896  1.00 13.88 ? 59  HIS A CD2 1 
ATOM   336  C CE1 . HIS A 1 63  ? 3.842   2.778   -7.281  1.00 14.16 ? 59  HIS A CE1 1 
ATOM   337  N NE2 . HIS A 1 63  ? 3.529   1.515   -7.069  1.00 18.26 ? 59  HIS A NE2 1 
ATOM   338  N N   . LEU A 1 64  ? 4.529   2.324   -2.360  1.00 12.72 ? 60  LEU A N   1 
ATOM   339  C CA  . LEU A 1 64  ? 5.769   1.577   -2.290  1.00 12.38 ? 60  LEU A CA  1 
ATOM   340  C C   . LEU A 1 64  ? 5.419   0.161   -2.745  1.00 12.45 ? 60  LEU A C   1 
ATOM   341  O O   . LEU A 1 64  ? 4.536   -0.495  -2.148  1.00 12.71 ? 60  LEU A O   1 
ATOM   342  C CB  . LEU A 1 64  ? 6.320   1.541   -0.862  1.00 13.32 ? 60  LEU A CB  1 
ATOM   343  C CG  . LEU A 1 64  ? 7.720   0.944   -0.622  1.00 12.67 ? 60  LEU A CG  1 
ATOM   344  C CD1 . LEU A 1 64  ? 8.169   1.382   0.780   1.00 14.39 ? 60  LEU A CD1 1 
ATOM   345  C CD2 . LEU A 1 64  ? 7.745   -0.571  -0.752  1.00 14.23 ? 60  LEU A CD2 1 
ATOM   346  N N   . LEU A 1 65  ? 6.071   -0.282  -3.828  1.00 13.28 ? 61  LEU A N   1 
ATOM   347  C CA  . LEU A 1 65  ? 5.783   -1.588  -4.421  1.00 14.11 ? 61  LEU A CA  1 
ATOM   348  C C   . LEU A 1 65  ? 6.911   -2.551  -4.113  1.00 14.10 ? 61  LEU A C   1 
ATOM   349  O O   . LEU A 1 65  ? 8.076   -2.232  -4.302  1.00 13.54 ? 61  LEU A O   1 
ATOM   350  C CB  . LEU A 1 65  ? 5.692   -1.449  -5.947  1.00 14.07 ? 61  LEU A CB  1 
ATOM   351  C CG  . LEU A 1 65  ? 5.459   -2.744  -6.741  1.00 14.65 ? 61  LEU A CG  1 
ATOM   352  C CD1 . LEU A 1 65  ? 4.156   -3.442  -6.348  1.00 18.85 ? 61  LEU A CD1 1 
ATOM   353  C CD2 . LEU A 1 65  ? 5.503   -2.444  -8.213  1.00 16.84 ? 61  LEU A CD2 1 
ATOM   354  N N   . VAL A 1 66  ? 6.562   -3.745  -3.628  1.00 14.71 ? 62  VAL A N   1 
ATOM   355  C CA  . VAL A 1 66  ? 7.536   -4.805  -3.561  1.00 15.18 ? 62  VAL A CA  1 
ATOM   356  C C   . VAL A 1 66  ? 7.083   -5.901  -4.518  1.00 15.96 ? 62  VAL A C   1 
ATOM   357  O O   . VAL A 1 66  ? 6.022   -6.486  -4.348  1.00 15.32 ? 62  VAL A O   1 
ATOM   358  C CB  . VAL A 1 66  ? 7.726   -5.344  -2.121  1.00 14.95 ? 62  VAL A CB  1 
ATOM   359  C CG1 . VAL A 1 66  ? 8.724   -6.467  -2.115  1.00 14.60 ? 62  VAL A CG1 1 
ATOM   360  C CG2 . VAL A 1 66  ? 8.234   -4.249  -1.209  1.00 16.59 ? 62  VAL A CG2 1 
ATOM   361  N N   . LYS A 1 67  ? 7.879   -6.110  -5.560  1.00 16.68 ? 63  LYS A N   1 
ATOM   362  C CA  . LYS A 1 67  ? 7.549   -7.148  -6.537  1.00 17.74 ? 63  LYS A CA  1 
ATOM   363  C C   . LYS A 1 67  ? 8.007   -8.529  -6.062  1.00 18.76 ? 63  LYS A C   1 
ATOM   364  O O   . LYS A 1 67  ? 8.808   -8.644  -5.148  1.00 18.33 ? 63  LYS A O   1 
ATOM   365  C CB  . LYS A 1 67  ? 8.199   -6.813  -7.882  1.00 17.96 ? 63  LYS A CB  1 
ATOM   366  C CG  . LYS A 1 67  ? 7.454   -5.743  -8.645  1.00 18.19 ? 63  LYS A CG  1 
ATOM   367  C CD  . LYS A 1 67  ? 8.097   -5.502  -10.023 1.00 17.98 ? 63  LYS A CD  1 
ATOM   368  C CE  . LYS A 1 67  ? 7.275   -4.544  -10.839 1.00 17.22 ? 63  LYS A CE  1 
ATOM   369  N NZ  . LYS A 1 67  ? 7.723   -4.513  -12.286 1.00 18.46 ? 63  LYS A NZ  1 
ATOM   370  N N   . HIS A 1 68  ? 7.497   -9.576  -6.713  1.00 20.21 ? 64  HIS A N   1 
ATOM   371  C CA  . HIS A 1 68  ? 7.907   -10.943 -6.391  1.00 21.16 ? 64  HIS A CA  1 
ATOM   372  C C   . HIS A 1 68  ? 7.951   -11.774 -7.669  1.00 22.31 ? 64  HIS A C   1 
ATOM   373  O O   . HIS A 1 68  ? 7.611   -11.280 -8.747  1.00 22.38 ? 64  HIS A O   1 
ATOM   374  C CB  . HIS A 1 68  ? 6.982   -11.581 -5.327  1.00 20.91 ? 64  HIS A CB  1 
ATOM   375  C CG  . HIS A 1 68  ? 5.529   -11.418 -5.615  1.00 21.13 ? 64  HIS A CG  1 
ATOM   376  N ND1 . HIS A 1 68  ? 4.858   -12.188 -6.541  1.00 20.51 ? 64  HIS A ND1 1 
ATOM   377  C CD2 . HIS A 1 68  ? 4.617   -10.550 -5.122  1.00 21.26 ? 64  HIS A CD2 1 
ATOM   378  C CE1 . HIS A 1 68  ? 3.599   -11.803 -6.606  1.00 22.97 ? 64  HIS A CE1 1 
ATOM   379  N NE2 . HIS A 1 68  ? 3.424   -10.815 -5.743  1.00 22.60 ? 64  HIS A NE2 1 
ATOM   380  N N   . SER A 1 69  ? 8.334   -13.040 -7.530  1.00 23.37 ? 65  SER A N   1 
ATOM   381  C CA  . SER A 1 69  ? 8.494   -13.930 -8.690  1.00 24.36 ? 65  SER A CA  1 
ATOM   382  C C   . SER A 1 69  ? 7.205   -14.163 -9.508  1.00 25.15 ? 65  SER A C   1 
ATOM   383  O O   . SER A 1 69  ? 7.276   -14.527 -10.689 1.00 25.90 ? 65  SER A O   1 
ATOM   384  C CB  . SER A 1 69  ? 9.100   -15.259 -8.244  1.00 24.67 ? 65  SER A CB  1 
ATOM   385  O OG  . SER A 1 69  ? 8.161   -16.014 -7.504  1.00 26.30 ? 65  SER A OG  1 
ATOM   386  N N   . GLN A 1 70  ? 6.037   -13.962 -8.893  1.00 25.02 ? 66  GLN A N   1 
ATOM   387  C CA  . GLN A 1 70  ? 4.759   -14.110 -9.598  1.00 26.01 ? 66  GLN A CA  1 
ATOM   388  C C   . GLN A 1 70  ? 4.201   -12.782 -10.116 1.00 24.84 ? 66  GLN A C   1 
ATOM   389  O O   . GLN A 1 70  ? 3.103   -12.741 -10.681 1.00 25.82 ? 66  GLN A O   1 
ATOM   390  C CB  . GLN A 1 70  ? 3.695   -14.788 -8.715  1.00 26.02 ? 66  GLN A CB  1 
ATOM   391  C CG  . GLN A 1 70  ? 3.841   -16.300 -8.542  1.00 28.04 ? 66  GLN A CG  1 
ATOM   392  C CD  . GLN A 1 70  ? 2.559   -16.933 -7.990  1.00 28.58 ? 66  GLN A CD  1 
ATOM   393  O OE1 . GLN A 1 70  ? 1.559   -17.121 -8.718  1.00 30.18 ? 66  GLN A OE1 1 
ATOM   394  N NE2 . GLN A 1 70  ? 2.568   -17.222 -6.691  1.00 32.08 ? 66  GLN A NE2 1 
ATOM   395  N N   . SER A 1 71  ? 4.941   -11.687 -9.903  1.00 24.68 ? 67  SER A N   1 
ATOM   396  C CA  . SER A 1 71  ? 4.536   -10.387 -10.432 1.00 24.87 ? 67  SER A CA  1 
ATOM   397  C C   . SER A 1 71  ? 4.472   -10.494 -11.942 1.00 25.57 ? 67  SER A C   1 
ATOM   398  O O   . SER A 1 71  ? 5.239   -11.259 -12.541 1.00 26.18 ? 67  SER A O   1 
ATOM   399  C CB  . SER A 1 71  ? 5.548   -9.294  -10.075 1.00 24.63 ? 67  SER A CB  1 
ATOM   400  O OG  . SER A 1 71  ? 5.559   -9.015  -8.680  1.00 22.76 ? 67  SER A OG  1 
ATOM   401  N N   . ARG A 1 72  ? 3.581   -9.727  -12.554 1.00 26.60 ? 68  ARG A N   1 
ATOM   402  C CA  . ARG A 1 72  ? 3.438   -9.792  -14.008 1.00 27.90 ? 68  ARG A CA  1 
ATOM   403  C C   . ARG A 1 72  ? 4.720   -9.438  -14.757 1.00 27.64 ? 68  ARG A C   1 
ATOM   404  O O   . ARG A 1 72  ? 4.946   -9.949  -15.855 1.00 27.76 ? 68  ARG A O   1 
ATOM   405  C CB  . ARG A 1 72  ? 2.243   -8.974  -14.491 1.00 28.81 ? 68  ARG A CB  1 
ATOM   406  C CG  . ARG A 1 72  ? 2.492   -7.522  -14.824 1.00 32.43 ? 68  ARG A CG  1 
ATOM   407  C CD  . ARG A 1 72  ? 1.603   -7.113  -16.005 1.00 36.93 ? 68  ARG A CD  1 
ATOM   408  N NE  . ARG A 1 72  ? 0.262   -7.705  -15.923 1.00 40.25 ? 68  ARG A NE  1 
ATOM   409  C CZ  . ARG A 1 72  ? -0.829  -7.070  -15.491 1.00 42.17 ? 68  ARG A CZ  1 
ATOM   410  N NH1 . ARG A 1 72  ? -0.762  -5.799  -15.099 1.00 43.25 ? 68  ARG A NH1 1 
ATOM   411  N NH2 . ARG A 1 72  ? -1.995  -7.706  -15.454 1.00 42.38 ? 68  ARG A NH2 1 
ATOM   412  N N   . ARG A 1 73  ? 5.560   -8.600  -14.148 1.00 27.00 ? 69  ARG A N   1 
ATOM   413  C CA  . ARG A 1 73  ? 6.864   -8.238  -14.695 1.00 26.31 ? 69  ARG A CA  1 
ATOM   414  C C   . ARG A 1 73  ? 7.899   -8.270  -13.554 1.00 25.26 ? 69  ARG A C   1 
ATOM   415  O O   . ARG A 1 73  ? 8.130   -7.249  -12.902 1.00 23.85 ? 69  ARG A O   1 
ATOM   416  C CB  . ARG A 1 73  ? 6.778   -6.849  -15.337 1.00 27.40 ? 69  ARG A CB  1 
ATOM   417  C CG  . ARG A 1 73  ? 7.581   -6.668  -16.616 1.00 31.59 ? 69  ARG A CG  1 
ATOM   418  C CD  . ARG A 1 73  ? 8.895   -5.925  -16.390 1.00 36.06 ? 69  ARG A CD  1 
ATOM   419  N NE  . ARG A 1 73  ? 8.692   -4.547  -15.933 1.00 38.60 ? 69  ARG A NE  1 
ATOM   420  C CZ  . ARG A 1 73  ? 9.667   -3.662  -15.744 1.00 39.53 ? 69  ARG A CZ  1 
ATOM   421  N NH1 . ARG A 1 73  ? 10.931  -3.985  -15.981 1.00 41.88 ? 69  ARG A NH1 1 
ATOM   422  N NH2 . ARG A 1 73  ? 9.376   -2.443  -15.321 1.00 40.68 ? 69  ARG A NH2 1 
ATOM   423  N N   . PRO A 1 74  ? 8.506   -9.445  -13.285 1.00 23.91 ? 70  PRO A N   1 
ATOM   424  C CA  . PRO A 1 74  ? 9.473   -9.645  -12.191 1.00 23.57 ? 70  PRO A CA  1 
ATOM   425  C C   . PRO A 1 74  ? 10.841  -8.992  -12.454 1.00 22.54 ? 70  PRO A C   1 
ATOM   426  O O   . PRO A 1 74  ? 11.886  -9.657  -12.488 1.00 22.43 ? 70  PRO A O   1 
ATOM   427  C CB  . PRO A 1 74  ? 9.571   -11.169 -12.091 1.00 23.92 ? 70  PRO A CB  1 
ATOM   428  C CG  . PRO A 1 74  ? 9.297   -11.630 -13.478 1.00 24.02 ? 70  PRO A CG  1 
ATOM   429  C CD  . PRO A 1 74  ? 8.266   -10.702 -14.024 1.00 24.28 ? 70  PRO A CD  1 
ATOM   430  N N   . SER A 1 75  ? 10.809  -7.672  -12.611 1.00 21.82 ? 71  SER A N   1 
ATOM   431  C CA  . SER A 1 75  ? 11.978  -6.868  -12.910 1.00 21.10 ? 71  SER A CA  1 
ATOM   432  C C   . SER A 1 75  ? 11.662  -5.442  -12.472 1.00 20.50 ? 71  SER A C   1 
ATOM   433  O O   . SER A 1 75  ? 10.512  -5.024  -12.533 1.00 20.19 ? 71  SER A O   1 
ATOM   434  C CB  . SER A 1 75  ? 12.212  -6.882  -14.427 1.00 21.28 ? 71  SER A CB  1 
ATOM   435  O OG  . SER A 1 75  ? 13.429  -6.249  -14.780 1.00 23.37 ? 71  SER A OG  1 
ATOM   436  N N   . SER A 1 76  ? 12.675  -4.705  -12.040 1.00 20.28 ? 72  SER A N   1 
ATOM   437  C CA  . SER A 1 76  ? 12.489  -3.279  -11.703 1.00 20.25 ? 72  SER A CA  1 
ATOM   438  C C   . SER A 1 76  ? 13.823  -2.568  -11.817 1.00 20.36 ? 72  SER A C   1 
ATOM   439  O O   . SER A 1 76  ? 14.832  -3.206  -12.077 1.00 20.60 ? 72  SER A O   1 
ATOM   440  C CB  . SER A 1 76  ? 11.952  -3.120  -10.269 1.00 20.55 ? 72  SER A CB  1 
ATOM   441  O OG  . SER A 1 76  ? 12.989  -3.327  -9.344  1.00 18.84 ? 72  SER A OG  1 
ATOM   442  N N   . TRP A 1 77  ? 13.842  -1.258  -11.569 1.00 20.28 ? 73  TRP A N   1 
ATOM   443  C CA  . TRP A 1 77  ? 15.095  -0.511  -11.522 1.00 20.05 ? 73  TRP A CA  1 
ATOM   444  C C   . TRP A 1 77  ? 16.058  -1.019  -10.451 1.00 19.94 ? 73  TRP A C   1 
ATOM   445  O O   . TRP A 1 77  ? 17.256  -0.782  -10.531 1.00 20.68 ? 73  TRP A O   1 
ATOM   446  C CB  . TRP A 1 77  ? 14.829  0.990   -11.328 1.00 19.82 ? 73  TRP A CB  1 
ATOM   447  C CG  . TRP A 1 77  ? 14.318  1.369   -9.949  1.00 19.83 ? 73  TRP A CG  1 
ATOM   448  C CD1 . TRP A 1 77  ? 13.014  1.407   -9.543  1.00 20.06 ? 73  TRP A CD1 1 
ATOM   449  C CD2 . TRP A 1 77  ? 15.115  1.759   -8.815  1.00 18.23 ? 73  TRP A CD2 1 
ATOM   450  N NE1 . TRP A 1 77  ? 12.947  1.807   -8.219  1.00 18.91 ? 73  TRP A NE1 1 
ATOM   451  C CE2 . TRP A 1 77  ? 14.219  2.013   -7.746  1.00 17.73 ? 73  TRP A CE2 1 
ATOM   452  C CE3 . TRP A 1 77  ? 16.503  1.887   -8.586  1.00 19.56 ? 73  TRP A CE3 1 
ATOM   453  C CZ2 . TRP A 1 77  ? 14.667  2.415   -6.473  1.00 18.56 ? 73  TRP A CZ2 1 
ATOM   454  C CZ3 . TRP A 1 77  ? 16.943  2.290   -7.319  1.00 19.09 ? 73  TRP A CZ3 1 
ATOM   455  C CH2 . TRP A 1 77  ? 16.016  2.546   -6.277  1.00 19.77 ? 73  TRP A CH2 1 
ATOM   456  N N   . ARG A 1 78  ? 15.519  -1.692  -9.428  1.00 20.01 ? 74  ARG A N   1 
ATOM   457  C CA  . ARG A 1 78  ? 16.310  -2.171  -8.306  1.00 20.55 ? 74  ARG A CA  1 
ATOM   458  C C   . ARG A 1 78  ? 17.056  -3.451  -8.633  1.00 21.23 ? 74  ARG A C   1 
ATOM   459  O O   . ARG A 1 78  ? 18.164  -3.663  -8.163  1.00 21.98 ? 74  ARG A O   1 
ATOM   460  C CB  . ARG A 1 78  ? 15.430  -2.420  -7.076  1.00 20.79 ? 74  ARG A CB  1 
ATOM   461  C CG  . ARG A 1 78  ? 14.659  -1.192  -6.591  1.00 19.69 ? 74  ARG A CG  1 
ATOM   462  C CD  . ARG A 1 78  ? 14.216  -1.339  -5.125  1.00 19.94 ? 74  ARG A CD  1 
ATOM   463  N NE  . ARG A 1 78  ? 15.379  -1.511  -4.257  1.00 20.08 ? 74  ARG A NE  1 
ATOM   464  C CZ  . ARG A 1 78  ? 15.511  -2.453  -3.329  1.00 22.00 ? 74  ARG A CZ  1 
ATOM   465  N NH1 . ARG A 1 78  ? 14.519  -3.303  -3.074  1.00 23.57 ? 74  ARG A NH1 1 
ATOM   466  N NH2 . ARG A 1 78  ? 16.630  -2.512  -2.610  1.00 23.82 ? 74  ARG A NH2 1 
ATOM   467  N N   . GLN A 1 79  ? 16.421  -4.319  -9.410  1.00 22.90 ? 75  GLN A N   1 
ATOM   468  C CA  . GLN A 1 79  ? 17.034  -5.596  -9.733  1.00 24.22 ? 75  GLN A CA  1 
ATOM   469  C C   . GLN A 1 79  ? 16.418  -6.170  -10.986 1.00 22.99 ? 75  GLN A C   1 
ATOM   470  O O   . GLN A 1 79  ? 15.204  -6.196  -11.155 1.00 22.69 ? 75  GLN A O   1 
ATOM   471  C CB  . GLN A 1 79  ? 17.011  -6.585  -8.555  1.00 25.18 ? 75  GLN A CB  1 
ATOM   472  C CG  . GLN A 1 79  ? 15.661  -6.979  -8.050  1.00 27.87 ? 75  GLN A CG  1 
ATOM   473  C CD  . GLN A 1 79  ? 15.695  -8.141  -7.049  1.00 27.32 ? 75  GLN A CD  1 
ATOM   474  O OE1 . GLN A 1 79  ? 16.720  -8.811  -6.852  1.00 33.10 ? 75  GLN A OE1 1 
ATOM   475  N NE2 . GLN A 1 79  ? 14.567  -8.378  -6.420  1.00 29.66 ? 75  GLN A NE2 1 
ATOM   476  N N   . GLU A 1 80  ? 17.291  -6.635  -11.872 1.00 22.97 ? 76  GLU A N   1 
ATOM   477  C CA  . GLU A 1 80  ? 16.879  -7.047  -13.202 1.00 22.64 ? 76  GLU A CA  1 
ATOM   478  C C   . GLU A 1 80  ? 16.002  -8.296  -13.180 1.00 22.64 ? 76  GLU A C   1 
ATOM   479  O O   . GLU A 1 80  ? 15.032  -8.371  -13.924 1.00 22.38 ? 76  GLU A O   1 
ATOM   480  C CB  . GLU A 1 80  ? 18.106  -7.250  -14.083 1.00 22.61 ? 76  GLU A CB  1 
ATOM   481  C CG  . GLU A 1 80  ? 17.766  -7.460  -15.536 1.00 22.89 ? 76  GLU A CG  1 
ATOM   482  C CD  . GLU A 1 80  ? 18.982  -7.349  -16.446 1.00 23.02 ? 76  GLU A CD  1 
ATOM   483  O OE1 . GLU A 1 80  ? 20.114  -7.324  -15.933 1.00 23.18 ? 76  GLU A OE1 1 
ATOM   484  O OE2 . GLU A 1 80  ? 18.777  -7.290  -17.680 1.00 23.31 ? 76  GLU A OE2 1 
ATOM   485  N N   . LYS A 1 81  ? 16.342  -9.243  -12.306 1.00 23.59 ? 77  LYS A N   1 
ATOM   486  C CA  . LYS A 1 81  ? 15.575  -10.468 -12.139 1.00 24.77 ? 77  LYS A CA  1 
ATOM   487  C C   . LYS A 1 81  ? 15.131  -10.555 -10.676 1.00 24.07 ? 77  LYS A C   1 
ATOM   488  O O   . LYS A 1 81  ? 15.940  -10.804 -9.782  1.00 25.03 ? 77  LYS A O   1 
ATOM   489  C CB  . LYS A 1 81  ? 16.424  -11.685 -12.554 1.00 25.37 ? 77  LYS A CB  1 
ATOM   490  C CG  . LYS A 1 81  ? 15.818  -13.047 -12.242 1.00 28.22 ? 77  LYS A CG  1 
ATOM   491  C CD  . LYS A 1 81  ? 14.832  -13.511 -13.298 1.00 31.97 ? 77  LYS A CD  1 
ATOM   492  C CE  . LYS A 1 81  ? 14.463  -14.999 -13.139 1.00 33.46 ? 77  LYS A CE  1 
ATOM   493  N NZ  . LYS A 1 81  ? 15.646  -15.881 -12.921 1.00 35.17 ? 77  LYS A NZ  1 
ATOM   494  N N   . ILE A 1 82  ? 13.846  -10.324 -10.458 1.00 23.91 ? 78  ILE A N   1 
ATOM   495  C CA  . ILE A 1 82  ? 13.294  -10.398 -9.107  1.00 23.82 ? 78  ILE A CA  1 
ATOM   496  C C   . ILE A 1 82  ? 12.872  -11.832 -8.830  1.00 23.85 ? 78  ILE A C   1 
ATOM   497  O O   . ILE A 1 82  ? 12.000  -12.375 -9.508  1.00 24.47 ? 78  ILE A O   1 
ATOM   498  C CB  . ILE A 1 82  ? 12.142  -9.408  -8.907  1.00 23.80 ? 78  ILE A CB  1 
ATOM   499  C CG1 . ILE A 1 82  ? 12.686  -7.977  -9.075  1.00 23.86 ? 78  ILE A CG1 1 
ATOM   500  C CG2 . ILE A 1 82  ? 11.493  -9.623  -7.518  1.00 23.05 ? 78  ILE A CG2 1 
ATOM   501  C CD1 . ILE A 1 82  ? 11.677  -6.878  -8.995  1.00 23.78 ? 78  ILE A CD1 1 
ATOM   502  N N   . THR A 1 83  ? 13.499  -12.415 -7.818  1.00 24.42 ? 79  THR A N   1 
ATOM   503  C CA  . THR A 1 83  ? 13.350  -13.837 -7.511  1.00 25.09 ? 79  THR A CA  1 
ATOM   504  C C   . THR A 1 83  ? 12.661  -14.105 -6.172  1.00 24.49 ? 79  THR A C   1 
ATOM   505  O O   . THR A 1 83  ? 12.323  -15.264 -5.855  1.00 24.69 ? 79  THR A O   1 
ATOM   506  C CB  . THR A 1 83  ? 14.722  -14.525 -7.444  1.00 25.43 ? 79  THR A CB  1 
ATOM   507  O OG1 . THR A 1 83  ? 15.543  -13.864 -6.475  1.00 27.32 ? 79  THR A OG1 1 
ATOM   508  C CG2 . THR A 1 83  ? 15.421  -14.487 -8.790  1.00 26.87 ? 79  THR A CG2 1 
ATOM   509  N N   . ARG A 1 84  ? 12.458  -13.059 -5.372  1.00 23.63 ? 80  ARG A N   1 
ATOM   510  C CA  . ARG A 1 84  ? 11.841  -13.276 -4.066  1.00 22.48 ? 80  ARG A CA  1 
ATOM   511  C C   . ARG A 1 84  ? 10.423  -13.811 -4.225  1.00 21.76 ? 80  ARG A C   1 
ATOM   512  O O   . ARG A 1 84  ? 9.724   -13.477 -5.182  1.00 21.83 ? 80  ARG A O   1 
ATOM   513  C CB  . ARG A 1 84  ? 11.860  -12.002 -3.209  1.00 22.62 ? 80  ARG A CB  1 
ATOM   514  C CG  . ARG A 1 84  ? 10.932  -10.901 -3.701  1.00 22.57 ? 80  ARG A CG  1 
ATOM   515  C CD  . ARG A 1 84  ? 10.876  -9.745  -2.701  1.00 21.92 ? 80  ARG A CD  1 
ATOM   516  N NE  . ARG A 1 84  ? 12.090  -8.928  -2.714  1.00 20.22 ? 80  ARG A NE  1 
ATOM   517  C CZ  . ARG A 1 84  ? 12.291  -7.877  -3.517  1.00 19.85 ? 80  ARG A CZ  1 
ATOM   518  N NH1 . ARG A 1 84  ? 11.354  -7.500  -4.376  1.00 18.50 ? 80  ARG A NH1 1 
ATOM   519  N NH2 . ARG A 1 84  ? 13.421  -7.188  -3.438  1.00 20.13 ? 80  ARG A NH2 1 
ATOM   520  N N   . THR A 1 85  ? 10.007  -14.667 -3.289  1.00 21.65 ? 81  THR A N   1 
ATOM   521  C CA  . THR A 1 85  ? 8.668   -15.204 -3.307  1.00 21.75 ? 81  THR A CA  1 
ATOM   522  C C   . THR A 1 85  ? 7.655   -14.162 -2.831  1.00 21.28 ? 81  THR A C   1 
ATOM   523  O O   . THR A 1 85  ? 8.028   -13.168 -2.187  1.00 20.76 ? 81  THR A O   1 
ATOM   524  C CB  . THR A 1 85  ? 8.525   -16.446 -2.402  1.00 22.06 ? 81  THR A CB  1 
ATOM   525  O OG1 . THR A 1 85  ? 8.613   -16.048 -1.021  1.00 22.81 ? 81  THR A OG1 1 
ATOM   526  C CG2 . THR A 1 85  ? 9.607   -17.480 -2.725  1.00 23.51 ? 81  THR A CG2 1 
ATOM   527  N N   . LYS A 1 86  ? 6.390   -14.405 -3.137  1.00 21.79 ? 82  LYS A N   1 
ATOM   528  C CA  . LYS A 1 86  ? 5.306   -13.572 -2.640  1.00 22.16 ? 82  LYS A CA  1 
ATOM   529  C C   . LYS A 1 86  ? 5.336   -13.469 -1.113  1.00 22.25 ? 82  LYS A C   1 
ATOM   530  O O   . LYS A 1 86  ? 5.172   -12.389 -0.548  1.00 21.35 ? 82  LYS A O   1 
ATOM   531  C CB  . LYS A 1 86  ? 3.966   -14.112 -3.124  1.00 22.75 ? 82  LYS A CB  1 
ATOM   532  C CG  . LYS A 1 86  ? 2.789   -13.206 -2.767  1.00 24.55 ? 82  LYS A CG  1 
ATOM   533  C CD  . LYS A 1 86  ? 1.443   -13.875 -3.017  1.00 28.68 ? 82  LYS A CD  1 
ATOM   534  C CE  . LYS A 1 86  ? 1.181   -14.104 -4.497  1.00 32.22 ? 82  LYS A CE  1 
ATOM   535  N NZ  . LYS A 1 86  ? -0.046  -14.929 -4.700  1.00 33.33 ? 82  LYS A NZ  1 
ATOM   536  N N   . GLU A 1 87  ? 5.555   -14.594 -0.445  1.00 21.84 ? 83  GLU A N   1 
ATOM   537  C CA  . GLU A 1 87  ? 5.680   -14.622 1.006   1.00 22.21 ? 83  GLU A CA  1 
ATOM   538  C C   . GLU A 1 87  ? 6.802   -13.710 1.520   1.00 21.09 ? 83  GLU A C   1 
ATOM   539  O O   . GLU A 1 87  ? 6.603   -12.959 2.483   1.00 20.47 ? 83  GLU A O   1 
ATOM   540  C CB  . GLU A 1 87  ? 5.878   -16.071 1.483   1.00 22.95 ? 83  GLU A CB  1 
ATOM   541  C CG  . GLU A 1 87  ? 4.692   -17.019 1.176   1.00 27.05 ? 83  GLU A CG  1 
ATOM   542  C CD  . GLU A 1 87  ? 4.432   -17.314 -0.327  1.00 31.13 ? 83  GLU A CD  1 
ATOM   543  O OE1 . GLU A 1 87  ? 5.380   -17.391 -1.146  1.00 30.51 ? 83  GLU A OE1 1 
ATOM   544  O OE2 . GLU A 1 87  ? 3.243   -17.491 -0.683  1.00 35.33 ? 83  GLU A OE2 1 
ATOM   545  N N   . GLU A 1 88  ? 7.963   -13.743 0.862   1.00 19.87 ? 84  GLU A N   1 
ATOM   546  C CA  . GLU A 1 88  ? 9.096   -12.892 1.222   1.00 20.04 ? 84  GLU A CA  1 
ATOM   547  C C   . GLU A 1 88  ? 8.783   -11.406 0.972   1.00 18.79 ? 84  GLU A C   1 
ATOM   548  O O   . GLU A 1 88  ? 9.144   -10.540 1.782   1.00 18.90 ? 84  GLU A O   1 
ATOM   549  C CB  . GLU A 1 88  ? 10.366  -13.304 0.455   1.00 20.24 ? 84  GLU A CB  1 
ATOM   550  C CG  . GLU A 1 88  ? 11.022  -14.573 1.012   1.00 22.61 ? 84  GLU A CG  1 
ATOM   551  C CD  . GLU A 1 88  ? 12.049  -15.199 0.074   1.00 23.22 ? 84  GLU A CD  1 
ATOM   552  O OE1 . GLU A 1 88  ? 11.992  -14.956 -1.159  1.00 25.46 ? 84  GLU A OE1 1 
ATOM   553  O OE2 . GLU A 1 88  ? 12.891  -15.976 0.575   1.00 28.40 ? 84  GLU A OE2 1 
ATOM   554  N N   . ALA A 1 89  ? 8.099   -11.133 -0.135  1.00 18.30 ? 85  ALA A N   1 
ATOM   555  C CA  . ALA A 1 89  ? 7.664   -9.766  -0.455  1.00 18.01 ? 85  ALA A CA  1 
ATOM   556  C C   . ALA A 1 89  ? 6.743   -9.239  0.641   1.00 17.74 ? 85  ALA A C   1 
ATOM   557  O O   . ALA A 1 89  ? 6.833   -8.066  1.055   1.00 16.83 ? 85  ALA A O   1 
ATOM   558  C CB  . ALA A 1 89  ? 6.966   -9.743  -1.793  1.00 18.35 ? 85  ALA A CB  1 
ATOM   559  N N   . LEU A 1 90  ? 5.849   -10.105 1.112   1.00 16.97 ? 86  LEU A N   1 
ATOM   560  C CA  . LEU A 1 90  ? 4.877   -9.683  2.123   1.00 16.88 ? 86  LEU A CA  1 
ATOM   561  C C   . LEU A 1 90  ? 5.596   -9.386  3.428   1.00 17.43 ? 86  LEU A C   1 
ATOM   562  O O   . LEU A 1 90  ? 5.253   -8.427  4.107   1.00 16.50 ? 86  LEU A O   1 
ATOM   563  C CB  . LEU A 1 90  ? 3.760   -10.728 2.308   1.00 16.65 ? 86  LEU A CB  1 
ATOM   564  C CG  . LEU A 1 90  ? 2.691   -10.358 3.349   1.00 17.30 ? 86  LEU A CG  1 
ATOM   565  C CD1 . LEU A 1 90  ? 1.991   -9.027  3.012   1.00 17.70 ? 86  LEU A CD1 1 
ATOM   566  C CD2 . LEU A 1 90  ? 1.676   -11.471 3.472   1.00 17.57 ? 86  LEU A CD2 1 
ATOM   567  N N   . GLU A 1 91  ? 6.615   -10.177 3.760   1.00 18.00 ? 87  GLU A N   1 
ATOM   568  C CA  . GLU A 1 91  ? 7.418   -9.909  4.959   1.00 20.05 ? 87  GLU A CA  1 
ATOM   569  C C   . GLU A 1 91  ? 8.121   -8.551  4.879   1.00 18.01 ? 87  GLU A C   1 
ATOM   570  O O   . GLU A 1 91  ? 8.142   -7.793  5.856   1.00 18.53 ? 87  GLU A O   1 
ATOM   571  C CB  . GLU A 1 91  ? 8.386   -11.074 5.247   1.00 20.13 ? 87  GLU A CB  1 
ATOM   572  C CG  . GLU A 1 91  ? 7.626   -12.374 5.634   1.00 25.00 ? 87  GLU A CG  1 
ATOM   573  C CD  . GLU A 1 91  ? 8.447   -13.668 5.507   1.00 26.61 ? 87  GLU A CD  1 
ATOM   574  O OE1 . GLU A 1 91  ? 8.782   -14.098 4.367   1.00 34.39 ? 87  GLU A OE1 1 
ATOM   575  O OE2 . GLU A 1 91  ? 8.735   -14.289 6.559   1.00 34.51 ? 87  GLU A OE2 1 
ATOM   576  N N   . LEU A 1 92  ? 8.661   -8.230  3.704   1.00 17.17 ? 88  LEU A N   1 
ATOM   577  C CA  . LEU A 1 92  ? 9.304   -6.937  3.492   1.00 16.38 ? 88  LEU A CA  1 
ATOM   578  C C   . LEU A 1 92  ? 8.299   -5.796  3.650   1.00 15.47 ? 88  LEU A C   1 
ATOM   579  O O   . LEU A 1 92  ? 8.579   -4.823  4.364   1.00 14.36 ? 88  LEU A O   1 
ATOM   580  C CB  . LEU A 1 92  ? 9.950   -6.874  2.102   1.00 16.70 ? 88  LEU A CB  1 
ATOM   581  C CG  . LEU A 1 92  ? 11.263  -7.661  1.970   1.00 18.01 ? 88  LEU A CG  1 
ATOM   582  C CD1 . LEU A 1 92  ? 11.562  -7.947  0.501   1.00 17.77 ? 88  LEU A CD1 1 
ATOM   583  C CD2 . LEU A 1 92  ? 12.430  -6.924  2.607   1.00 19.28 ? 88  LEU A CD2 1 
ATOM   584  N N   . ILE A 1 93  ? 7.136   -5.925  3.006   1.00 14.37 ? 89  ILE A N   1 
ATOM   585  C CA  . ILE A 1 93  ? 6.049   -4.936  3.153   1.00 14.37 ? 89  ILE A CA  1 
ATOM   586  C C   . ILE A 1 93  ? 5.678   -4.754  4.624   1.00 14.16 ? 89  ILE A C   1 
ATOM   587  O O   . ILE A 1 93  ? 5.549   -3.613  5.112   1.00 13.86 ? 89  ILE A O   1 
ATOM   588  C CB  . ILE A 1 93  ? 4.797   -5.297  2.289   1.00 13.64 ? 89  ILE A CB  1 
ATOM   589  C CG1 . ILE A 1 93  ? 5.086   -5.080  0.787   1.00 15.32 ? 89  ILE A CG1 1 
ATOM   590  C CG2 . ILE A 1 93  ? 3.557   -4.520  2.741   1.00 14.89 ? 89  ILE A CG2 1 
ATOM   591  C CD1 . ILE A 1 93  ? 5.051   -3.622  0.313   1.00 15.07 ? 89  ILE A CD1 1 
ATOM   592  N N   . ASN A 1 94  ? 5.498   -5.866  5.336   1.00 14.72 ? 90  ASN A N   1 
ATOM   593  C CA  . ASN A 1 94  ? 5.092   -5.754  6.745   1.00 14.35 ? 90  ASN A CA  1 
ATOM   594  C C   . ASN A 1 94  ? 6.142   -5.015  7.561   1.00 15.13 ? 90  ASN A C   1 
ATOM   595  O O   . ASN A 1 94  ? 5.794   -4.216  8.430   1.00 14.90 ? 90  ASN A O   1 
ATOM   596  C CB  . ASN A 1 94  ? 4.816   -7.136  7.348   1.00 15.18 ? 90  ASN A CB  1 
ATOM   597  C CG  . ASN A 1 94  ? 3.546   -7.766  6.831   1.00 17.17 ? 90  ASN A CG  1 
ATOM   598  O OD1 . ASN A 1 94  ? 2.626   -7.091  6.383   1.00 22.39 ? 90  ASN A OD1 1 
ATOM   599  N ND2 . ASN A 1 94  ? 3.471   -9.084  6.941   1.00 22.34 ? 90  ASN A ND2 1 
ATOM   600  N N   . GLY A 1 95  ? 7.413   -5.252  7.264   1.00 14.79 ? 91  GLY A N   1 
ATOM   601  C CA  . GLY A 1 95  ? 8.526   -4.583  7.938   1.00 14.15 ? 91  GLY A CA  1 
ATOM   602  C C   . GLY A 1 95  ? 8.517   -3.093  7.663   1.00 14.96 ? 91  GLY A C   1 
ATOM   603  O O   . GLY A 1 95  ? 8.738   -2.277  8.562   1.00 15.09 ? 91  GLY A O   1 
ATOM   604  N N   . TYR A 1 96  ? 8.263   -2.718  6.411   1.00 13.39 ? 92  TYR A N   1 
ATOM   605  C CA  . TYR A 1 96  ? 8.250   -1.306  6.080   1.00 13.22 ? 92  TYR A CA  1 
ATOM   606  C C   . TYR A 1 96  ? 7.083   -0.609  6.795   1.00 12.58 ? 92  TYR A C   1 
ATOM   607  O O   . TYR A 1 96  ? 7.249   0.504   7.304   1.00 12.52 ? 92  TYR A O   1 
ATOM   608  C CB  . TYR A 1 96  ? 8.134   -1.073  4.565   1.00 13.50 ? 92  TYR A CB  1 
ATOM   609  C CG  . TYR A 1 96  ? 9.280   -1.587  3.743   1.00 14.21 ? 92  TYR A CG  1 
ATOM   610  C CD1 . TYR A 1 96  ? 10.595  -1.501  4.191   1.00 15.55 ? 92  TYR A CD1 1 
ATOM   611  C CD2 . TYR A 1 96  ? 9.043   -2.155  2.502   1.00 13.05 ? 92  TYR A CD2 1 
ATOM   612  C CE1 . TYR A 1 96  ? 11.658  -1.976  3.432   1.00 16.15 ? 92  TYR A CE1 1 
ATOM   613  C CE2 . TYR A 1 96  ? 10.106  -2.634  1.721   1.00 14.97 ? 92  TYR A CE2 1 
ATOM   614  C CZ  . TYR A 1 96  ? 11.407  -2.553  2.204   1.00 14.96 ? 92  TYR A CZ  1 
ATOM   615  O OH  . TYR A 1 96  ? 12.468  -3.021  1.460   1.00 17.01 ? 92  TYR A OH  1 
ATOM   616  N N   . ILE A 1 97  ? 5.916   -1.254  6.821   1.00 12.27 ? 93  ILE A N   1 
ATOM   617  C CA  . ILE A 1 97  ? 4.779   -0.732  7.555   1.00 12.91 ? 93  ILE A CA  1 
ATOM   618  C C   . ILE A 1 97  ? 5.126   -0.515  9.029   1.00 13.45 ? 93  ILE A C   1 
ATOM   619  O O   . ILE A 1 97  ? 4.812   0.533   9.600   1.00 13.54 ? 93  ILE A O   1 
ATOM   620  C CB  . ILE A 1 97  ? 3.539   -1.627  7.383   1.00 13.14 ? 93  ILE A CB  1 
ATOM   621  C CG1 . ILE A 1 97  ? 3.033   -1.522  5.942   1.00 14.97 ? 93  ILE A CG1 1 
ATOM   622  C CG2 . ILE A 1 97  ? 2.419   -1.207  8.346   1.00 13.12 ? 93  ILE A CG2 1 
ATOM   623  C CD1 . ILE A 1 97  ? 1.886   -2.485  5.633   1.00 15.81 ? 93  ILE A CD1 1 
ATOM   624  N N   . GLN A 1 98  ? 5.816   -1.475  9.621   1.00 14.58 ? 94  GLN A N   1 
ATOM   625  C CA  . GLN A 1 98  ? 6.204   -1.352  11.023  1.00 15.12 ? 94  GLN A CA  1 
ATOM   626  C C   . GLN A 1 98  ? 7.087   -0.138  11.234  1.00 15.76 ? 94  GLN A C   1 
ATOM   627  O O   . GLN A 1 98  ? 6.853   0.635   12.163  1.00 15.87 ? 94  GLN A O   1 
ATOM   628  C CB  . GLN A 1 98  ? 6.926   -2.609  11.504  1.00 14.99 ? 94  GLN A CB  1 
ATOM   629  C CG  . GLN A 1 98  ? 6.007   -3.778  11.756  1.00 18.23 ? 94  GLN A CG  1 
ATOM   630  C CD  . GLN A 1 98  ? 6.748   -4.989  12.301  1.00 24.10 ? 94  GLN A CD  1 
ATOM   631  O OE1 . GLN A 1 98  ? 7.826   -5.342  11.822  1.00 26.20 ? 94  GLN A OE1 1 
ATOM   632  N NE2 . GLN A 1 98  ? 6.169   -5.626  13.316  1.00 27.01 ? 94  GLN A NE2 1 
ATOM   633  N N   . LYS A 1 99  ? 8.104   0.040   10.387  1.00 14.91 ? 95  LYS A N   1 
ATOM   634  C CA  . LYS A 1 99  ? 9.028   1.175   10.540  1.00 16.57 ? 95  LYS A CA  1 
ATOM   635  C C   . LYS A 1 99  ? 8.333   2.513   10.291  1.00 14.58 ? 95  LYS A C   1 
ATOM   636  O O   . LYS A 1 99  ? 8.618   3.531   10.951  1.00 14.60 ? 95  LYS A O   1 
ATOM   637  C CB  . LYS A 1 99  ? 10.259  0.997   9.628   1.00 17.57 ? 95  LYS A CB  1 
ATOM   638  C CG  . LYS A 1 99  ? 11.158  -0.219  10.017  1.00 21.29 ? 95  LYS A CG  1 
ATOM   639  C CD  . LYS A 1 99  ? 12.475  -0.345  9.205   1.00 22.68 ? 95  LYS A CD  1 
ATOM   640  C CE  . LYS A 1 99  ? 12.827  -1.838  8.910   1.00 27.88 ? 95  LYS A CE  1 
ATOM   641  N NZ  . LYS A 1 99  ? 12.182  -2.400  7.631   1.00 29.08 ? 95  LYS A NZ  1 
ATOM   642  N N   . ILE A 1 100 ? 7.387   2.519   9.353   1.00 13.28 ? 96  ILE A N   1 
ATOM   643  C CA  . ILE A 1 100 ? 6.612   3.730   9.086   1.00 13.59 ? 96  ILE A CA  1 
ATOM   644  C C   . ILE A 1 100 ? 5.724   4.074   10.295  1.00 12.96 ? 96  ILE A C   1 
ATOM   645  O O   . ILE A 1 100 ? 5.650   5.234   10.732  1.00 14.08 ? 96  ILE A O   1 
ATOM   646  C CB  . ILE A 1 100 ? 5.765   3.602   7.804   1.00 13.73 ? 96  ILE A CB  1 
ATOM   647  C CG1 . ILE A 1 100 ? 6.691   3.567   6.590   1.00 12.70 ? 96  ILE A CG1 1 
ATOM   648  C CG2 . ILE A 1 100 ? 4.810   4.773   7.660   1.00 15.57 ? 96  ILE A CG2 1 
ATOM   649  C CD1 . ILE A 1 100 ? 6.037   2.948   5.345   1.00 14.67 ? 96  ILE A CD1 1 
ATOM   650  N N   . LYS A 1 101 ? 5.041   3.069   10.831  1.00 13.11 ? 97  LYS A N   1 
ATOM   651  C CA  . LYS A 1 101 ? 4.115   3.309   11.936  1.00 13.87 ? 97  LYS A CA  1 
ATOM   652  C C   . LYS A 1 101 ? 4.837   3.694   13.212  1.00 14.27 ? 97  LYS A C   1 
ATOM   653  O O   . LYS A 1 101 ? 4.285   4.430   14.017  1.00 14.88 ? 97  LYS A O   1 
ATOM   654  C CB  . LYS A 1 101 ? 3.230   2.095   12.186  1.00 13.15 ? 97  LYS A CB  1 
ATOM   655  C CG  . LYS A 1 101 ? 2.117   1.979   11.172  1.00 14.93 ? 97  LYS A CG  1 
ATOM   656  C CD  . LYS A 1 101 ? 1.089   1.014   11.715  1.00 14.91 ? 97  LYS A CD  1 
ATOM   657  C CE  . LYS A 1 101 ? -0.109  0.986   10.823  1.00 15.06 ? 97  LYS A CE  1 
ATOM   658  N NZ  . LYS A 1 101 ? -1.193  0.120   11.379  1.00 16.14 ? 97  LYS A NZ  1 
ATOM   659  N N   . SER A 1 102 ? 6.037   3.175   13.418  1.00 14.47 ? 98  SER A N   1 
ATOM   660  C CA  . SER A 1 102 ? 6.827   3.538   14.609  1.00 15.46 ? 98  SER A CA  1 
ATOM   661  C C   . SER A 1 102 ? 7.514   4.892   14.485  1.00 16.14 ? 98  SER A C   1 
ATOM   662  O O   . SER A 1 102 ? 8.029   5.440   15.483  1.00 17.45 ? 98  SER A O   1 
ATOM   663  C CB  . SER A 1 102 ? 7.878   2.479   14.868  1.00 16.62 ? 98  SER A CB  1 
ATOM   664  O OG  . SER A 1 102 ? 8.890   2.553   13.886  1.00 16.34 ? 98  SER A OG  1 
ATOM   665  N N   . GLY A 1 103 ? 7.558   5.446   13.281  1.00 15.84 ? 99  GLY A N   1 
ATOM   666  C CA  . GLY A 1 103 ? 8.285   6.695   13.064  1.00 16.78 ? 99  GLY A CA  1 
ATOM   667  C C   . GLY A 1 103 ? 9.770   6.518   12.858  1.00 18.06 ? 99  GLY A C   1 
ATOM   668  O O   . GLY A 1 103 ? 10.491  7.514   12.684  1.00 19.81 ? 99  GLY A O   1 
ATOM   669  N N   . GLU A 1 104 ? 10.242  5.271   12.840  1.00 18.50 ? 100 GLU A N   1 
ATOM   670  C CA  . GLU A 1 104 ? 11.660  4.979   12.618  1.00 21.41 ? 100 GLU A CA  1 
ATOM   671  C C   . GLU A 1 104 ? 12.081  5.384   11.221  1.00 21.09 ? 100 GLU A C   1 
ATOM   672  O O   . GLU A 1 104 ? 13.222  5.815   11.014  1.00 22.34 ? 100 GLU A O   1 
ATOM   673  C CB  . GLU A 1 104 ? 11.953  3.491   12.827  1.00 21.49 ? 100 GLU A CB  1 
ATOM   674  C CG  . GLU A 1 104 ? 11.834  2.988   14.256  1.00 25.07 ? 100 GLU A CG  1 
ATOM   675  C CD  . GLU A 1 104 ? 11.908  1.472   14.327  1.00 25.68 ? 100 GLU A CD  1 
ATOM   676  O OE1 . GLU A 1 104 ? 10.852  0.802   14.234  1.00 29.08 ? 100 GLU A OE1 1 
ATOM   677  O OE2 . GLU A 1 104 ? 13.033  0.949   14.466  1.00 33.35 ? 100 GLU A OE2 1 
ATOM   678  N N   . GLU A 1 105 ? 11.157  5.250   10.268  1.00 20.77 ? 101 GLU A N   1 
ATOM   679  C CA  . GLU A 1 105 ? 11.411  5.609   8.872   1.00 21.59 ? 101 GLU A CA  1 
ATOM   680  C C   . GLU A 1 105 ? 10.195  6.321   8.291   1.00 20.60 ? 101 GLU A C   1 
ATOM   681  O O   . GLU A 1 105 ? 9.081   6.051   8.702   1.00 21.80 ? 101 GLU A O   1 
ATOM   682  C CB  . GLU A 1 105 ? 11.685  4.343   8.042   1.00 22.96 ? 101 GLU A CB  1 
ATOM   683  C CG  . GLU A 1 105 ? 13.022  3.685   8.317   1.00 26.94 ? 101 GLU A CG  1 
ATOM   684  C CD  . GLU A 1 105 ? 14.187  4.394   7.604   1.00 31.71 ? 101 GLU A CD  1 
ATOM   685  O OE1 . GLU A 1 105 ? 14.231  5.645   7.585   1.00 36.07 ? 101 GLU A OE1 1 
ATOM   686  O OE2 . GLU A 1 105 ? 15.067  3.696   7.058   1.00 34.88 ? 101 GLU A OE2 1 
ATOM   687  N N   . ASP A 1 106 ? 10.410  7.242   7.363   1.00 19.68 ? 102 ASP A N   1 
ATOM   688  C CA  . ASP A 1 106 ? 9.320   7.894   6.643   1.00 19.18 ? 102 ASP A CA  1 
ATOM   689  C C   . ASP A 1 106 ? 8.932   7.086   5.412   1.00 16.84 ? 102 ASP A C   1 
ATOM   690  O O   . ASP A 1 106 ? 9.813   6.515   4.744   1.00 16.92 ? 102 ASP A O   1 
ATOM   691  C CB  . ASP A 1 106 ? 9.737   9.294   6.165   1.00 20.89 ? 102 ASP A CB  1 
ATOM   692  C CG  . ASP A 1 106 ? 9.999   10.253  7.301   1.00 24.57 ? 102 ASP A CG  1 
ATOM   693  O OD1 . ASP A 1 106 ? 9.522   10.009  8.435   1.00 28.11 ? 102 ASP A OD1 1 
ATOM   694  O OD2 . ASP A 1 106 ? 10.688  11.263  7.037   1.00 30.43 ? 102 ASP A OD2 1 
ATOM   695  N N   . PHE A 1 107 ? 7.632   7.095   5.109   1.00 15.36 ? 103 PHE A N   1 
ATOM   696  C CA  . PHE A 1 107 ? 7.111   6.443   3.916   1.00 14.63 ? 103 PHE A CA  1 
ATOM   697  C C   . PHE A 1 107 ? 7.904   6.868   2.678   1.00 14.95 ? 103 PHE A C   1 
ATOM   698  O O   . PHE A 1 107 ? 8.326   6.029   1.892   1.00 13.84 ? 103 PHE A O   1 
ATOM   699  C CB  . PHE A 1 107 ? 5.627   6.749   3.735   1.00 15.16 ? 103 PHE A CB  1 
ATOM   700  C CG  . PHE A 1 107 ? 5.102   6.284   2.423   1.00 16.44 ? 103 PHE A CG  1 
ATOM   701  C CD1 . PHE A 1 107 ? 5.270   7.081   1.287   1.00 17.68 ? 103 PHE A CD1 1 
ATOM   702  C CD2 . PHE A 1 107 ? 4.521   5.030   2.290   1.00 18.59 ? 103 PHE A CD2 1 
ATOM   703  C CE1 . PHE A 1 107 ? 4.836   6.661   0.061   1.00 19.38 ? 103 PHE A CE1 1 
ATOM   704  C CE2 . PHE A 1 107 ? 4.078   4.603   1.031   1.00 18.43 ? 103 PHE A CE2 1 
ATOM   705  C CZ  . PHE A 1 107 ? 4.250   5.423   -0.071  1.00 16.99 ? 103 PHE A CZ  1 
ATOM   706  N N   . GLU A 1 108 ? 8.095   8.171   2.522   1.00 15.33 ? 104 GLU A N   1 
ATOM   707  C CA  . GLU A 1 108 ? 8.758   8.721   1.332   1.00 15.29 ? 104 GLU A CA  1 
ATOM   708  C C   . GLU A 1 108 ? 10.167  8.215   1.172   1.00 16.04 ? 104 GLU A C   1 
ATOM   709  O O   . GLU A 1 108 ? 10.603  7.926   0.047   1.00 15.97 ? 104 GLU A O   1 
ATOM   710  C CB  . GLU A 1 108 ? 8.819   10.238  1.425   1.00 16.07 ? 104 GLU A CB  1 
ATOM   711  C CG  . GLU A 1 108 ? 7.475   10.913  1.328   1.00 17.16 ? 104 GLU A CG  1 
ATOM   712  C CD  . GLU A 1 108 ? 6.774   11.085  2.669   1.00 19.25 ? 104 GLU A CD  1 
ATOM   713  O OE1 . GLU A 1 108 ? 7.177   10.449  3.653   1.00 19.31 ? 104 GLU A OE1 1 
ATOM   714  O OE2 . GLU A 1 108 ? 5.816   11.885  2.713   1.00 22.58 ? 104 GLU A OE2 1 
ATOM   715  N N   . SER A 1 109 ? 10.879  8.105   2.279   1.00 16.08 ? 105 SER A N   1 
ATOM   716  C CA  . SER A 1 109 ? 12.256  7.641   2.255   1.00 16.76 ? 105 SER A CA  1 
ATOM   717  C C   . SER A 1 109 ? 12.315  6.167   1.883   1.00 16.16 ? 105 SER A C   1 
ATOM   718  O O   . SER A 1 109 ? 13.160  5.749   1.086   1.00 16.83 ? 105 SER A O   1 
ATOM   719  C CB  . SER A 1 109 ? 12.921  7.859   3.614   1.00 17.59 ? 105 SER A CB  1 
ATOM   720  O OG  . SER A 1 109 ? 14.180  7.228   3.683   1.00 22.05 ? 105 SER A OG  1 
ATOM   721  N N   . LEU A 1 110 ? 11.428  5.367   2.460   1.00 15.09 ? 106 LEU A N   1 
ATOM   722  C CA  . LEU A 1 110 ? 11.384  3.950   2.121   1.00 14.13 ? 106 LEU A CA  1 
ATOM   723  C C   . LEU A 1 110 ? 10.968  3.742   0.658   1.00 13.69 ? 106 LEU A C   1 
ATOM   724  O O   . LEU A 1 110 ? 11.493  2.834   -0.011  1.00 13.81 ? 106 LEU A O   1 
ATOM   725  C CB  . LEU A 1 110 ? 10.454  3.187   3.084   1.00 14.48 ? 106 LEU A CB  1 
ATOM   726  C CG  . LEU A 1 110 ? 10.943  3.127   4.534   1.00 14.45 ? 106 LEU A CG  1 
ATOM   727  C CD1 . LEU A 1 110 ? 9.964   2.314   5.356   1.00 16.60 ? 106 LEU A CD1 1 
ATOM   728  C CD2 . LEU A 1 110 ? 12.321  2.527   4.640   1.00 15.99 ? 106 LEU A CD2 1 
ATOM   729  N N   . ALA A 1 111 ? 10.022  4.536   0.163   1.00 13.32 ? 107 ALA A N   1 
ATOM   730  C CA  . ALA A 1 111 ? 9.595   4.400   -1.241  1.00 13.31 ? 107 ALA A CA  1 
ATOM   731  C C   . ALA A 1 111 ? 10.779  4.710   -2.157  1.00 14.46 ? 107 ALA A C   1 
ATOM   732  O O   . ALA A 1 111 ? 11.047  3.963   -3.104  1.00 13.97 ? 107 ALA A O   1 
ATOM   733  C CB  . ALA A 1 111 ? 8.404   5.290   -1.554  1.00 13.94 ? 107 ALA A CB  1 
ATOM   734  N N   . SER A 1 112 ? 11.525  5.778   -1.861  1.00 13.76 ? 108 SER A N   1 
ATOM   735  C CA  . SER A 1 112 ? 12.645  6.167   -2.738  1.00 15.01 ? 108 SER A CA  1 
ATOM   736  C C   . SER A 1 112 ? 13.708  5.101   -2.805  1.00 15.07 ? 108 SER A C   1 
ATOM   737  O O   . SER A 1 112 ? 14.334  4.870   -3.854  1.00 15.44 ? 108 SER A O   1 
ATOM   738  C CB  . SER A 1 112 ? 13.279  7.463   -2.227  1.00 15.28 ? 108 SER A CB  1 
ATOM   739  O OG  . SER A 1 112 ? 12.322  8.510   -2.295  1.00 17.26 ? 108 SER A OG  1 
ATOM   740  N N   . GLN A 1 113 ? 13.921  4.426   -1.683  1.00 14.75 ? 109 GLN A N   1 
ATOM   741  C CA  . GLN A 1 113 ? 14.999  3.448   -1.574  1.00 15.76 ? 109 GLN A CA  1 
ATOM   742  C C   . GLN A 1 113 ? 14.576  2.070   -2.067  1.00 15.75 ? 109 GLN A C   1 
ATOM   743  O O   . GLN A 1 113 ? 15.396  1.344   -2.633  1.00 17.36 ? 109 GLN A O   1 
ATOM   744  C CB  . GLN A 1 113 ? 15.461  3.332   -0.121  1.00 15.93 ? 109 GLN A CB  1 
ATOM   745  C CG  . GLN A 1 113 ? 16.136  4.592   0.409   1.00 16.83 ? 109 GLN A CG  1 
ATOM   746  C CD  . GLN A 1 113 ? 16.487  4.451   1.880   1.00 20.12 ? 109 GLN A CD  1 
ATOM   747  O OE1 . GLN A 1 113 ? 15.778  4.975   2.761   1.00 24.24 ? 109 GLN A OE1 1 
ATOM   748  N NE2 . GLN A 1 113 ? 17.547  3.712   2.163   1.00 21.67 ? 109 GLN A NE2 1 
ATOM   749  N N   . PHE A 1 114 ? 13.325  1.694   -1.830  1.00 15.08 ? 110 PHE A N   1 
ATOM   750  C CA  . PHE A 1 114 ? 12.940  0.280   -1.891  1.00 15.42 ? 110 PHE A CA  1 
ATOM   751  C C   . PHE A 1 114 ? 11.764  -0.061  -2.781  1.00 15.55 ? 110 PHE A C   1 
ATOM   752  O O   . PHE A 1 114 ? 11.459  -1.252  -2.975  1.00 16.54 ? 110 PHE A O   1 
ATOM   753  C CB  . PHE A 1 114 ? 12.697  -0.282  -0.477  1.00 15.21 ? 110 PHE A CB  1 
ATOM   754  C CG  . PHE A 1 114 ? 13.876  -0.119  0.452   1.00 16.10 ? 110 PHE A CG  1 
ATOM   755  C CD1 . PHE A 1 114 ? 15.115  -0.633  0.103   1.00 19.13 ? 110 PHE A CD1 1 
ATOM   756  C CD2 . PHE A 1 114 ? 13.751  0.567   1.672   1.00 16.66 ? 110 PHE A CD2 1 
ATOM   757  C CE1 . PHE A 1 114 ? 16.227  -0.474  0.936   1.00 18.68 ? 110 PHE A CE1 1 
ATOM   758  C CE2 . PHE A 1 114 ? 14.850  0.724   2.529   1.00 18.17 ? 110 PHE A CE2 1 
ATOM   759  C CZ  . PHE A 1 114 ? 16.097  0.207   2.161   1.00 17.87 ? 110 PHE A CZ  1 
ATOM   760  N N   . SER A 1 115 ? 11.098  0.937   -3.345  1.00 14.44 ? 111 SER A N   1 
ATOM   761  C CA  . SER A 1 115 ? 9.966   0.629   -4.209  1.00 14.79 ? 111 SER A CA  1 
ATOM   762  C C   . SER A 1 115 ? 10.417  0.086   -5.562  1.00 15.80 ? 111 SER A C   1 
ATOM   763  O O   . SER A 1 115 ? 11.288  0.678   -6.209  1.00 15.97 ? 111 SER A O   1 
ATOM   764  C CB  . SER A 1 115 ? 9.048   1.828   -4.421  1.00 14.13 ? 111 SER A CB  1 
ATOM   765  O OG  . SER A 1 115 ? 7.946   1.460   -5.230  1.00 14.28 ? 111 SER A OG  1 
ATOM   766  N N   . ASP A 1 116 ? 9.810   -1.024  -5.966  1.00 15.75 ? 112 ASP A N   1 
ATOM   767  C CA  . ASP A 1 116 ? 10.091  -1.651  -7.276  1.00 16.86 ? 112 ASP A CA  1 
ATOM   768  C C   . ASP A 1 116 ? 9.301   -1.017  -8.410  1.00 18.51 ? 112 ASP A C   1 
ATOM   769  O O   . ASP A 1 116 ? 8.882   -1.698  -9.352  1.00 20.26 ? 112 ASP A O   1 
ATOM   770  C CB  . ASP A 1 116 ? 9.777   -3.156  -7.224  1.00 16.23 ? 112 ASP A CB  1 
ATOM   771  C CG  . ASP A 1 116 ? 10.876  -3.975  -6.534  1.00 16.68 ? 112 ASP A CG  1 
ATOM   772  O OD1 . ASP A 1 116 ? 12.082  -3.794  -6.841  1.00 17.09 ? 112 ASP A OD1 1 
ATOM   773  O OD2 . ASP A 1 116 ? 10.540  -4.828  -5.673  1.00 16.29 ? 112 ASP A OD2 1 
ATOM   774  N N   . CYS A 1 117 ? 9.063   0.283   -8.295  1.00 20.26 ? 113 CYS A N   1 
ATOM   775  C CA  . CYS A 1 117 ? 8.345   1.067   -9.297  1.00 19.79 ? 113 CYS A CA  1 
ATOM   776  C C   . CYS A 1 117 ? 9.223   2.269   -9.622  1.00 20.46 ? 113 CYS A C   1 
ATOM   777  O O   . CYS A 1 117 ? 9.937   2.766   -8.753  1.00 20.38 ? 113 CYS A O   1 
ATOM   778  C CB  . CYS A 1 117 ? 6.983   1.525   -8.763  1.00 19.95 ? 113 CYS A CB  1 
ATOM   779  S SG  . CYS A 1 117 ? 5.887   2.411   -9.920  1.00 22.25 ? 113 CYS A SG  1 
ATOM   780  N N   . SER A 1 118 ? 9.218   2.708   -10.877 1.00 20.52 ? 114 SER A N   1 
ATOM   781  C CA  . SER A 1 118 ? 9.975   3.908   -11.249 1.00 20.45 ? 114 SER A CA  1 
ATOM   782  C C   . SER A 1 118 ? 9.472   5.166   -10.526 1.00 19.16 ? 114 SER A C   1 
ATOM   783  O O   . SER A 1 118 ? 10.207  6.157   -10.433 1.00 19.53 ? 114 SER A O   1 
ATOM   784  C CB  . SER A 1 118 ? 9.951   4.131   -12.767 1.00 22.02 ? 114 SER A CB  1 
ATOM   785  O OG  . SER A 1 118 ? 8.633   4.217   -13.253 1.00 25.68 ? 114 SER A OG  1 
ATOM   786  N N   . SER A 1 119 ? 8.235   5.120   -10.011 1.00 16.71 ? 115 SER A N   1 
ATOM   787  C CA  . SER A 1 119 ? 7.732   6.220   -9.180  1.00 15.56 ? 115 SER A CA  1 
ATOM   788  C C   . SER A 1 119 ? 8.594   6.408   -7.921  1.00 14.81 ? 115 SER A C   1 
ATOM   789  O O   . SER A 1 119 ? 8.453   7.445   -7.267  1.00 13.81 ? 115 SER A O   1 
ATOM   790  C CB  . SER A 1 119 ? 6.283   5.998   -8.793  1.00 16.63 ? 115 SER A CB  1 
ATOM   791  O OG  . SER A 1 119 ? 6.168   4.770   -8.093  1.00 17.32 ? 115 SER A OG  1 
ATOM   792  N N   . ALA A 1 120 ? 9.455   5.442   -7.581  1.00 13.78 ? 116 ALA A N   1 
ATOM   793  C CA  . ALA A 1 120 ? 10.413  5.594   -6.473  1.00 13.54 ? 116 ALA A CA  1 
ATOM   794  C C   . ALA A 1 120 ? 11.185  6.916   -6.564  1.00 14.11 ? 116 ALA A C   1 
ATOM   795  O O   . ALA A 1 120 ? 11.467  7.550   -5.541  1.00 14.46 ? 116 ALA A O   1 
ATOM   796  C CB  . ALA A 1 120 ? 11.383  4.406   -6.407  1.00 13.16 ? 116 ALA A CB  1 
ATOM   797  N N   . LYS A 1 121 ? 11.518  7.316   -7.795  1.00 14.64 ? 117 LYS A N   1 
ATOM   798  C CA  . LYS A 1 121 ? 12.294  8.534   -8.047  1.00 15.43 ? 117 LYS A CA  1 
ATOM   799  C C   . LYS A 1 121 ? 11.556  9.816   -7.681  1.00 15.40 ? 117 LYS A C   1 
ATOM   800  O O   . LYS A 1 121 ? 12.190  10.867  -7.548  1.00 15.83 ? 117 LYS A O   1 
ATOM   801  C CB  . LYS A 1 121 ? 12.701  8.585   -9.523  1.00 16.02 ? 117 LYS A CB  1 
ATOM   802  C CG  . LYS A 1 121 ? 13.554  7.430   -9.978  1.00 21.99 ? 117 LYS A CG  1 
ATOM   803  C CD  . LYS A 1 121 ? 14.894  7.409   -9.320  1.00 26.36 ? 117 LYS A CD  1 
ATOM   804  C CE  . LYS A 1 121 ? 15.685  6.174   -9.735  1.00 28.30 ? 117 LYS A CE  1 
ATOM   805  N NZ  . LYS A 1 121 ? 15.596  5.105   -8.710  1.00 25.80 ? 117 LYS A NZ  1 
ATOM   806  N N   . ALA A 1 122 ? 10.233  9.718   -7.537  1.00 14.67 ? 118 ALA A N   1 
ATOM   807  C CA  . ALA A 1 122 ? 9.396   10.810  -7.078  1.00 14.70 ? 118 ALA A CA  1 
ATOM   808  C C   . ALA A 1 122 ? 8.830   10.516  -5.678  1.00 14.39 ? 118 ALA A C   1 
ATOM   809  O O   . ALA A 1 122 ? 7.691   10.860  -5.390  1.00 13.51 ? 118 ALA A O   1 
ATOM   810  C CB  . ALA A 1 122 ? 8.257   11.065  -8.079  1.00 15.08 ? 118 ALA A CB  1 
ATOM   811  N N   . ARG A 1 123 ? 9.612   9.824   -4.844  1.00 14.32 ? 119 ARG A N   1 
ATOM   812  C CA  . ARG A 1 123 ? 9.223   9.478   -3.458  1.00 15.10 ? 119 ARG A CA  1 
ATOM   813  C C   . ARG A 1 123 ? 7.919   8.672   -3.433  1.00 15.24 ? 119 ARG A C   1 
ATOM   814  O O   . ARG A 1 123 ? 7.154   8.725   -2.469  1.00 15.42 ? 119 ARG A O   1 
ATOM   815  C CB  . ARG A 1 123 ? 9.097   10.742  -2.607  1.00 15.85 ? 119 ARG A CB  1 
ATOM   816  C CG  . ARG A 1 123 ? 10.366  11.538  -2.539  1.00 18.05 ? 119 ARG A CG  1 
ATOM   817  C CD  . ARG A 1 123 ? 10.082  12.910  -1.923  1.00 21.85 ? 119 ARG A CD  1 
ATOM   818  N NE  . ARG A 1 123 ? 10.357  12.889  -0.499  1.00 27.05 ? 119 ARG A NE  1 
ATOM   819  C CZ  . ARG A 1 123 ? 9.725   13.629  0.420   1.00 28.49 ? 119 ARG A CZ  1 
ATOM   820  N NH1 . ARG A 1 123 ? 8.734   14.447  0.084   1.00 28.00 ? 119 ARG A NH1 1 
ATOM   821  N NH2 . ARG A 1 123 ? 10.088  13.531  1.694   1.00 28.64 ? 119 ARG A NH2 1 
ATOM   822  N N   . GLY A 1 124 ? 7.675   7.938   -4.518  1.00 13.90 ? 120 GLY A N   1 
ATOM   823  C CA  . GLY A 1 124 ? 6.486   7.098   -4.652  1.00 14.01 ? 120 GLY A CA  1 
ATOM   824  C C   . GLY A 1 124 ? 5.253   7.752   -5.221  1.00 14.72 ? 120 GLY A C   1 
ATOM   825  O O   . GLY A 1 124 ? 4.252   7.087   -5.460  1.00 14.59 ? 120 GLY A O   1 
ATOM   826  N N   . ASP A 1 125 ? 5.314   9.062   -5.457  1.00 14.24 ? 121 ASP A N   1 
ATOM   827  C CA  . ASP A 1 125 ? 4.144   9.795   -5.910  1.00 15.15 ? 121 ASP A CA  1 
ATOM   828  C C   . ASP A 1 125 ? 3.729   9.359   -7.304  1.00 15.61 ? 121 ASP A C   1 
ATOM   829  O O   . ASP A 1 125 ? 4.606   9.240   -8.200  1.00 17.26 ? 121 ASP A O   1 
ATOM   830  C CB  . ASP A 1 125 ? 4.447   11.300  -5.934  1.00 15.73 ? 121 ASP A CB  1 
ATOM   831  C CG  . ASP A 1 125 ? 3.286   12.130  -6.455  1.00 17.12 ? 121 ASP A CG  1 
ATOM   832  O OD1 . ASP A 1 125 ? 2.107   11.881  -6.091  1.00 17.37 ? 121 ASP A OD1 1 
ATOM   833  O OD2 . ASP A 1 125 ? 3.562   13.095  -7.227  1.00 20.42 ? 121 ASP A OD2 1 
ATOM   834  N N   . LEU A 1 126 ? 2.434   9.082   -7.461  1.00 16.87 ? 122 LEU A N   1 
ATOM   835  C CA  . LEU A 1 126 ? 1.852   8.717   -8.762  1.00 17.90 ? 122 LEU A CA  1 
ATOM   836  C C   . LEU A 1 126 ? 1.073   9.851   -9.400  1.00 19.30 ? 122 LEU A C   1 
ATOM   837  O O   . LEU A 1 126 ? 0.687   9.747   -10.564 1.00 21.00 ? 122 LEU A O   1 
ATOM   838  C CB  . LEU A 1 126 ? 0.914   7.517   -8.611  1.00 17.53 ? 122 LEU A CB  1 
ATOM   839  C CG  . LEU A 1 126 ? 1.600   6.214   -8.240  1.00 17.47 ? 122 LEU A CG  1 
ATOM   840  C CD1 . LEU A 1 126 ? 0.539   5.254   -7.753  1.00 19.18 ? 122 LEU A CD1 1 
ATOM   841  C CD2 . LEU A 1 126 ? 2.381   5.644   -9.422  1.00 18.32 ? 122 LEU A CD2 1 
ATOM   842  N N   . GLY A 1 127 ? 0.844   10.923  -8.648  1.00 20.11 ? 123 GLY A N   1 
ATOM   843  C CA  . GLY A 1 127 ? -0.047  11.992  -9.076  1.00 20.60 ? 123 GLY A CA  1 
ATOM   844  C C   . GLY A 1 127 ? -1.509  11.654  -8.871  1.00 21.32 ? 123 GLY A C   1 
ATOM   845  O O   . GLY A 1 127 ? -1.853  10.662  -8.199  1.00 21.41 ? 123 GLY A O   1 
ATOM   846  N N   . ALA A 1 128 ? -2.386  12.479  -9.435  1.00 21.87 ? 124 ALA A N   1 
ATOM   847  C CA  . ALA A 1 128 ? -3.826  12.313  -9.252  1.00 22.47 ? 124 ALA A CA  1 
ATOM   848  C C   . ALA A 1 128 ? -4.420  11.366  -10.292 1.00 23.18 ? 124 ALA A C   1 
ATOM   849  O O   . ALA A 1 128 ? -3.938  11.304  -11.421 1.00 24.01 ? 124 ALA A O   1 
ATOM   850  C CB  . ALA A 1 128 ? -4.526  13.666  -9.287  1.00 23.03 ? 124 ALA A CB  1 
ATOM   851  N N   . PHE A 1 129 ? -5.440  10.608  -9.892  1.00 23.17 ? 125 PHE A N   1 
ATOM   852  C CA  . PHE A 1 129 ? -6.140  9.693   -10.802 1.00 23.77 ? 125 PHE A CA  1 
ATOM   853  C C   . PHE A 1 129 ? -7.591  9.523   -10.379 1.00 24.18 ? 125 PHE A C   1 
ATOM   854  O O   . PHE A 1 129 ? -7.947  9.768   -9.229  1.00 24.61 ? 125 PHE A O   1 
ATOM   855  C CB  . PHE A 1 129 ? -5.428  8.336   -10.917 1.00 23.76 ? 125 PHE A CB  1 
ATOM   856  C CG  . PHE A 1 129 ? -5.184  7.655   -9.589  1.00 23.19 ? 125 PHE A CG  1 
ATOM   857  C CD1 . PHE A 1 129 ? -4.010  7.895   -8.878  1.00 25.03 ? 125 PHE A CD1 1 
ATOM   858  C CD2 . PHE A 1 129 ? -6.121  6.770   -9.056  1.00 24.08 ? 125 PHE A CD2 1 
ATOM   859  C CE1 . PHE A 1 129 ? -3.778  7.276   -7.644  1.00 23.99 ? 125 PHE A CE1 1 
ATOM   860  C CE2 . PHE A 1 129 ? -5.891  6.145   -7.823  1.00 22.43 ? 125 PHE A CE2 1 
ATOM   861  C CZ  . PHE A 1 129 ? -4.718  6.402   -7.123  1.00 23.38 ? 125 PHE A CZ  1 
ATOM   862  N N   . SER A 1 130 ? -8.444  9.146   -11.331 1.00 24.88 ? 126 SER A N   1 
ATOM   863  C CA  . SER A 1 130 ? -9.863  8.909   -11.057 1.00 25.47 ? 126 SER A CA  1 
ATOM   864  C C   . SER A 1 130 ? -10.097 7.400   -11.115 1.00 25.18 ? 126 SER A C   1 
ATOM   865  O O   . SER A 1 130 ? -9.193  6.638   -11.458 1.00 24.75 ? 126 SER A O   1 
ATOM   866  C CB  . SER A 1 130 ? -10.746 9.628   -12.092 1.00 26.29 ? 126 SER A CB  1 
ATOM   867  O OG  . SER A 1 130 ? -10.506 9.092   -13.376 1.00 27.91 ? 126 SER A OG  1 
ATOM   868  N N   . ARG A 1 131 ? -11.305 6.959   -10.783 1.00 25.17 ? 127 ARG A N   1 
ATOM   869  C CA  . ARG A 1 131 ? -11.648 5.551   -10.989 1.00 25.22 ? 127 ARG A CA  1 
ATOM   870  C C   . ARG A 1 131 ? -11.619 5.189   -12.476 1.00 25.60 ? 127 ARG A C   1 
ATOM   871  O O   . ARG A 1 131 ? -11.883 6.041   -13.335 1.00 27.07 ? 127 ARG A O   1 
ATOM   872  C CB  . ARG A 1 131 ? -13.009 5.227   -10.392 1.00 25.03 ? 127 ARG A CB  1 
ATOM   873  C CG  . ARG A 1 131 ? -13.036 5.255   -8.872  1.00 24.40 ? 127 ARG A CG  1 
ATOM   874  C CD  . ARG A 1 131 ? -14.277 4.562   -8.393  1.00 24.05 ? 127 ARG A CD  1 
ATOM   875  N NE  . ARG A 1 131 ? -14.388 4.441   -6.935  1.00 23.08 ? 127 ARG A NE  1 
ATOM   876  C CZ  . ARG A 1 131 ? -13.947 3.402   -6.220  1.00 20.87 ? 127 ARG A CZ  1 
ATOM   877  N NH1 . ARG A 1 131 ? -13.307 2.400   -6.810  1.00 18.58 ? 127 ARG A NH1 1 
ATOM   878  N NH2 . ARG A 1 131 ? -14.136 3.384   -4.906  1.00 21.47 ? 127 ARG A NH2 1 
ATOM   879  N N   . GLY A 1 132 ? -11.270 3.941   -12.771 1.00 25.97 ? 128 GLY A N   1 
ATOM   880  C CA  . GLY A 1 132 ? -11.187 3.467   -14.152 1.00 26.40 ? 128 GLY A CA  1 
ATOM   881  C C   . GLY A 1 132 ? -9.828  3.699   -14.786 1.00 26.62 ? 128 GLY A C   1 
ATOM   882  O O   . GLY A 1 132 ? -9.719  3.744   -16.016 1.00 27.31 ? 128 GLY A O   1 
ATOM   883  N N   . GLN A 1 133 ? -8.787  3.840   -13.957 1.00 25.29 ? 129 GLN A N   1 
ATOM   884  C CA  . GLN A 1 133 ? -7.422  4.019   -14.452 1.00 24.67 ? 129 GLN A CA  1 
ATOM   885  C C   . GLN A 1 133 ? -6.422  3.013   -13.908 1.00 24.21 ? 129 GLN A C   1 
ATOM   886  O O   . GLN A 1 133 ? -5.531  2.604   -14.624 1.00 23.90 ? 129 GLN A O   1 
ATOM   887  C CB  . GLN A 1 133 ? -6.898  5.427   -14.140 1.00 25.12 ? 129 GLN A CB  1 
ATOM   888  C CG  . GLN A 1 133 ? -7.703  6.557   -14.756 1.00 25.70 ? 129 GLN A CG  1 
ATOM   889  C CD  . GLN A 1 133 ? -6.926  7.848   -14.769 1.00 27.61 ? 129 GLN A CD  1 
ATOM   890  O OE1 . GLN A 1 133 ? -7.187  8.757   -13.985 1.00 27.51 ? 129 GLN A OE1 1 
ATOM   891  N NE2 . GLN A 1 133 ? -5.964  7.939   -15.680 1.00 30.06 ? 129 GLN A NE2 1 
ATOM   892  N N   . MET A 1 134 ? -6.564  2.642   -12.633 1.00 23.40 ? 130 MET A N   1 
ATOM   893  C CA  . MET A 1 134 ? -5.583  1.790   -11.949 1.00 23.16 ? 130 MET A CA  1 
ATOM   894  C C   . MET A 1 134 ? -6.034  0.332   -11.885 1.00 22.12 ? 130 MET A C   1 
ATOM   895  O O   . MET A 1 134 ? -7.222  0.062   -12.014 1.00 23.48 ? 130 MET A O   1 
ATOM   896  C CB  . MET A 1 134 ? -5.355  2.303   -10.518 1.00 23.53 ? 130 MET A CB  1 
ATOM   897  C CG  . MET A 1 134 ? -4.838  3.744   -10.398 1.00 24.28 ? 130 MET A CG  1 
ATOM   898  S SD  . MET A 1 134 ? -3.390  4.037   -11.420 1.00 28.48 ? 130 MET A SD  1 
ATOM   899  C CE  . MET A 1 134 ? -2.475  5.233   -10.449 1.00 27.95 ? 130 MET A CE  1 
ATOM   900  N N   . GLN A 1 135 ? -5.101  -0.591  -11.696 1.00 21.72 ? 131 GLN A N   1 
ATOM   901  C CA  . GLN A 1 135 ? -5.471  -1.975  -11.352 1.00 21.79 ? 131 GLN A CA  1 
ATOM   902  C C   . GLN A 1 135 ? -6.448  -1.945  -10.180 1.00 21.46 ? 131 GLN A C   1 
ATOM   903  O O   . GLN A 1 135 ? -6.275  -1.186  -9.219  1.00 20.87 ? 131 GLN A O   1 
ATOM   904  C CB  . GLN A 1 135 ? -4.246  -2.808  -11.007 1.00 21.81 ? 131 GLN A CB  1 
ATOM   905  C CG  . GLN A 1 135 ? -3.292  -3.033  -12.195 1.00 22.58 ? 131 GLN A CG  1 
ATOM   906  C CD  . GLN A 1 135 ? -2.022  -3.793  -11.830 1.00 23.46 ? 131 GLN A CD  1 
ATOM   907  O OE1 . GLN A 1 135 ? -1.582  -4.667  -12.570 1.00 29.04 ? 131 GLN A OE1 1 
ATOM   908  N NE2 . GLN A 1 135 ? -1.417  -3.448  -10.703 1.00 22.76 ? 131 GLN A NE2 1 
ATOM   909  N N   . LYS A 1 136 ? -7.469  -2.787  -10.245 1.00 20.29 ? 132 LYS A N   1 
ATOM   910  C CA  . LYS A 1 136 ? -8.628  -2.641  -9.391  1.00 19.66 ? 132 LYS A CA  1 
ATOM   911  C C   . LYS A 1 136 ? -8.374  -2.659  -7.854  1.00 18.61 ? 132 LYS A C   1 
ATOM   912  O O   . LYS A 1 136 ? -8.933  -1.825  -7.147  1.00 19.95 ? 132 LYS A O   1 
ATOM   913  C CB  . LYS A 1 136 ? -9.702  -3.669  -9.791  1.00 20.62 ? 132 LYS A CB  1 
ATOM   914  C CG  . LYS A 1 136 ? -11.029 -3.473  -9.112  1.00 20.76 ? 132 LYS A CG  1 
ATOM   915  C CD  . LYS A 1 136 ? -11.656 -2.125  -9.345  1.00 22.86 ? 132 LYS A CD  1 
ATOM   916  C CE  . LYS A 1 136 ? -13.097 -2.153  -8.852  1.00 25.28 ? 132 LYS A CE  1 
ATOM   917  N NZ  . LYS A 1 136 ? -13.684 -0.849  -8.431  1.00 25.99 ? 132 LYS A NZ  1 
ATOM   918  N N   . PRO A 1 137 ? -7.557  -3.609  -7.353  1.00 19.28 ? 133 PRO A N   1 
ATOM   919  C CA  . PRO A 1 137 ? -7.337  -3.569  -5.901  1.00 18.43 ? 133 PRO A CA  1 
ATOM   920  C C   . PRO A 1 137 ? -6.675  -2.250  -5.482  1.00 17.88 ? 133 PRO A C   1 
ATOM   921  O O   . PRO A 1 137 ? -6.939  -1.737  -4.396  1.00 17.08 ? 133 PRO A O   1 
ATOM   922  C CB  . PRO A 1 137 ? -6.381  -4.741  -5.655  1.00 18.47 ? 133 PRO A CB  1 
ATOM   923  C CG  . PRO A 1 137 ? -6.572  -5.662  -6.842  1.00 19.69 ? 133 PRO A CG  1 
ATOM   924  C CD  . PRO A 1 137 ? -6.806  -4.705  -7.989  1.00 19.64 ? 133 PRO A CD  1 
ATOM   925  N N   . PHE A 1 138 ? -5.803  -1.730  -6.342  1.00 16.91 ? 134 PHE A N   1 
ATOM   926  C CA  . PHE A 1 138 ? -5.116  -0.468  -6.061  1.00 16.64 ? 134 PHE A CA  1 
ATOM   927  C C   . PHE A 1 138 ? -6.089  0.711   -6.076  1.00 17.35 ? 134 PHE A C   1 
ATOM   928  O O   . PHE A 1 138 ? -6.095  1.552   -5.178  1.00 17.68 ? 134 PHE A O   1 
ATOM   929  C CB  . PHE A 1 138 ? -3.982  -0.269  -7.052  1.00 16.99 ? 134 PHE A CB  1 
ATOM   930  C CG  . PHE A 1 138 ? -3.046  0.857   -6.690  1.00 15.20 ? 134 PHE A CG  1 
ATOM   931  C CD1 . PHE A 1 138 ? -3.414  2.180   -6.931  1.00 16.44 ? 134 PHE A CD1 1 
ATOM   932  C CD2 . PHE A 1 138 ? -1.804  0.589   -6.128  1.00 16.24 ? 134 PHE A CD2 1 
ATOM   933  C CE1 . PHE A 1 138 ? -2.557  3.213   -6.588  1.00 17.42 ? 134 PHE A CE1 1 
ATOM   934  C CE2 . PHE A 1 138 ? -0.927  1.623   -5.796  1.00 16.20 ? 134 PHE A CE2 1 
ATOM   935  C CZ  . PHE A 1 138 ? -1.314  2.932   -6.030  1.00 17.11 ? 134 PHE A CZ  1 
ATOM   936  N N   . GLU A 1 139 ? -6.940  0.794   -7.098  1.00 16.82 ? 135 GLU A N   1 
ATOM   937  C CA  . GLU A 1 139 ? -7.984  1.808   -7.109  1.00 17.01 ? 135 GLU A CA  1 
ATOM   938  C C   . GLU A 1 139 ? -8.889  1.810   -5.864  1.00 16.46 ? 135 GLU A C   1 
ATOM   939  O O   . GLU A 1 139 ? -9.143  2.857   -5.252  1.00 16.98 ? 135 GLU A O   1 
ATOM   940  C CB  . GLU A 1 139 ? -8.849  1.648   -8.366  1.00 18.05 ? 135 GLU A CB  1 
ATOM   941  C CG  . GLU A 1 139 ? -10.110 2.466   -8.343  1.00 19.54 ? 135 GLU A CG  1 
ATOM   942  C CD  . GLU A 1 139 ? -10.979 2.162   -9.549  1.00 22.37 ? 135 GLU A CD  1 
ATOM   943  O OE1 . GLU A 1 139 ? -10.420 2.178   -10.669 1.00 23.36 ? 135 GLU A OE1 1 
ATOM   944  O OE2 . GLU A 1 139 ? -12.186 1.894   -9.356  1.00 22.28 ? 135 GLU A OE2 1 
ATOM   945  N N   . ASP A 1 140 ? -9.410  0.627   -5.536  1.00 16.86 ? 136 ASP A N   1 
ATOM   946  C CA  . ASP A 1 140 ? -10.353 0.502   -4.456  1.00 15.82 ? 136 ASP A CA  1 
ATOM   947  C C   . ASP A 1 140 ? -9.740  0.917   -3.117  1.00 14.89 ? 136 ASP A C   1 
ATOM   948  O O   . ASP A 1 140 ? -10.375 1.639   -2.343  1.00 16.09 ? 136 ASP A O   1 
ATOM   949  C CB  . ASP A 1 140 ? -10.886 -0.932  -4.391  1.00 16.98 ? 136 ASP A CB  1 
ATOM   950  C CG  . ASP A 1 140 ? -11.981 -1.193  -5.420  1.00 20.25 ? 136 ASP A CG  1 
ATOM   951  O OD1 . ASP A 1 140 ? -12.436 -0.228  -6.081  1.00 21.85 ? 136 ASP A OD1 1 
ATOM   952  O OD2 . ASP A 1 140 ? -12.381 -2.374  -5.552  1.00 21.53 ? 136 ASP A OD2 1 
ATOM   953  N N   . ALA A 1 141 ? -8.511  0.465   -2.885  1.00 14.94 ? 137 ALA A N   1 
ATOM   954  C CA  . ALA A 1 141 ? -7.793  0.893   -1.677  1.00 14.44 ? 137 ALA A CA  1 
ATOM   955  C C   . ALA A 1 141 ? -7.602  2.413   -1.657  1.00 14.26 ? 137 ALA A C   1 
ATOM   956  O O   . ALA A 1 141 ? -7.902  3.070   -0.667  1.00 14.56 ? 137 ALA A O   1 
ATOM   957  C CB  . ALA A 1 141 ? -6.470  0.176   -1.564  1.00 13.60 ? 137 ALA A CB  1 
ATOM   958  N N   . SER A 1 142 ? -7.165  2.977   -2.787  1.00 14.96 ? 138 SER A N   1 
ATOM   959  C CA  . SER A 1 142 ? -6.875  4.399   -2.848  1.00 14.81 ? 138 SER A CA  1 
ATOM   960  C C   . SER A 1 142 ? -8.097  5.247   -2.549  1.00 15.88 ? 138 SER A C   1 
ATOM   961  O O   . SER A 1 142 ? -8.009  6.242   -1.855  1.00 16.70 ? 138 SER A O   1 
ATOM   962  C CB  . SER A 1 142 ? -6.369  4.774   -4.236  1.00 14.75 ? 138 SER A CB  1 
ATOM   963  O OG  . SER A 1 142 ? -5.154  4.168   -4.504  1.00 14.68 ? 138 SER A OG  1 
ATOM   964  N N   . PHE A 1 143 ? -9.247  4.856   -3.095  1.00 16.72 ? 139 PHE A N   1 
ATOM   965  C CA  . PHE A 1 143 ? -10.478 5.609   -2.895  1.00 17.60 ? 139 PHE A CA  1 
ATOM   966  C C   . PHE A 1 143 ? -11.150 5.382   -1.532  1.00 17.78 ? 139 PHE A C   1 
ATOM   967  O O   . PHE A 1 143 ? -12.009 6.166   -1.114  1.00 19.55 ? 139 PHE A O   1 
ATOM   968  C CB  . PHE A 1 143 ? -11.454 5.370   -4.080  1.00 18.38 ? 139 PHE A CB  1 
ATOM   969  C CG  . PHE A 1 143 ? -11.149 6.239   -5.289  1.00 19.12 ? 139 PHE A CG  1 
ATOM   970  C CD1 . PHE A 1 143 ? -10.238 5.811   -6.239  1.00 19.49 ? 139 PHE A CD1 1 
ATOM   971  C CD2 . PHE A 1 143 ? -11.733 7.502   -5.425  1.00 20.00 ? 139 PHE A CD2 1 
ATOM   972  C CE1 . PHE A 1 143 ? -9.920  6.620   -7.351  1.00 19.87 ? 139 PHE A CE1 1 
ATOM   973  C CE2 . PHE A 1 143 ? -11.412 8.319   -6.513  1.00 21.22 ? 139 PHE A CE2 1 
ATOM   974  C CZ  . PHE A 1 143 ? -10.513 7.872   -7.475  1.00 19.46 ? 139 PHE A CZ  1 
ATOM   975  N N   . ALA A 1 144 ? -10.755 4.310   -0.839  1.00 17.27 ? 140 ALA A N   1 
ATOM   976  C CA  . ALA A 1 144 ? -11.286 4.034   0.496   1.00 17.58 ? 140 ALA A CA  1 
ATOM   977  C C   . ALA A 1 144 ? -10.440 4.669   1.605   1.00 17.69 ? 140 ALA A C   1 
ATOM   978  O O   . ALA A 1 144 ? -10.895 4.801   2.741   1.00 17.94 ? 140 ALA A O   1 
ATOM   979  C CB  . ALA A 1 144 ? -11.422 2.535   0.714   1.00 17.44 ? 140 ALA A CB  1 
ATOM   980  N N   . LEU A 1 145 ? -9.215  5.062   1.270   1.00 17.13 ? 141 LEU A N   1 
ATOM   981  C CA  . LEU A 1 145 ? -8.391  5.849   2.196   1.00 18.03 ? 141 LEU A CA  1 
ATOM   982  C C   . LEU A 1 145 ? -8.920  7.265   2.303   1.00 19.69 ? 141 LEU A C   1 
ATOM   983  O O   . LEU A 1 145 ? -9.408  7.828   1.324   1.00 20.50 ? 141 LEU A O   1 
ATOM   984  C CB  . LEU A 1 145 ? -6.936  5.910   1.699   1.00 17.10 ? 141 LEU A CB  1 
ATOM   985  C CG  . LEU A 1 145 ? -6.138  4.600   1.685   1.00 16.55 ? 141 LEU A CG  1 
ATOM   986  C CD1 . LEU A 1 145 ? -4.822  4.733   0.934   1.00 14.95 ? 141 LEU A CD1 1 
ATOM   987  C CD2 . LEU A 1 145 ? -5.876  4.125   3.118   1.00 15.01 ? 141 LEU A CD2 1 
ATOM   988  N N   . ARG A 1 146 ? -8.825  7.843   3.494   1.00 21.60 ? 142 ARG A N   1 
ATOM   989  C CA  . ARG A 1 146 ? -9.034  9.272   3.597   1.00 22.84 ? 142 ARG A CA  1 
ATOM   990  C C   . ARG A 1 146 ? -7.710  9.987   3.406   1.00 22.37 ? 142 ARG A C   1 
ATOM   991  O O   . ARG A 1 146 ? -6.645  9.369   3.480   1.00 20.18 ? 142 ARG A O   1 
ATOM   992  C CB  . ARG A 1 146 ? -9.707  9.653   4.911   1.00 24.75 ? 142 ARG A CB  1 
ATOM   993  C CG  . ARG A 1 146 ? -11.224 9.536   4.828   1.00 28.37 ? 142 ARG A CG  1 
ATOM   994  C CD  . ARG A 1 146 ? -11.804 9.105   6.155   1.00 34.05 ? 142 ARG A CD  1 
ATOM   995  N NE  . ARG A 1 146 ? -11.138 7.914   6.688   1.00 37.19 ? 142 ARG A NE  1 
ATOM   996  C CZ  . ARG A 1 146 ? -11.500 7.303   7.815   1.00 38.46 ? 142 ARG A CZ  1 
ATOM   997  N NH1 . ARG A 1 146 ? -12.535 7.754   8.510   1.00 40.64 ? 142 ARG A NH1 1 
ATOM   998  N NH2 . ARG A 1 146 ? -10.846 6.229   8.239   1.00 39.79 ? 142 ARG A NH2 1 
ATOM   999  N N   . THR A 1 147 ? -7.776  11.286  3.131   1.00 22.78 ? 143 THR A N   1 
ATOM   1000 C CA  . THR A 1 147 ? -6.569  12.051  2.882   1.00 22.84 ? 143 THR A CA  1 
ATOM   1001 C C   . THR A 1 147 ? -5.650  11.888  4.088   1.00 21.33 ? 143 THR A C   1 
ATOM   1002 O O   . THR A 1 147 ? -6.086  12.030  5.236   1.00 21.55 ? 143 THR A O   1 
ATOM   1003 C CB  . THR A 1 147 ? -6.882  13.540  2.598   1.00 23.06 ? 143 THR A CB  1 
ATOM   1004 O OG1 . THR A 1 147 ? -7.514  13.641  1.317   1.00 27.35 ? 143 THR A OG1 1 
ATOM   1005 C CG2 . THR A 1 147 ? -5.610  14.390  2.623   1.00 24.96 ? 143 THR A CG2 1 
ATOM   1006 N N   . GLY A 1 148 ? -4.400  11.523  3.814   1.00 19.14 ? 144 GLY A N   1 
ATOM   1007 C CA  . GLY A 1 148 ? -3.397  11.329  4.848   1.00 18.47 ? 144 GLY A CA  1 
ATOM   1008 C C   . GLY A 1 148 ? -3.226  9.908   5.363   1.00 17.46 ? 144 GLY A C   1 
ATOM   1009 O O   . GLY A 1 148 ? -2.226  9.594   6.004   1.00 17.00 ? 144 GLY A O   1 
ATOM   1010 N N   . GLU A 1 149 ? -4.203  9.043   5.080   1.00 16.82 ? 145 GLU A N   1 
ATOM   1011 C CA  . GLU A 1 149 ? -4.178  7.669   5.559   1.00 17.07 ? 145 GLU A CA  1 
ATOM   1012 C C   . GLU A 1 149 ? -3.329  6.744   4.676   1.00 15.47 ? 145 GLU A C   1 
ATOM   1013 O O   . GLU A 1 149 ? -3.175  6.950   3.455   1.00 14.56 ? 145 GLU A O   1 
ATOM   1014 C CB  . GLU A 1 149 ? -5.580  7.074   5.645   1.00 16.60 ? 145 GLU A CB  1 
ATOM   1015 C CG  . GLU A 1 149 ? -6.519  7.741   6.630   1.00 19.87 ? 145 GLU A CG  1 
ATOM   1016 C CD  . GLU A 1 149 ? -7.827  6.968   6.778   1.00 21.36 ? 145 GLU A CD  1 
ATOM   1017 O OE1 . GLU A 1 149 ? -8.366  6.466   5.756   1.00 24.28 ? 145 GLU A OE1 1 
ATOM   1018 O OE2 . GLU A 1 149 ? -8.313  6.834   7.922   1.00 25.08 ? 145 GLU A OE2 1 
ATOM   1019 N N   . MET A 1 150 ? -2.836  5.694   5.311   1.00 14.60 ? 146 MET A N   1 
ATOM   1020 C CA  . MET A 1 150 ? -2.006  4.702   4.658   1.00 13.34 ? 146 MET A CA  1 
ATOM   1021 C C   . MET A 1 150 ? -2.683  3.322   4.666   1.00 13.04 ? 146 MET A C   1 
ATOM   1022 O O   . MET A 1 150 ? -3.340  2.955   5.639   1.00 13.84 ? 146 MET A O   1 
ATOM   1023 C CB  . MET A 1 150 ? -0.632  4.623   5.339   1.00 13.50 ? 146 MET A CB  1 
ATOM   1024 C CG  . MET A 1 150 ? 0.405   3.812   4.568   1.00 14.18 ? 146 MET A CG  1 
ATOM   1025 S SD  . MET A 1 150 ? 1.949   3.738   5.502   1.00 15.56 ? 146 MET A SD  1 
ATOM   1026 C CE  . MET A 1 150 ? 1.455   2.756   6.935   1.00 17.32 ? 146 MET A CE  1 
ATOM   1027 N N   . SER A 1 151 ? -2.523  2.583   3.572   1.00 12.14 ? 147 SER A N   1 
ATOM   1028 C CA  . SER A 1 151 ? -3.090  1.240   3.503   1.00 12.23 ? 147 SER A CA  1 
ATOM   1029 C C   . SER A 1 151 ? -2.244  0.218   4.268   1.00 12.49 ? 147 SER A C   1 
ATOM   1030 O O   . SER A 1 151 ? -1.120  0.503   4.697   1.00 12.87 ? 147 SER A O   1 
ATOM   1031 C CB  . SER A 1 151 ? -3.185  0.819   2.025   1.00 12.99 ? 147 SER A CB  1 
ATOM   1032 O OG  . SER A 1 151 ? -1.901  0.461   1.536   1.00 11.82 ? 147 SER A OG  1 
ATOM   1033 N N   . GLY A 1 152 ? -2.775  -0.997  4.374   1.00 12.36 ? 148 GLY A N   1 
ATOM   1034 C CA  . GLY A 1 152 ? -1.963  -2.154  4.695   1.00 13.06 ? 148 GLY A CA  1 
ATOM   1035 C C   . GLY A 1 152 ? -1.459  -2.726  3.375   1.00 13.47 ? 148 GLY A C   1 
ATOM   1036 O O   . GLY A 1 152 ? -1.474  -2.036  2.333   1.00 13.72 ? 148 GLY A O   1 
ATOM   1037 N N   . PRO A 1 153 ? -0.998  -3.976  3.390   1.00 13.65 ? 149 PRO A N   1 
ATOM   1038 C CA  . PRO A 1 153 ? -0.538  -4.619  2.154   1.00 14.28 ? 149 PRO A CA  1 
ATOM   1039 C C   . PRO A 1 153 ? -1.686  -4.785  1.179   1.00 14.42 ? 149 PRO A C   1 
ATOM   1040 O O   . PRO A 1 153 ? -2.728  -5.338  1.537   1.00 15.66 ? 149 PRO A O   1 
ATOM   1041 C CB  . PRO A 1 153 ? 0.001   -5.986  2.628   1.00 13.73 ? 149 PRO A CB  1 
ATOM   1042 C CG  . PRO A 1 153 ? 0.209   -5.794  4.160   1.00 15.49 ? 149 PRO A CG  1 
ATOM   1043 C CD  . PRO A 1 153 ? -0.871  -4.857  4.570   1.00 14.23 ? 149 PRO A CD  1 
ATOM   1044 N N   . VAL A 1 154 ? -1.493  -4.287  -0.045  1.00 14.37 ? 150 VAL A N   1 
ATOM   1045 C CA  . VAL A 1 154 ? -2.510  -4.359  -1.104  1.00 14.89 ? 150 VAL A CA  1 
ATOM   1046 C C   . VAL A 1 154 ? -1.933  -5.165  -2.262  1.00 15.38 ? 150 VAL A C   1 
ATOM   1047 O O   . VAL A 1 154 ? -0.895  -4.833  -2.808  1.00 15.76 ? 150 VAL A O   1 
ATOM   1048 C CB  . VAL A 1 154 ? -2.984  -2.968  -1.561  1.00 15.02 ? 150 VAL A CB  1 
ATOM   1049 C CG1 . VAL A 1 154 ? -3.929  -3.093  -2.780  1.00 16.16 ? 150 VAL A CG1 1 
ATOM   1050 C CG2 . VAL A 1 154 ? -3.688  -2.243  -0.424  1.00 16.22 ? 150 VAL A CG2 1 
ATOM   1051 N N   . PHE A 1 155 ? -2.610  -6.260  -2.594  1.00 15.53 ? 151 PHE A N   1 
ATOM   1052 C CA  . PHE A 1 155 ? -2.116  -7.166  -3.615  1.00 16.94 ? 151 PHE A CA  1 
ATOM   1053 C C   . PHE A 1 155 ? -2.691  -6.832  -4.993  1.00 16.50 ? 151 PHE A C   1 
ATOM   1054 O O   . PHE A 1 155 ? -3.884  -6.645  -5.149  1.00 17.79 ? 151 PHE A O   1 
ATOM   1055 C CB  . PHE A 1 155 ? -2.493  -8.607  -3.247  1.00 16.49 ? 151 PHE A CB  1 
ATOM   1056 C CG  . PHE A 1 155 ? -1.892  -9.082  -1.953  1.00 17.12 ? 151 PHE A CG  1 
ATOM   1057 C CD1 . PHE A 1 155 ? -2.443  -8.685  -0.734  1.00 17.55 ? 151 PHE A CD1 1 
ATOM   1058 C CD2 . PHE A 1 155 ? -0.800  -9.930  -1.947  1.00 18.40 ? 151 PHE A CD2 1 
ATOM   1059 C CE1 . PHE A 1 155 ? -1.899  -9.121  0.461   1.00 18.80 ? 151 PHE A CE1 1 
ATOM   1060 C CE2 . PHE A 1 155 ? -0.251  -10.378 -0.719  1.00 19.47 ? 151 PHE A CE2 1 
ATOM   1061 C CZ  . PHE A 1 155 ? -0.808  -9.959  0.462   1.00 18.93 ? 151 PHE A CZ  1 
ATOM   1062 N N   . THR A 1 156 ? -1.802  -6.746  -5.975  1.00 17.63 ? 152 THR A N   1 
ATOM   1063 C CA  . THR A 1 156 ? -2.232  -6.593  -7.366  1.00 18.38 ? 152 THR A CA  1 
ATOM   1064 C C   . THR A 1 156 ? -1.378  -7.526  -8.211  1.00 18.68 ? 152 THR A C   1 
ATOM   1065 O O   . THR A 1 156 ? -0.419  -8.122  -7.721  1.00 19.08 ? 152 THR A O   1 
ATOM   1066 C CB  . THR A 1 156 ? -1.967  -5.169  -7.904  1.00 19.44 ? 152 THR A CB  1 
ATOM   1067 O OG1 . THR A 1 156 ? -0.556  -4.993  -8.002  1.00 19.10 ? 152 THR A OG1 1 
ATOM   1068 C CG2 . THR A 1 156 ? -2.601  -4.089  -7.028  1.00 20.66 ? 152 THR A CG2 1 
ATOM   1069 N N   . ASP A 1 157 ? -1.673  -7.594  -9.517  1.00 19.68 ? 153 ASP A N   1 
ATOM   1070 C CA  . ASP A 1 157 ? -0.797  -8.344  -10.423 1.00 21.45 ? 153 ASP A CA  1 
ATOM   1071 C C   . ASP A 1 157 ? 0.635   -7.801  -10.489 1.00 20.87 ? 153 ASP A C   1 
ATOM   1072 O O   . ASP A 1 157 ? 1.561   -8.524  -10.875 1.00 21.82 ? 153 ASP A O   1 
ATOM   1073 C CB  . ASP A 1 157 ? -1.400  -8.434  -11.829 1.00 21.96 ? 153 ASP A CB  1 
ATOM   1074 C CG  . ASP A 1 157 ? -2.547  -9.432  -11.912 1.00 25.71 ? 153 ASP A CG  1 
ATOM   1075 O OD1 . ASP A 1 157 ? -2.709  -10.245 -10.979 1.00 27.29 ? 153 ASP A OD1 1 
ATOM   1076 O OD2 . ASP A 1 157 ? -3.297  -9.391  -12.914 1.00 30.80 ? 153 ASP A OD2 1 
ATOM   1077 N N   . SER A 1 158 ? 0.809   -6.525  -10.113 1.00 20.80 ? 154 SER A N   1 
ATOM   1078 C CA  . SER A 1 158 ? 2.126   -5.894  -10.061 1.00 20.66 ? 154 SER A CA  1 
ATOM   1079 C C   . SER A 1 158 ? 3.017   -6.428  -8.940  1.00 19.60 ? 154 SER A C   1 
ATOM   1080 O O   . SER A 1 158 ? 4.227   -6.533  -9.086  1.00 19.74 ? 154 SER A O   1 
ATOM   1081 C CB  . SER A 1 158 ? 1.980   -4.379  -9.884  1.00 20.86 ? 154 SER A CB  1 
ATOM   1082 O OG  . SER A 1 158 ? 1.327   -3.816  -11.003 1.00 24.62 ? 154 SER A OG  1 
ATOM   1083 N N   . GLY A 1 159 ? 2.392   -6.733  -7.800  1.00 18.75 ? 155 GLY A N   1 
ATOM   1084 C CA  . GLY A 1 159 ? 3.140   -7.113  -6.605  1.00 18.36 ? 155 GLY A CA  1 
ATOM   1085 C C   . GLY A 1 159 ? 2.326   -6.701  -5.401  1.00 16.84 ? 155 GLY A C   1 
ATOM   1086 O O   . GLY A 1 159 ? 1.115   -6.692  -5.452  1.00 17.98 ? 155 GLY A O   1 
ATOM   1087 N N   . ILE A 1 160 ? 3.015   -6.343  -4.321  1.00 15.60 ? 156 ILE A N   1 
ATOM   1088 C CA  . ILE A 1 160 ? 2.312   -5.931  -3.097  1.00 14.78 ? 156 ILE A CA  1 
ATOM   1089 C C   . ILE A 1 160 ? 2.653   -4.461  -2.855  1.00 13.47 ? 156 ILE A C   1 
ATOM   1090 O O   . ILE A 1 160 ? 3.818   -4.095  -2.900  1.00 14.10 ? 156 ILE A O   1 
ATOM   1091 C CB  . ILE A 1 160 ? 2.779   -6.786  -1.892  1.00 14.88 ? 156 ILE A CB  1 
ATOM   1092 C CG1 . ILE A 1 160 ? 2.700   -8.292  -2.213  1.00 15.91 ? 156 ILE A CG1 1 
ATOM   1093 C CG2 . ILE A 1 160 ? 1.921   -6.515  -0.680  1.00 14.56 ? 156 ILE A CG2 1 
ATOM   1094 C CD1 . ILE A 1 160 ? 3.256   -9.155  -1.120  1.00 15.75 ? 156 ILE A CD1 1 
ATOM   1095 N N   . HIS A 1 161 ? 1.626   -3.663  -2.560  1.00 14.28 ? 157 HIS A N   1 
ATOM   1096 C CA  . HIS A 1 161 ? 1.787   -2.219  -2.360  1.00 13.71 ? 157 HIS A CA  1 
ATOM   1097 C C   . HIS A 1 161 ? 1.494   -1.767  -0.940  1.00 13.86 ? 157 HIS A C   1 
ATOM   1098 O O   . HIS A 1 161 ? 0.617   -2.319  -0.286  1.00 14.45 ? 157 HIS A O   1 
ATOM   1099 C CB  . HIS A 1 161 ? 0.801   -1.436  -3.225  1.00 14.56 ? 157 HIS A CB  1 
ATOM   1100 C CG  . HIS A 1 161 ? 0.776   -1.835  -4.665  1.00 15.21 ? 157 HIS A CG  1 
ATOM   1101 N ND1 . HIS A 1 161 ? 1.334   -1.057  -5.654  1.00 16.95 ? 157 HIS A ND1 1 
ATOM   1102 C CD2 . HIS A 1 161 ? 0.230   -2.911  -5.286  1.00 15.64 ? 157 HIS A CD2 1 
ATOM   1103 C CE1 . HIS A 1 161 ? 1.133   -1.642  -6.829  1.00 17.32 ? 157 HIS A CE1 1 
ATOM   1104 N NE2 . HIS A 1 161 ? 0.481   -2.772  -6.630  1.00 17.23 ? 157 HIS A NE2 1 
ATOM   1105 N N   . ILE A 1 162 ? 2.176   -0.690  -0.529  1.00 12.60 ? 158 ILE A N   1 
ATOM   1106 C CA  . ILE A 1 162 ? 1.703   0.174   0.551   1.00 13.42 ? 158 ILE A CA  1 
ATOM   1107 C C   . ILE A 1 162 ? 1.307   1.456   -0.150  1.00 12.83 ? 158 ILE A C   1 
ATOM   1108 O O   . ILE A 1 162 ? 2.110   2.028   -0.920  1.00 13.38 ? 158 ILE A O   1 
ATOM   1109 C CB  . ILE A 1 162 ? 2.808   0.492   1.566   1.00 13.63 ? 158 ILE A CB  1 
ATOM   1110 C CG1 . ILE A 1 162 ? 3.445   -0.786  2.120   1.00 15.47 ? 158 ILE A CG1 1 
ATOM   1111 C CG2 . ILE A 1 162 ? 2.250   1.352   2.715   1.00 15.47 ? 158 ILE A CG2 1 
ATOM   1112 C CD1 . ILE A 1 162 ? 4.775   -0.577  2.766   1.00 15.30 ? 158 ILE A CD1 1 
ATOM   1113 N N   . ILE A 1 163 ? 0.078   1.902   0.095   1.00 12.29 ? 159 ILE A N   1 
ATOM   1114 C CA  . ILE A 1 163 ? -0.471  3.098   -0.573  1.00 12.51 ? 159 ILE A CA  1 
ATOM   1115 C C   . ILE A 1 163 ? -0.663  4.218   0.469   1.00 12.76 ? 159 ILE A C   1 
ATOM   1116 O O   . ILE A 1 163 ? -1.202  3.986   1.561   1.00 12.67 ? 159 ILE A O   1 
ATOM   1117 C CB  . ILE A 1 163 ? -1.815  2.770   -1.261  1.00 12.97 ? 159 ILE A CB  1 
ATOM   1118 C CG1 . ILE A 1 163 ? -1.659  1.563   -2.194  1.00 15.36 ? 159 ILE A CG1 1 
ATOM   1119 C CG2 . ILE A 1 163 ? -2.361  3.994   -1.989  1.00 14.10 ? 159 ILE A CG2 1 
ATOM   1120 C CD1 . ILE A 1 163 ? -2.964  1.057   -2.764  1.00 16.16 ? 159 ILE A CD1 1 
ATOM   1121 N N   . LEU A 1 164 ? -0.225  5.432   0.135   1.00 12.07 ? 160 LEU A N   1 
ATOM   1122 C CA  . LEU A 1 164 ? -0.461  6.601   0.990   1.00 13.58 ? 160 LEU A CA  1 
ATOM   1123 C C   . LEU A 1 164 ? -1.286  7.596   0.197   1.00 12.67 ? 160 LEU A C   1 
ATOM   1124 O O   . LEU A 1 164 ? -0.860  8.038   -0.886  1.00 13.85 ? 160 LEU A O   1 
ATOM   1125 C CB  . LEU A 1 164 ? 0.875   7.232   1.367   1.00 13.31 ? 160 LEU A CB  1 
ATOM   1126 C CG  . LEU A 1 164 ? 0.778   8.545   2.139   1.00 13.81 ? 160 LEU A CG  1 
ATOM   1127 C CD1 . LEU A 1 164 ? 0.251   8.283   3.546   1.00 15.46 ? 160 LEU A CD1 1 
ATOM   1128 C CD2 . LEU A 1 164 ? 2.130   9.249   2.220   1.00 14.90 ? 160 LEU A CD2 1 
ATOM   1129 N N   . ARG A 1 165 ? -2.458  7.946   0.717   1.00 14.32 ? 161 ARG A N   1 
ATOM   1130 C CA  . ARG A 1 165 ? -3.286  8.959   0.055   1.00 15.02 ? 161 ARG A CA  1 
ATOM   1131 C C   . ARG A 1 165 ? -2.856  10.334  0.510   1.00 15.47 ? 161 ARG A C   1 
ATOM   1132 O O   . ARG A 1 165 ? -2.938  10.638  1.691   1.00 16.15 ? 161 ARG A O   1 
ATOM   1133 C CB  . ARG A 1 165 ? -4.785  8.746   0.314   1.00 15.40 ? 161 ARG A CB  1 
ATOM   1134 C CG  . ARG A 1 165 ? -5.596  9.827   -0.400  1.00 17.14 ? 161 ARG A CG  1 
ATOM   1135 C CD  . ARG A 1 165 ? -7.091  9.628   -0.351  1.00 19.54 ? 161 ARG A CD  1 
ATOM   1136 N NE  . ARG A 1 165 ? -7.737  10.874  -0.788  1.00 21.70 ? 161 ARG A NE  1 
ATOM   1137 C CZ  . ARG A 1 165 ? -9.014  11.179  -0.572  1.00 25.22 ? 161 ARG A CZ  1 
ATOM   1138 N NH1 . ARG A 1 165 ? -9.811  10.328  0.069   1.00 24.68 ? 161 ARG A NH1 1 
ATOM   1139 N NH2 . ARG A 1 165 ? -9.490  12.344  -1.011  1.00 25.62 ? 161 ARG A NH2 1 
ATOM   1140 N N   . THR A 1 166 ? -2.425  11.156  -0.440  1.00 16.38 ? 162 THR A N   1 
ATOM   1141 C CA  . THR A 1 166 ? -1.930  12.499  -0.121  1.00 17.71 ? 162 THR A CA  1 
ATOM   1142 C C   . THR A 1 166 ? -2.950  13.611  -0.423  1.00 19.86 ? 162 THR A C   1 
ATOM   1143 O O   . THR A 1 166 ? -2.877  14.686  0.175   1.00 21.16 ? 162 THR A O   1 
ATOM   1144 C CB  . THR A 1 166 ? -0.603  12.783  -0.823  1.00 17.54 ? 162 THR A CB  1 
ATOM   1145 O OG1 . THR A 1 166 ? -0.764  12.624  -2.237  1.00 17.78 ? 162 THR A OG1 1 
ATOM   1146 C CG2 . THR A 1 166 ? 0.498   11.845  -0.314  1.00 17.79 ? 162 THR A CG2 1 
ATOM   1147 N N   . GLU A 1 167 ? -3.876  13.351  -1.346  1.00 21.30 ? 163 GLU A N   1 
ATOM   1148 C CA  . GLU A 1 167 ? -4.927  14.326  -1.680  1.00 23.25 ? 163 GLU A CA  1 
ATOM   1149 C C   . GLU A 1 167 ? -6.233  13.614  -2.021  1.00 24.06 ? 163 GLU A C   1 
ATOM   1150 O O   . GLU A 1 167 ? -7.313  14.231  -1.943  1.00 23.84 ? 163 GLU A O   1 
ATOM   1151 C CB  . GLU A 1 167 ? -4.508  15.225  -2.858  1.00 23.61 ? 163 GLU A CB  1 
ATOM   1152 C CG  . GLU A 1 167 ? -3.270  16.087  -2.635  1.00 24.59 ? 163 GLU A CG  1 
ATOM   1153 C CD  . GLU A 1 167 ? -2.848  16.870  -3.873  1.00 25.15 ? 163 GLU A CD  1 
ATOM   1154 O OE1 . GLU A 1 167 ? -3.629  16.934  -4.855  1.00 28.28 ? 163 GLU A OE1 1 
ATOM   1155 O OE2 . GLU A 1 167 ? -1.713  17.401  -3.874  1.00 28.96 ? 163 GLU A OE2 1 
ATOM   1156 N N   . PHE B 2 2   ? 1.617   0.222   -17.564 1.00 35.05 ? 501 PHE B N   1 
ATOM   1157 C CA  . PHE B 2 2   ? 2.803   0.816   -16.943 1.00 34.14 ? 501 PHE B CA  1 
ATOM   1158 C C   . PHE B 2 2   ? 2.463   0.890   -15.433 1.00 32.49 ? 501 PHE B C   1 
ATOM   1159 O O   . PHE B 2 2   ? 1.508   1.680   -14.877 1.00 33.47 ? 501 PHE B O   1 
ATOM   1160 C CB  . PHE B 2 2   ? 3.155   2.186   -17.532 1.00 36.23 ? 501 PHE B CB  1 
HETATM 1161 N N   . D11 B 2 3   ? 3.219   0.086   -14.715 1.00 31.86 ? 502 D11 B N   1 
HETATM 1162 C CA  . D11 B 2 3   ? 3.285   -0.210  -13.263 1.00 30.32 ? 502 D11 B CA  1 
HETATM 1163 C CB  . D11 B 2 3   ? 4.204   -1.239  -12.714 1.00 30.56 ? 502 D11 B CB  1 
HETATM 1164 C CG2 . D11 B 2 3   ? 4.334   -1.353  -11.195 1.00 29.71 ? 502 D11 B CG2 1 
HETATM 1165 O OG1 . D11 B 2 3   ? 5.508   -0.948  -13.112 1.00 30.38 ? 502 D11 B OG1 1 
HETATM 1166 P P   . D11 B 2 3   ? 6.348   -1.655  -14.270 1.00 30.93 ? 502 D11 B P   1 
HETATM 1167 O O1P . D11 B 2 3   ? 5.678   -1.311  -15.725 1.00 31.08 ? 502 D11 B O1P 1 
HETATM 1168 O O2P . D11 B 2 3   ? 6.294   -3.265  -14.076 1.00 29.72 ? 502 D11 B O2P 1 
HETATM 1169 O O3P . D11 B 2 3   ? 7.755   -0.879  -14.044 1.00 30.87 ? 502 D11 B O3P 1 
HETATM 1170 C C   . D11 B 2 3   ? 1.860   -0.443  -12.754 1.00 30.05 ? 502 D11 B C   1 
HETATM 1171 O O   . D11 B 2 3   ? 1.352   -1.533  -13.419 1.00 30.06 ? 502 D11 B O   1 
HETATM 1172 C C   . YCP B 2 4   ? -1.475  0.302   -12.201 1.00 26.72 ? 503 YCP B C   1 
HETATM 1173 N N   . YCP B 2 4   ? 1.155   0.244   -11.902 1.00 28.61 ? 503 YCP B N   1 
HETATM 1174 O O   . YCP B 2 4   ? -2.760  0.428   -11.880 1.00 25.73 ? 503 YCP B O   1 
HETATM 1175 C CA  . YCP B 2 4   ? -0.199  -0.207  -11.519 1.00 25.96 ? 503 YCP B CA  1 
HETATM 1176 C CB  . YCP B 2 4   ? -0.650  -0.036  -10.028 1.00 26.77 ? 503 YCP B CB  1 
HETATM 1177 C CD  . YCP B 2 4   ? 1.361   1.901   -9.846  1.00 26.71 ? 503 YCP B CD  1 
HETATM 1178 C CE  . YCP B 2 4   ? 1.465   1.571   -11.279 1.00 26.57 ? 503 YCP B CE  1 
HETATM 1179 C CG  . YCP B 2 4   ? -0.078  1.352   -9.591  1.00 26.26 ? 503 YCP B CG  1 
HETATM 1180 C C1  . NAL B 2 5   ? -2.362  4.937   -14.837 1.00 30.07 ? 504 NAL B C1  1 
HETATM 1181 C C2  . NAL B 2 5   ? -1.404  3.882   -14.887 1.00 30.38 ? 504 NAL B C2  1 
HETATM 1182 C C3  . NAL B 2 5   ? -0.144  4.111   -14.237 1.00 30.64 ? 504 NAL B C3  1 
HETATM 1183 C C4  . NAL B 2 5   ? 0.191   5.331   -13.556 1.00 30.24 ? 504 NAL B C4  1 
HETATM 1184 C C4A . NAL B 2 5   ? -0.786  6.376   -13.529 1.00 30.87 ? 504 NAL B C4A 1 
HETATM 1185 C C5  . NAL B 2 5   ? -0.563  7.639   -12.888 1.00 30.59 ? 504 NAL B C5  1 
HETATM 1186 C C6  . NAL B 2 5   ? -1.545  8.671   -12.867 1.00 31.43 ? 504 NAL B C6  1 
HETATM 1187 C C7  . NAL B 2 5   ? -2.797  8.451   -13.512 1.00 30.78 ? 504 NAL B C7  1 
HETATM 1188 C C8  . NAL B 2 5   ? -3.108  7.219   -14.181 1.00 30.69 ? 504 NAL B C8  1 
HETATM 1189 C C8A . NAL B 2 5   ? -2.089  6.190   -14.184 1.00 30.54 ? 504 NAL B C8A 1 
HETATM 1190 C C9  . NAL B 2 5   ? -1.581  2.508   -15.545 1.00 30.67 ? 504 NAL B C9  1 
HETATM 1191 C CA  . NAL B 2 5   ? -2.137  1.514   -14.456 1.00 32.78 ? 504 NAL B CA  1 
HETATM 1192 C C   . NAL B 2 5   ? -2.944  0.412   -15.149 1.00 33.95 ? 504 NAL B C   1 
HETATM 1193 N N   . NAL B 2 5   ? -1.205  0.857   -13.419 1.00 29.92 ? 504 NAL B N   1 
HETATM 1194 O O   . NAL B 2 5   ? -2.148  -0.678  -15.411 1.00 34.54 ? 504 NAL B O   1 
ATOM   1195 N N   . GLN B 2 6   ? -4.261  0.356   -15.367 1.00 36.25 ? 505 GLN B N   1 
ATOM   1196 C CA  . GLN B 2 6   ? -5.108  -0.723  -15.923 1.00 38.77 ? 505 GLN B CA  1 
ATOM   1197 C C   . GLN B 2 6   ? -4.688  -1.296  -17.297 1.00 40.55 ? 505 GLN B C   1 
ATOM   1198 O O   . GLN B 2 6   ? -4.670  -2.658  -17.412 1.00 42.08 ? 505 GLN B O   1 
ATOM   1199 C CB  . GLN B 2 6   ? -6.586  -0.270  -16.024 1.00 41.20 ? 505 GLN B CB  1 
ATOM   1200 C CG  . GLN B 2 6   ? -7.906  -1.084  -15.925 1.00 43.82 ? 505 GLN B CG  1 
ATOM   1201 C CD  . GLN B 2 6   ? -9.200  -0.295  -16.264 1.00 45.66 ? 505 GLN B CD  1 
ATOM   1202 O OE1 . GLN B 2 6   ? -10.216 -0.211  -15.381 1.00 46.14 ? 505 GLN B OE1 1 
ATOM   1203 N NE2 . GLN B 2 6   ? -9.284  0.308   -17.477 1.00 47.10 ? 505 GLN B NE2 1 
HETATM 1204 N N   . NH2 B 2 7   ? -4.364  -0.374  -18.230 1.00 41.17 ? 506 NH2 B N   1 
HETATM 1205 O O1  . PE4 C 3 .   ? 0.177   -7.622  10.808  1.00 42.03 ? 300 PE4 A O1  1 
HETATM 1206 C C1  . PE4 C 3 .   ? -1.013  -6.934  11.221  1.00 40.59 ? 300 PE4 A C1  1 
HETATM 1207 C C2  . PE4 C 3 .   ? -1.770  -7.760  12.262  1.00 40.04 ? 300 PE4 A C2  1 
HETATM 1208 O O2  . PE4 C 3 .   ? -2.803  -6.937  12.809  1.00 37.70 ? 300 PE4 A O2  1 
HETATM 1209 C C3  . PE4 C 3 .   ? -3.780  -7.619  13.591  1.00 35.01 ? 300 PE4 A C3  1 
HETATM 1210 C C4  . PE4 C 3 .   ? -3.725  -7.099  15.028  1.00 30.62 ? 300 PE4 A C4  1 
HETATM 1211 O O3  . PE4 C 3 .   ? -3.858  -5.676  15.056  1.00 27.27 ? 300 PE4 A O3  1 
HETATM 1212 C C5  . PE4 C 3 .   ? -4.389  -5.247  16.308  1.00 26.35 ? 300 PE4 A C5  1 
HETATM 1213 C C6  . PE4 C 3 .   ? -4.604  -3.745  16.263  1.00 24.63 ? 300 PE4 A C6  1 
HETATM 1214 O O4  . PE4 C 3 .   ? -3.343  -3.128  16.077  1.00 22.69 ? 300 PE4 A O4  1 
HETATM 1215 C C7  . PE4 C 3 .   ? -3.448  -1.738  15.827  1.00 22.36 ? 300 PE4 A C7  1 
HETATM 1216 C C8  . PE4 C 3 .   ? -2.040  -1.166  15.743  1.00 21.35 ? 300 PE4 A C8  1 
HETATM 1217 O O5  . PE4 C 3 .   ? -1.362  -1.842  14.692  1.00 18.95 ? 300 PE4 A O5  1 
HETATM 1218 C C9  . PE4 C 3 .   ? -0.002  -1.419  14.584  1.00 18.72 ? 300 PE4 A C9  1 
HETATM 1219 C C10 . PE4 C 3 .   ? 0.719   -2.257  13.545  1.00 18.21 ? 300 PE4 A C10 1 
HETATM 1220 O O6  . PE4 C 3 .   ? -0.037  -2.200  12.330  1.00 17.33 ? 300 PE4 A O6  1 
HETATM 1221 C C11 . PE4 C 3 .   ? 0.544   -3.075  11.379  1.00 17.65 ? 300 PE4 A C11 1 
HETATM 1222 C C12 . PE4 C 3 .   ? -0.428  -3.241  10.213  1.00 18.71 ? 300 PE4 A C12 1 
HETATM 1223 O O7  . PE4 C 3 .   ? -0.650  -1.963  9.622   1.00 17.41 ? 300 PE4 A O7  1 
HETATM 1224 C C13 . PE4 C 3 .   ? -1.506  -2.052  8.488   1.00 17.82 ? 300 PE4 A C13 1 
HETATM 1225 C C14 . PE4 C 3 .   ? -1.683  -0.641  7.960   1.00 16.61 ? 300 PE4 A C14 1 
HETATM 1226 O O8  . PE4 C 3 .   ? -2.520  0.137   8.816   1.00 17.09 ? 300 PE4 A O8  1 
HETATM 1227 C C15 . PE4 C 3 .   ? -2.376  1.510   8.353   1.00 21.28 ? 300 PE4 A C15 1 
HETATM 1228 C C16 . PE4 C 3 .   ? -3.438  2.482   8.807   1.00 20.84 ? 300 PE4 A C16 1 
HETATM 1229 O O   . HOH D 4 .   ? 7.055   3.883   -5.671  1.00 14.66 ? 301 HOH A O   1 
HETATM 1230 O O   . HOH D 4 .   ? 1.390   11.663  -3.491  1.00 17.22 ? 302 HOH A O   1 
HETATM 1231 O O   . HOH D 4 .   ? 12.306  13.476  -6.693  1.00 19.06 ? 303 HOH A O   1 
HETATM 1232 O O   . HOH D 4 .   ? 1.621   4.940   13.907  1.00 16.17 ? 304 HOH A O   1 
HETATM 1233 O O   . HOH D 4 .   ? -8.746  -7.530  2.652   1.00 16.98 ? 305 HOH A O   1 
HETATM 1234 O O   . HOH D 4 .   ? -10.058 4.490   5.331   1.00 19.80 ? 306 HOH A O   1 
HETATM 1235 O O   . HOH D 4 .   ? 14.871  6.161   -6.173  1.00 18.33 ? 307 HOH A O   1 
HETATM 1236 O O   . HOH D 4 .   ? -8.231  2.311   5.506   1.00 17.59 ? 308 HOH A O   1 
HETATM 1237 O O   . HOH D 4 .   ? -6.125  -7.661  -3.945  1.00 21.21 ? 309 HOH A O   1 
HETATM 1238 O O   . HOH D 4 .   ? 6.051   7.702   9.566   1.00 20.69 ? 310 HOH A O   1 
HETATM 1239 O O   . HOH D 4 .   ? -3.393  2.236   15.964  1.00 20.54 ? 311 HOH A O   1 
HETATM 1240 O O   . HOH D 4 .   ? 11.121  -4.773  5.656   1.00 20.34 ? 312 HOH A O   1 
HETATM 1241 O O   . HOH D 4 .   ? 5.246   10.482  -1.486  1.00 19.52 ? 313 HOH A O   1 
HETATM 1242 O O   . HOH D 4 .   ? -13.063 1.874   -2.777  1.00 21.92 ? 314 HOH A O   1 
HETATM 1243 O O   . HOH D 4 .   ? -8.359  -3.312  -2.476  1.00 19.60 ? 315 HOH A O   1 
HETATM 1244 O O   . HOH D 4 .   ? 12.679  10.167  -4.424  1.00 20.02 ? 316 HOH A O   1 
HETATM 1245 O O   . HOH D 4 .   ? -1.966  1.987   13.542  1.00 19.63 ? 317 HOH A O   1 
HETATM 1246 O O   . HOH D 4 .   ? 12.219  -4.653  -0.726  1.00 22.81 ? 318 HOH A O   1 
HETATM 1247 O O   . HOH D 4 .   ? 13.839  -5.569  -5.779  1.00 20.74 ? 319 HOH A O   1 
HETATM 1248 O O   . HOH D 4 .   ? -3.710  -4.944  8.672   1.00 21.21 ? 320 HOH A O   1 
HETATM 1249 O O   . HOH D 4 .   ? -9.452  0.108   20.469  1.00 21.56 ? 321 HOH A O   1 
HETATM 1250 O O   . HOH D 4 .   ? 3.195   -4.532  9.578   1.00 21.08 ? 322 HOH A O   1 
HETATM 1251 O O   . HOH D 4 .   ? -2.551  -3.992  13.256  1.00 21.12 ? 323 HOH A O   1 
HETATM 1252 O O   . HOH D 4 .   ? -0.594  7.822   7.236   1.00 20.80 ? 324 HOH A O   1 
HETATM 1253 O O   . HOH D 4 .   ? 11.669  -3.876  -3.237  1.00 21.13 ? 325 HOH A O   1 
HETATM 1254 O O   . HOH D 4 .   ? -8.381  4.052   -10.941 1.00 25.41 ? 326 HOH A O   1 
HETATM 1255 O O   . HOH D 4 .   ? -13.178 0.325   -11.364 1.00 31.08 ? 327 HOH A O   1 
HETATM 1256 O O   . HOH D 4 .   ? 19.077  2.323   0.548   1.00 27.50 ? 328 HOH A O   1 
HETATM 1257 O O   . HOH D 4 .   ? 0.903   -9.735  -5.328  1.00 25.28 ? 329 HOH A O   1 
HETATM 1258 O O   . HOH D 4 .   ? -1.064  -2.243  22.046  1.00 26.43 ? 330 HOH A O   1 
HETATM 1259 O O   . HOH D 4 .   ? 11.261  -0.053  -12.165 1.00 25.91 ? 331 HOH A O   1 
HETATM 1260 O O   . HOH D 4 .   ? -4.230  -6.413  -10.112 1.00 22.83 ? 332 HOH A O   1 
HETATM 1261 O O   . HOH D 4 .   ? -7.434  0.949   22.199  1.00 22.06 ? 333 HOH A O   1 
HETATM 1262 O O   . HOH D 4 .   ? 5.015   -6.611  -11.964 1.00 29.10 ? 334 HOH A O   1 
HETATM 1263 O O   . HOH D 4 .   ? -4.848  -10.156 16.424  1.00 26.62 ? 335 HOH A O   1 
HETATM 1264 O O   . HOH D 4 .   ? 20.170  -6.538  -11.114 1.00 31.02 ? 336 HOH A O   1 
HETATM 1265 O O   . HOH D 4 .   ? 8.972   -18.133 0.611   1.00 32.26 ? 337 HOH A O   1 
HETATM 1266 O O   . HOH D 4 .   ? 7.315   13.686  -5.168  1.00 25.98 ? 338 HOH A O   1 
HETATM 1267 O O   . HOH D 4 .   ? 14.080  -10.700 -5.509  1.00 28.91 ? 339 HOH A O   1 
HETATM 1268 O O   . HOH D 4 .   ? 11.405  -11.070 3.352   1.00 26.17 ? 340 HOH A O   1 
HETATM 1269 O O   . HOH D 4 .   ? 19.112  -9.591  -11.507 1.00 29.71 ? 341 HOH A O   1 
HETATM 1270 O O   . HOH D 4 .   ? -8.999  -8.551  11.548  1.00 27.16 ? 342 HOH A O   1 
HETATM 1271 O O   . HOH D 4 .   ? -5.862  3.686   6.524   1.00 24.58 ? 343 HOH A O   1 
HETATM 1272 O O   . HOH D 4 .   ? -13.300 8.714   -9.980  1.00 33.45 ? 344 HOH A O   1 
HETATM 1273 O O   . HOH D 4 .   ? -3.555  5.634   8.035   1.00 24.98 ? 345 HOH A O   1 
HETATM 1274 O O   . HOH D 4 .   ? -6.302  5.147   9.019   1.00 23.92 ? 346 HOH A O   1 
HETATM 1275 O O   . HOH D 4 .   ? 1.231   -5.188  7.654   1.00 26.85 ? 347 HOH A O   1 
HETATM 1276 O O   . HOH D 4 .   ? 20.356  -6.143  -19.554 1.00 31.28 ? 348 HOH A O   1 
HETATM 1277 O O   . HOH D 4 .   ? 14.271  -9.823  -1.151  1.00 30.41 ? 349 HOH A O   1 
HETATM 1278 O O   . HOH D 4 .   ? 19.454  -0.174  -9.004  1.00 26.45 ? 350 HOH A O   1 
HETATM 1279 O O   . HOH D 4 .   ? -2.821  -4.227  22.676  1.00 29.46 ? 351 HOH A O   1 
HETATM 1280 O O   . HOH D 4 .   ? 14.789  -3.420  2.632   1.00 26.33 ? 352 HOH A O   1 
HETATM 1281 O O   . HOH D 4 .   ? -13.294 4.372   3.876   1.00 26.63 ? 353 HOH A O   1 
HETATM 1282 O O   . HOH D 4 .   ? 21.438  -6.931  -13.714 1.00 29.86 ? 354 HOH A O   1 
HETATM 1283 O O   . HOH D 4 .   ? 8.522   -8.647  8.412   1.00 34.37 ? 355 HOH A O   1 
HETATM 1284 O O   . HOH D 4 .   ? 9.805   -1.678  13.561  1.00 40.76 ? 356 HOH A O   1 
HETATM 1285 O O   . HOH D 4 .   ? -15.510 -0.928  -6.498  1.00 40.98 ? 357 HOH A O   1 
HETATM 1286 O O   . HOH D 4 .   ? -10.735 -4.414  -4.341  1.00 34.07 ? 358 HOH A O   1 
HETATM 1287 O O   . HOH D 4 .   ? 16.098  -7.745  -18.335 1.00 42.62 ? 359 HOH A O   1 
HETATM 1288 O O   . HOH D 4 .   ? -14.524 -10.964 9.624   1.00 33.87 ? 360 HOH A O   1 
HETATM 1289 O O   . HOH D 4 .   ? -8.866  14.629  -4.089  1.00 33.44 ? 361 HOH A O   1 
HETATM 1290 O O   . HOH D 4 .   ? -11.246 -5.890  -0.647  1.00 35.22 ? 362 HOH A O   1 
HETATM 1291 O O   . HOH D 4 .   ? 4.901   -13.563 4.540   1.00 30.40 ? 363 HOH A O   1 
HETATM 1292 O O   . HOH D 4 .   ? 5.087   8.357   -10.946 1.00 40.47 ? 364 HOH A O   1 
HETATM 1293 O O   . HOH D 4 .   ? -7.891  -12.149 22.478  1.00 36.86 ? 365 HOH A O   1 
HETATM 1294 O O   . HOH D 4 .   ? 5.829   14.250  -7.805  1.00 32.27 ? 366 HOH A O   1 
HETATM 1295 O O   . HOH D 4 .   ? 18.071  0.428   -13.047 1.00 29.13 ? 367 HOH A O   1 
HETATM 1296 O O   . HOH D 4 .   ? -0.837  -4.696  16.820  1.00 35.62 ? 368 HOH A O   1 
HETATM 1297 O O   . HOH D 4 .   ? 9.724   7.585   16.113  1.00 31.09 ? 369 HOH A O   1 
HETATM 1298 O O   . HOH D 4 .   ? -11.322 -3.151  24.065  1.00 41.21 ? 370 HOH A O   1 
HETATM 1299 O O   . HOH D 4 .   ? -9.452  -12.382 18.211  1.00 41.50 ? 371 HOH A O   1 
HETATM 1300 O O   . HOH D 4 .   ? 12.356  10.462  0.023   1.00 30.61 ? 372 HOH A O   1 
HETATM 1301 O O   . HOH D 4 .   ? -2.032  -13.593 -3.348  1.00 40.88 ? 373 HOH A O   1 
HETATM 1302 O O   . HOH D 4 .   ? -9.607  -0.424  -11.918 1.00 30.38 ? 374 HOH A O   1 
HETATM 1303 O O   . HOH D 4 .   ? -13.644 2.285   20.170  1.00 36.14 ? 375 HOH A O   1 
HETATM 1304 O O   . HOH D 4 .   ? -5.109  -10.511 -9.848  1.00 37.14 ? 376 HOH A O   1 
HETATM 1305 O O   . HOH D 4 .   ? 15.956  8.912   2.503   1.00 33.27 ? 377 HOH A O   1 
HETATM 1306 O O   . HOH D 4 .   ? -8.736  5.232   -18.409 1.00 41.25 ? 378 HOH A O   1 
HETATM 1307 O O   . HOH D 4 .   ? 13.400  8.034   7.019   1.00 42.25 ? 379 HOH A O   1 
HETATM 1308 O O   . HOH D 4 .   ? -12.109 7.893   1.300   1.00 35.40 ? 380 HOH A O   1 
HETATM 1309 O O   . HOH D 4 .   ? 18.128  1.741   -2.135  1.00 33.11 ? 381 HOH A O   1 
HETATM 1310 O O   . HOH D 4 .   ? 6.247   -13.791 -12.998 1.00 36.23 ? 382 HOH A O   1 
HETATM 1311 O O   . HOH D 4 .   ? -1.120  -11.413 25.921  1.00 37.06 ? 383 HOH A O   1 
HETATM 1312 O O   . HOH D 4 .   ? 4.693   13.872  1.245   1.00 32.92 ? 384 HOH A O   1 
HETATM 1313 O O   . HOH D 4 .   ? -2.482  -0.082  22.413  1.00 39.69 ? 385 HOH A O   1 
HETATM 1314 O O   . HOH D 4 .   ? 11.758  -14.153 -11.441 1.00 35.43 ? 386 HOH A O   1 
HETATM 1315 O O   . HOH D 4 .   ? 12.882  -10.734 -14.810 1.00 38.69 ? 387 HOH A O   1 
HETATM 1316 O O   . HOH D 4 .   ? -13.381 -10.315 12.003  1.00 43.73 ? 388 HOH A O   1 
HETATM 1317 O O   . HOH D 4 .   ? -11.533 -5.757  24.789  1.00 42.55 ? 389 HOH A O   1 
HETATM 1318 O O   . HOH D 4 .   ? -11.285 -9.577  24.840  1.00 33.08 ? 390 HOH A O   1 
HETATM 1319 O O   . HOH D 4 .   ? 11.055  8.914   10.345  1.00 41.14 ? 391 HOH A O   1 
HETATM 1320 O O   . HOH D 4 .   ? -3.246  17.138  1.238   1.00 44.97 ? 392 HOH A O   1 
HETATM 1321 O O   . HOH D 4 .   ? 5.960   -16.162 -5.395  1.00 35.92 ? 393 HOH A O   1 
HETATM 1322 O O   . HOH D 4 .   ? -2.006  2.040   21.400  1.00 20.69 ? 394 HOH A O   1 
HETATM 1323 O O   . HOH D 4 .   ? 12.890  13.285  -4.033  1.00 22.24 ? 395 HOH A O   1 
HETATM 1324 O O   . HOH D 4 .   ? 2.867   13.880  -2.653  1.00 22.67 ? 396 HOH A O   1 
HETATM 1325 O O   . HOH D 4 .   ? -1.040  2.572   17.311  1.00 25.06 ? 397 HOH A O   1 
HETATM 1326 O O   . HOH D 4 .   ? 14.951  -5.845  -0.522  1.00 35.98 ? 398 HOH A O   1 
HETATM 1327 O O   . HOH D 4 .   ? 5.253   13.151  -1.284  1.00 27.98 ? 399 HOH A O   1 
HETATM 1328 O O   . HOH D 4 .   ? -7.323  -8.891  9.593   1.00 29.84 ? 400 HOH A O   1 
HETATM 1329 O O   . HOH D 4 .   ? 12.110  -9.560  5.533   1.00 32.72 ? 401 HOH A O   1 
HETATM 1330 O O   . HOH D 4 .   ? 12.040  11.648  2.544   1.00 30.18 ? 402 HOH A O   1 
HETATM 1331 O O   . HOH D 4 .   ? -1.144  -6.038  7.891   1.00 33.29 ? 403 HOH A O   1 
HETATM 1332 O O   . HOH D 4 .   ? 20.748  0.149   -13.074 1.00 30.46 ? 404 HOH A O   1 
HETATM 1333 O O   . HOH D 4 .   ? -8.795  0.703   24.551  1.00 28.17 ? 405 HOH A O   1 
HETATM 1334 O O   . HOH D 4 .   ? -6.217  -8.160  -9.318  1.00 30.48 ? 406 HOH A O   1 
HETATM 1335 O O   . HOH D 4 .   ? 11.367  -7.230  6.736   1.00 31.36 ? 407 HOH A O   1 
HETATM 1336 O O   . HOH D 4 .   ? -11.770 1.323   21.672  1.00 32.63 ? 408 HOH A O   1 
HETATM 1337 O O   . HOH D 4 .   ? -1.633  14.814  2.889   1.00 35.31 ? 409 HOH A O   1 
HETATM 1338 O O   . HOH D 4 .   ? -2.749  -7.435  3.783   1.00 28.42 ? 410 HOH A O   1 
HETATM 1339 O O   . HOH D 4 .   ? 7.124   14.562  -2.348  1.00 30.31 ? 411 HOH A O   1 
HETATM 1340 O O   . HOH D 4 .   ? -2.156  4.239   11.712  1.00 38.49 ? 412 HOH A O   1 
HETATM 1341 O O   . HOH D 4 .   ? -4.640  -6.345  -13.047 1.00 40.96 ? 413 HOH A O   1 
HETATM 1342 O O   . HOH D 4 .   ? -14.606 3.151   -0.774  1.00 36.58 ? 414 HOH A O   1 
HETATM 1343 O O   . HOH D 4 .   ? -14.311 -0.793  -3.052  1.00 35.99 ? 415 HOH A O   1 
HETATM 1344 O O   . HOH D 4 .   ? 13.592  -11.016 1.642   1.00 38.26 ? 416 HOH A O   1 
HETATM 1345 O O   . HOH D 4 .   ? 7.298   9.905   -11.984 1.00 41.49 ? 417 HOH A O   1 
HETATM 1346 O O   . HOH D 4 .   ? 16.525  -5.364  -4.702  1.00 31.04 ? 418 HOH A O   1 
HETATM 1347 O O   . HOH D 4 .   ? 6.049   15.988  -5.606  1.00 32.77 ? 419 HOH A O   1 
HETATM 1348 O O   . HOH D 4 .   ? -7.765  -6.602  26.863  1.00 41.15 ? 420 HOH A O   1 
HETATM 1349 O O   . HOH D 4 .   ? -15.167 4.282   20.469  1.00 39.06 ? 421 HOH A O   1 
HETATM 1350 O O   . HOH D 4 .   ? -0.298  -15.309 -9.456  1.00 34.11 ? 422 HOH A O   1 
HETATM 1351 O O   . HOH D 4 .   ? 13.912  -4.755  4.928   1.00 36.54 ? 423 HOH A O   1 
HETATM 1352 O O   . HOH D 4 .   ? 15.782  -11.087 -3.589  1.00 50.33 ? 424 HOH A O   1 
HETATM 1353 O O   . HOH D 4 .   ? -5.135  3.557   -17.230 1.00 38.59 ? 425 HOH A O   1 
HETATM 1354 O O   . HOH D 4 .   ? -12.475 11.897  0.872   1.00 47.74 ? 426 HOH A O   1 
HETATM 1355 O O   . HOH D 4 .   ? 6.669   -7.867  14.918  1.00 39.86 ? 427 HOH A O   1 
HETATM 1356 O O   . HOH D 4 .   ? -17.727 -5.301  12.641  1.00 41.21 ? 428 HOH A O   1 
HETATM 1357 O O   . HOH D 4 .   ? 8.225   9.178   10.223  1.00 42.71 ? 429 HOH A O   1 
HETATM 1358 O O   . HOH D 4 .   ? 2.725   -6.474  11.266  1.00 38.94 ? 430 HOH A O   1 
HETATM 1359 O O   . HOH D 4 .   ? 0.242   -11.425 -11.210 1.00 51.43 ? 431 HOH A O   1 
HETATM 1360 O O   . HOH D 4 .   ? 21.111  -1.894  -10.165 1.00 46.14 ? 432 HOH A O   1 
HETATM 1361 O O   . HOH D 4 .   ? 0.005   -5.871  14.482  1.00 38.80 ? 433 HOH A O   1 
HETATM 1362 O O   . HOH D 4 .   ? -17.988 0.156   7.271   1.00 40.58 ? 434 HOH A O   1 
HETATM 1363 O O   . HOH D 4 .   ? -6.172  11.453  7.705   1.00 33.76 ? 435 HOH A O   1 
HETATM 1364 O O   . HOH D 4 .   ? 16.472  -0.213  -15.091 1.00 37.14 ? 436 HOH A O   1 
HETATM 1365 O O   . HOH D 4 .   ? -5.008  -7.345  8.979   1.00 40.63 ? 437 HOH A O   1 
HETATM 1366 O O   . HOH D 4 .   ? 12.023  -13.241 -14.565 1.00 54.31 ? 438 HOH A O   1 
HETATM 1367 O O   . HOH D 4 .   ? 6.544   -10.447 8.242   1.00 47.09 ? 439 HOH A O   1 
HETATM 1368 O O   . HOH D 4 .   ? 9.308   -15.117 -12.293 1.00 36.77 ? 440 HOH A O   1 
HETATM 1369 O O   . HOH D 4 .   ? 10.379  -3.581  11.770  1.00 37.79 ? 441 HOH A O   1 
HETATM 1370 O O   . HOH D 4 .   ? 13.394  -16.884 -3.498  1.00 46.46 ? 442 HOH A O   1 
HETATM 1371 O O   . HOH D 4 .   ? -14.077 5.999   2.020   1.00 48.76 ? 443 HOH A O   1 
HETATM 1372 O O   . HOH D 4 .   ? -0.238  -11.996 28.335  1.00 43.69 ? 444 HOH A O   1 
HETATM 1373 O O   . HOH D 4 .   ? -14.951 8.625   -7.776  1.00 40.30 ? 445 HOH A O   1 
HETATM 1374 O O   . HOH D 4 .   ? 4.536   -11.675 6.843   1.00 48.12 ? 446 HOH A O   1 
HETATM 1375 O O   . HOH D 4 .   ? -5.614  17.817  0.283   1.00 45.33 ? 447 HOH A O   1 
HETATM 1376 O O   . HOH D 4 .   ? -13.627 -4.750  7.238   1.00 41.90 ? 448 HOH A O   1 
HETATM 1377 O O   . HOH D 4 .   ? -11.160 -9.706  27.450  1.00 30.91 ? 449 HOH A O   1 
HETATM 1378 O O   . HOH D 4 .   ? 2.906   8.933   -12.406 1.00 42.29 ? 450 HOH A O   1 
HETATM 1379 O O   . HOH D 4 .   ? 17.748  2.484   4.810   1.00 40.13 ? 451 HOH A O   1 
HETATM 1380 O O   . HOH D 4 .   ? 10.264  -9.030  -16.433 1.00 44.03 ? 452 HOH A O   1 
HETATM 1381 O O   . HOH D 4 .   ? -3.630  16.901  -11.476 1.00 48.04 ? 453 HOH A O   1 
HETATM 1382 O O   . HOH D 4 .   ? -4.860  -17.669 16.350  1.00 39.72 ? 454 HOH A O   1 
HETATM 1383 O O   . HOH D 4 .   ? 14.985  -7.987  -20.916 1.00 46.48 ? 455 HOH A O   1 
HETATM 1384 O O   . HOH D 4 .   ? 0.950   -17.464 -4.020  1.00 53.30 ? 456 HOH A O   1 
HETATM 1385 O O   . HOH D 4 .   ? 7.449   -14.065 -15.410 1.00 50.05 ? 457 HOH A O   1 
HETATM 1386 O O   . HOH D 4 .   ? -11.152 -5.267  27.443  1.00 40.07 ? 458 HOH A O   1 
HETATM 1387 O O   . HOH D 4 .   ? -19.771 2.873   5.184   1.00 41.69 ? 459 HOH A O   1 
HETATM 1388 O O   . HOH D 4 .   ? 11.419  -13.552 4.738   1.00 42.26 ? 460 HOH A O   1 
HETATM 1389 O O   . HOH D 4 .   ? -18.420 -0.977  4.014   1.00 48.84 ? 461 HOH A O   1 
HETATM 1390 O O   . HOH D 4 .   ? 12.088  1.551   -14.173 1.00 48.19 ? 462 HOH A O   1 
HETATM 1391 O O   . HOH D 4 .   ? -3.245  -8.653  18.029  1.00 49.03 ? 463 HOH A O   1 
HETATM 1392 O O   . HOH D 4 .   ? -12.555 5.353   6.269   1.00 40.15 ? 464 HOH A O   1 
HETATM 1393 O O   . HOH D 4 .   ? -10.528 -12.067 23.757  1.00 30.00 ? 465 HOH A O   1 
HETATM 1394 O O   . HOH D 4 .   ? -10.670 12.729  3.120   1.00 37.86 ? 466 HOH A O   1 
HETATM 1395 O O   . HOH D 4 .   ? 9.118   -1.727  -12.040 1.00 24.74 ? 901 HOH A O   1 
HETATM 1396 O O   . HOH D 4 .   ? 3.973   -4.592  -13.746 1.00 36.05 ? 902 HOH A O   1 
HETATM 1397 O O   . HOH D 4 .   ? 3.720   -3.160  -16.072 1.00 43.52 ? 903 HOH A O   1 
HETATM 1398 O O   . HOH D 4 .   ? 7.382   1.360   -12.666 1.00 37.08 ? 904 HOH A O   1 
HETATM 1399 O O   . HOH D 4 .   ? -4.673  -4.810  -15.670 1.00 37.29 ? 905 HOH A O   1 
HETATM 1400 O O   . HOH D 4 .   ? 6.163   0.621   -17.647 1.00 47.46 ? 906 HOH A O   1 
# 
loop_
_pdbx_poly_seq_scheme.asym_id 
_pdbx_poly_seq_scheme.entity_id 
_pdbx_poly_seq_scheme.seq_id 
_pdbx_poly_seq_scheme.mon_id 
_pdbx_poly_seq_scheme.ndb_seq_num 
_pdbx_poly_seq_scheme.pdb_seq_num 
_pdbx_poly_seq_scheme.auth_seq_num 
_pdbx_poly_seq_scheme.pdb_mon_id 
_pdbx_poly_seq_scheme.auth_mon_id 
_pdbx_poly_seq_scheme.pdb_strand_id 
_pdbx_poly_seq_scheme.pdb_ins_code 
_pdbx_poly_seq_scheme.hetero 
A 1 1   GLY 1   -3  ?   ?   ?   A . n 
A 1 2   SER 2   -2  ?   ?   ?   A . n 
A 1 3   HIS 3   -1  ?   ?   ?   A . n 
A 1 4   GLY 4   0   ?   ?   ?   A . n 
A 1 5   MET 5   1   ?   ?   ?   A . n 
A 1 6   ALA 6   2   ?   ?   ?   A . n 
A 1 7   ASP 7   3   ?   ?   ?   A . n 
A 1 8   GLU 8   4   ?   ?   ?   A . n 
A 1 9   GLU 9   5   ?   ?   ?   A . n 
A 1 10  LYS 10  6   ?   ?   ?   A . n 
A 1 11  LEU 11  7   7   LEU LEU A . n 
A 1 12  PRO 12  8   8   PRO PRO A . n 
A 1 13  PRO 13  9   9   PRO PRO A . n 
A 1 14  GLY 14  10  10  GLY GLY A . n 
A 1 15  TRP 15  11  11  TRP TRP A . n 
A 1 16  GLU 16  12  12  GLU GLU A . n 
A 1 17  LYS 17  13  13  LYS LYS A . n 
A 1 18  ALA 18  14  14  ALA ALA A . n 
A 1 19  MET 19  15  15  MET MET A . n 
A 1 20  SER 20  16  16  SER SER A . n 
A 1 21  ARG 21  17  17  ARG ARG A . n 
A 1 22  SER 22  18  18  SER SER A . n 
A 1 23  SER 23  19  19  SER SER A . n 
A 1 24  GLY 24  20  20  GLY GLY A . n 
A 1 25  ARG 25  21  21  ARG ARG A . n 
A 1 26  VAL 26  22  22  VAL VAL A . n 
A 1 27  TYR 27  23  23  TYR TYR A . n 
A 1 28  TYR 28  24  24  TYR TYR A . n 
A 1 29  PHE 29  25  25  PHE PHE A . n 
A 1 30  ASN 30  26  26  ASN ASN A . n 
A 1 31  HIS 31  27  27  HIS HIS A . n 
A 1 32  ILE 32  28  28  ILE ILE A . n 
A 1 33  THR 33  29  29  THR THR A . n 
A 1 34  ASN 34  30  30  ASN ASN A . n 
A 1 35  ALA 35  31  31  ALA ALA A . n 
A 1 36  SER 36  32  32  SER SER A . n 
A 1 37  GLN 37  33  33  GLN GLN A . n 
A 1 38  TRP 38  34  34  TRP TRP A . n 
A 1 39  GLU 39  35  35  GLU GLU A . n 
A 1 40  ARG 40  36  36  ARG ARG A . n 
A 1 41  PRO 41  37  37  PRO PRO A . n 
A 1 42  SER 42  38  38  SER SER A . n 
A 1 43  GLY 43  39  ?   ?   ?   A . n 
A 1 44  ASN 44  40  ?   ?   ?   A . n 
A 1 45  SER 45  41  ?   ?   ?   A . n 
A 1 46  SER 46  42  ?   ?   ?   A . n 
A 1 47  SER 47  43  ?   ?   ?   A . n 
A 1 48  GLY 48  44  ?   ?   ?   A . n 
A 1 49  GLY 49  45  ?   ?   ?   A . n 
A 1 50  LYS 50  46  ?   ?   ?   A . n 
A 1 51  ASN 51  47  ?   ?   ?   A . n 
A 1 52  GLY 52  48  ?   ?   ?   A . n 
A 1 53  GLN 53  49  ?   ?   ?   A . n 
A 1 54  GLY 54  50  ?   ?   ?   A . n 
A 1 55  GLU 55  51  51  GLU GLU A . n 
A 1 56  PRO 56  52  52  PRO PRO A . n 
A 1 57  ALA 57  53  53  ALA ALA A . n 
A 1 58  ARG 58  54  54  ARG ARG A . n 
A 1 59  VAL 59  55  55  VAL VAL A . n 
A 1 60  ARG 60  56  56  ARG ARG A . n 
A 1 61  CYS 61  57  57  CYS CYS A . n 
A 1 62  SER 62  58  58  SER SER A . n 
A 1 63  HIS 63  59  59  HIS HIS A . n 
A 1 64  LEU 64  60  60  LEU LEU A . n 
A 1 65  LEU 65  61  61  LEU LEU A . n 
A 1 66  VAL 66  62  62  VAL VAL A . n 
A 1 67  LYS 67  63  63  LYS LYS A . n 
A 1 68  HIS 68  64  64  HIS HIS A . n 
A 1 69  SER 69  65  65  SER SER A . n 
A 1 70  GLN 70  66  66  GLN GLN A . n 
A 1 71  SER 71  67  67  SER SER A . n 
A 1 72  ARG 72  68  68  ARG ARG A . n 
A 1 73  ARG 73  69  69  ARG ARG A . n 
A 1 74  PRO 74  70  70  PRO PRO A . n 
A 1 75  SER 75  71  71  SER SER A . n 
A 1 76  SER 76  72  72  SER SER A . n 
A 1 77  TRP 77  73  73  TRP TRP A . n 
A 1 78  ARG 78  74  74  ARG ARG A . n 
A 1 79  GLN 79  75  75  GLN GLN A . n 
A 1 80  GLU 80  76  76  GLU GLU A . n 
A 1 81  LYS 81  77  77  LYS LYS A . n 
A 1 82  ILE 82  78  78  ILE ILE A . n 
A 1 83  THR 83  79  79  THR THR A . n 
A 1 84  ARG 84  80  80  ARG ARG A . n 
A 1 85  THR 85  81  81  THR THR A . n 
A 1 86  LYS 86  82  82  LYS LYS A . n 
A 1 87  GLU 87  83  83  GLU GLU A . n 
A 1 88  GLU 88  84  84  GLU GLU A . n 
A 1 89  ALA 89  85  85  ALA ALA A . n 
A 1 90  LEU 90  86  86  LEU LEU A . n 
A 1 91  GLU 91  87  87  GLU GLU A . n 
A 1 92  LEU 92  88  88  LEU LEU A . n 
A 1 93  ILE 93  89  89  ILE ILE A . n 
A 1 94  ASN 94  90  90  ASN ASN A . n 
A 1 95  GLY 95  91  91  GLY GLY A . n 
A 1 96  TYR 96  92  92  TYR TYR A . n 
A 1 97  ILE 97  93  93  ILE ILE A . n 
A 1 98  GLN 98  94  94  GLN GLN A . n 
A 1 99  LYS 99  95  95  LYS LYS A . n 
A 1 100 ILE 100 96  96  ILE ILE A . n 
A 1 101 LYS 101 97  97  LYS LYS A . n 
A 1 102 SER 102 98  98  SER SER A . n 
A 1 103 GLY 103 99  99  GLY GLY A . n 
A 1 104 GLU 104 100 100 GLU GLU A . n 
A 1 105 GLU 105 101 101 GLU GLU A . n 
A 1 106 ASP 106 102 102 ASP ASP A . n 
A 1 107 PHE 107 103 103 PHE PHE A . n 
A 1 108 GLU 108 104 104 GLU GLU A . n 
A 1 109 SER 109 105 105 SER SER A . n 
A 1 110 LEU 110 106 106 LEU LEU A . n 
A 1 111 ALA 111 107 107 ALA ALA A . n 
A 1 112 SER 112 108 108 SER SER A . n 
A 1 113 GLN 113 109 109 GLN GLN A . n 
A 1 114 PHE 114 110 110 PHE PHE A . n 
A 1 115 SER 115 111 111 SER SER A . n 
A 1 116 ASP 116 112 112 ASP ASP A . n 
A 1 117 CYS 117 113 113 CYS CYS A . n 
A 1 118 SER 118 114 114 SER SER A . n 
A 1 119 SER 119 115 115 SER SER A . n 
A 1 120 ALA 120 116 116 ALA ALA A . n 
A 1 121 LYS 121 117 117 LYS LYS A . n 
A 1 122 ALA 122 118 118 ALA ALA A . n 
A 1 123 ARG 123 119 119 ARG ARG A . n 
A 1 124 GLY 124 120 120 GLY GLY A . n 
A 1 125 ASP 125 121 121 ASP ASP A . n 
A 1 126 LEU 126 122 122 LEU LEU A . n 
A 1 127 GLY 127 123 123 GLY GLY A . n 
A 1 128 ALA 128 124 124 ALA ALA A . n 
A 1 129 PHE 129 125 125 PHE PHE A . n 
A 1 130 SER 130 126 126 SER SER A . n 
A 1 131 ARG 131 127 127 ARG ARG A . n 
A 1 132 GLY 132 128 128 GLY GLY A . n 
A 1 133 GLN 133 129 129 GLN GLN A . n 
A 1 134 MET 134 130 130 MET MET A . n 
A 1 135 GLN 135 131 131 GLN GLN A . n 
A 1 136 LYS 136 132 132 LYS LYS A . n 
A 1 137 PRO 137 133 133 PRO PRO A . n 
A 1 138 PHE 138 134 134 PHE PHE A . n 
A 1 139 GLU 139 135 135 GLU GLU A . n 
A 1 140 ASP 140 136 136 ASP ASP A . n 
A 1 141 ALA 141 137 137 ALA ALA A . n 
A 1 142 SER 142 138 138 SER SER A . n 
A 1 143 PHE 143 139 139 PHE PHE A . n 
A 1 144 ALA 144 140 140 ALA ALA A . n 
A 1 145 LEU 145 141 141 LEU LEU A . n 
A 1 146 ARG 146 142 142 ARG ARG A . n 
A 1 147 THR 147 143 143 THR THR A . n 
A 1 148 GLY 148 144 144 GLY GLY A . n 
A 1 149 GLU 149 145 145 GLU GLU A . n 
A 1 150 MET 150 146 146 MET MET A . n 
A 1 151 SER 151 147 147 SER SER A . n 
A 1 152 GLY 152 148 148 GLY GLY A . n 
A 1 153 PRO 153 149 149 PRO PRO A . n 
A 1 154 VAL 154 150 150 VAL VAL A . n 
A 1 155 PHE 155 151 151 PHE PHE A . n 
A 1 156 THR 156 152 152 THR THR A . n 
A 1 157 ASP 157 153 153 ASP ASP A . n 
A 1 158 SER 158 154 154 SER SER A . n 
A 1 159 GLY 159 155 155 GLY GLY A . n 
A 1 160 ILE 160 156 156 ILE ILE A . n 
A 1 161 HIS 161 157 157 HIS HIS A . n 
A 1 162 ILE 162 158 158 ILE ILE A . n 
A 1 163 ILE 163 159 159 ILE ILE A . n 
A 1 164 LEU 164 160 160 LEU LEU A . n 
A 1 165 ARG 165 161 161 ARG ARG A . n 
A 1 166 THR 166 162 162 THR THR A . n 
A 1 167 GLU 167 163 163 GLU GLU A . n 
B 2 1   ACE 1   500 ?   ?   ?   B . n 
B 2 2   PHE 2   501 501 PHE PHE B . n 
B 2 3   D11 3   502 502 D11 D11 B . n 
B 2 4   YCP 4   503 503 YCP YCP B . n 
B 2 5   NAL 5   504 504 NAL NAL B . n 
B 2 6   GLN 6   505 505 GLN GLN B . n 
B 2 7   NH2 7   506 701 NH2 NH2 B . n 
# 
loop_
_pdbx_nonpoly_scheme.asym_id 
_pdbx_nonpoly_scheme.entity_id 
_pdbx_nonpoly_scheme.mon_id 
_pdbx_nonpoly_scheme.ndb_seq_num 
_pdbx_nonpoly_scheme.pdb_seq_num 
_pdbx_nonpoly_scheme.auth_seq_num 
_pdbx_nonpoly_scheme.pdb_mon_id 
_pdbx_nonpoly_scheme.auth_mon_id 
_pdbx_nonpoly_scheme.pdb_strand_id 
_pdbx_nonpoly_scheme.pdb_ins_code 
C 3 PE4 1   300 300 PE4 PE4 A . 
D 4 HOH 1   301 1   HOH HOH A . 
D 4 HOH 2   302 2   HOH HOH A . 
D 4 HOH 3   303 3   HOH HOH A . 
D 4 HOH 4   304 4   HOH HOH A . 
D 4 HOH 5   305 5   HOH HOH A . 
D 4 HOH 6   306 6   HOH HOH A . 
D 4 HOH 7   307 7   HOH HOH A . 
D 4 HOH 8   308 8   HOH HOH A . 
D 4 HOH 9   309 9   HOH HOH A . 
D 4 HOH 10  310 10  HOH HOH A . 
D 4 HOH 11  311 11  HOH HOH A . 
D 4 HOH 12  312 12  HOH HOH A . 
D 4 HOH 13  313 13  HOH HOH A . 
D 4 HOH 14  314 14  HOH HOH A . 
D 4 HOH 15  315 15  HOH HOH A . 
D 4 HOH 16  316 16  HOH HOH A . 
D 4 HOH 17  317 17  HOH HOH A . 
D 4 HOH 18  318 18  HOH HOH A . 
D 4 HOH 19  319 19  HOH HOH A . 
D 4 HOH 20  320 20  HOH HOH A . 
D 4 HOH 21  321 21  HOH HOH A . 
D 4 HOH 22  322 22  HOH HOH A . 
D 4 HOH 23  323 23  HOH HOH A . 
D 4 HOH 24  324 24  HOH HOH A . 
D 4 HOH 25  325 25  HOH HOH A . 
D 4 HOH 26  326 26  HOH HOH A . 
D 4 HOH 27  327 27  HOH HOH A . 
D 4 HOH 28  328 28  HOH HOH A . 
D 4 HOH 29  329 29  HOH HOH A . 
D 4 HOH 30  330 30  HOH HOH A . 
D 4 HOH 31  331 31  HOH HOH A . 
D 4 HOH 32  332 33  HOH HOH A . 
D 4 HOH 33  333 34  HOH HOH A . 
D 4 HOH 34  334 35  HOH HOH A . 
D 4 HOH 35  335 36  HOH HOH A . 
D 4 HOH 36  336 37  HOH HOH A . 
D 4 HOH 37  337 38  HOH HOH A . 
D 4 HOH 38  338 39  HOH HOH A . 
D 4 HOH 39  339 40  HOH HOH A . 
D 4 HOH 40  340 41  HOH HOH A . 
D 4 HOH 41  341 42  HOH HOH A . 
D 4 HOH 42  342 43  HOH HOH A . 
D 4 HOH 43  343 44  HOH HOH A . 
D 4 HOH 44  344 45  HOH HOH A . 
D 4 HOH 45  345 46  HOH HOH A . 
D 4 HOH 46  346 47  HOH HOH A . 
D 4 HOH 47  347 48  HOH HOH A . 
D 4 HOH 48  348 49  HOH HOH A . 
D 4 HOH 49  349 50  HOH HOH A . 
D 4 HOH 50  350 51  HOH HOH A . 
D 4 HOH 51  351 52  HOH HOH A . 
D 4 HOH 52  352 53  HOH HOH A . 
D 4 HOH 53  353 54  HOH HOH A . 
D 4 HOH 54  354 55  HOH HOH A . 
D 4 HOH 55  355 56  HOH HOH A . 
D 4 HOH 56  356 57  HOH HOH A . 
D 4 HOH 57  357 58  HOH HOH A . 
D 4 HOH 58  358 60  HOH HOH A . 
D 4 HOH 59  359 61  HOH HOH A . 
D 4 HOH 60  360 62  HOH HOH A . 
D 4 HOH 61  361 63  HOH HOH A . 
D 4 HOH 62  362 64  HOH HOH A . 
D 4 HOH 63  363 65  HOH HOH A . 
D 4 HOH 64  364 66  HOH HOH A . 
D 4 HOH 65  365 67  HOH HOH A . 
D 4 HOH 66  366 68  HOH HOH A . 
D 4 HOH 67  367 69  HOH HOH A . 
D 4 HOH 68  368 70  HOH HOH A . 
D 4 HOH 69  369 71  HOH HOH A . 
D 4 HOH 70  370 72  HOH HOH A . 
D 4 HOH 71  371 73  HOH HOH A . 
D 4 HOH 72  372 74  HOH HOH A . 
D 4 HOH 73  373 75  HOH HOH A . 
D 4 HOH 74  374 76  HOH HOH A . 
D 4 HOH 75  375 77  HOH HOH A . 
D 4 HOH 76  376 78  HOH HOH A . 
D 4 HOH 77  377 79  HOH HOH A . 
D 4 HOH 78  378 81  HOH HOH A . 
D 4 HOH 79  379 82  HOH HOH A . 
D 4 HOH 80  380 83  HOH HOH A . 
D 4 HOH 81  381 84  HOH HOH A . 
D 4 HOH 82  382 85  HOH HOH A . 
D 4 HOH 83  383 86  HOH HOH A . 
D 4 HOH 84  384 87  HOH HOH A . 
D 4 HOH 85  385 88  HOH HOH A . 
D 4 HOH 86  386 89  HOH HOH A . 
D 4 HOH 87  387 90  HOH HOH A . 
D 4 HOH 88  388 91  HOH HOH A . 
D 4 HOH 89  389 92  HOH HOH A . 
D 4 HOH 90  390 93  HOH HOH A . 
D 4 HOH 91  391 95  HOH HOH A . 
D 4 HOH 92  392 96  HOH HOH A . 
D 4 HOH 93  393 97  HOH HOH A . 
D 4 HOH 94  394 98  HOH HOH A . 
D 4 HOH 95  395 99  HOH HOH A . 
D 4 HOH 96  396 100 HOH HOH A . 
D 4 HOH 97  397 101 HOH HOH A . 
D 4 HOH 98  398 102 HOH HOH A . 
D 4 HOH 99  399 103 HOH HOH A . 
D 4 HOH 100 400 104 HOH HOH A . 
D 4 HOH 101 401 105 HOH HOH A . 
D 4 HOH 102 402 106 HOH HOH A . 
D 4 HOH 103 403 107 HOH HOH A . 
D 4 HOH 104 404 108 HOH HOH A . 
D 4 HOH 105 405 109 HOH HOH A . 
D 4 HOH 106 406 110 HOH HOH A . 
D 4 HOH 107 407 111 HOH HOH A . 
D 4 HOH 108 408 112 HOH HOH A . 
D 4 HOH 109 409 113 HOH HOH A . 
D 4 HOH 110 410 114 HOH HOH A . 
D 4 HOH 111 411 115 HOH HOH A . 
D 4 HOH 112 412 116 HOH HOH A . 
D 4 HOH 113 413 117 HOH HOH A . 
D 4 HOH 114 414 118 HOH HOH A . 
D 4 HOH 115 415 119 HOH HOH A . 
D 4 HOH 116 416 120 HOH HOH A . 
D 4 HOH 117 417 121 HOH HOH A . 
D 4 HOH 118 418 122 HOH HOH A . 
D 4 HOH 119 419 123 HOH HOH A . 
D 4 HOH 120 420 124 HOH HOH A . 
D 4 HOH 121 421 125 HOH HOH A . 
D 4 HOH 122 422 126 HOH HOH A . 
D 4 HOH 123 423 127 HOH HOH A . 
D 4 HOH 124 424 128 HOH HOH A . 
D 4 HOH 125 425 129 HOH HOH A . 
D 4 HOH 126 426 130 HOH HOH A . 
D 4 HOH 127 427 131 HOH HOH A . 
D 4 HOH 128 428 132 HOH HOH A . 
D 4 HOH 129 429 134 HOH HOH A . 
D 4 HOH 130 430 135 HOH HOH A . 
D 4 HOH 131 431 136 HOH HOH A . 
D 4 HOH 132 432 137 HOH HOH A . 
D 4 HOH 133 433 138 HOH HOH A . 
D 4 HOH 134 434 139 HOH HOH A . 
D 4 HOH 135 435 140 HOH HOH A . 
D 4 HOH 136 436 141 HOH HOH A . 
D 4 HOH 137 437 142 HOH HOH A . 
D 4 HOH 138 438 143 HOH HOH A . 
D 4 HOH 139 439 144 HOH HOH A . 
D 4 HOH 140 440 145 HOH HOH A . 
D 4 HOH 141 441 146 HOH HOH A . 
D 4 HOH 142 442 147 HOH HOH A . 
D 4 HOH 143 443 148 HOH HOH A . 
D 4 HOH 144 444 149 HOH HOH A . 
D 4 HOH 145 445 150 HOH HOH A . 
D 4 HOH 146 446 151 HOH HOH A . 
D 4 HOH 147 447 152 HOH HOH A . 
D 4 HOH 148 448 153 HOH HOH A . 
D 4 HOH 149 449 154 HOH HOH A . 
D 4 HOH 150 450 155 HOH HOH A . 
D 4 HOH 151 451 157 HOH HOH A . 
D 4 HOH 152 452 158 HOH HOH A . 
D 4 HOH 153 453 159 HOH HOH A . 
D 4 HOH 154 454 160 HOH HOH A . 
D 4 HOH 155 455 161 HOH HOH A . 
D 4 HOH 156 456 162 HOH HOH A . 
D 4 HOH 157 457 163 HOH HOH A . 
D 4 HOH 158 458 164 HOH HOH A . 
D 4 HOH 159 459 165 HOH HOH A . 
D 4 HOH 160 460 166 HOH HOH A . 
D 4 HOH 161 461 167 HOH HOH A . 
D 4 HOH 162 462 168 HOH HOH A . 
D 4 HOH 163 463 169 HOH HOH A . 
D 4 HOH 164 464 170 HOH HOH A . 
D 4 HOH 165 465 171 HOH HOH A . 
D 4 HOH 166 466 172 HOH HOH A . 
D 4 HOH 167 901 901 HOH HOH A . 
D 4 HOH 168 902 902 HOH HOH A . 
D 4 HOH 169 903 903 HOH HOH A . 
D 4 HOH 170 904 904 HOH HOH A . 
D 4 HOH 171 905 905 HOH HOH A . 
D 4 HOH 172 906 906 HOH HOH A . 
# 
_pdbx_struct_mod_residue.id               1 
_pdbx_struct_mod_residue.label_asym_id    B 
_pdbx_struct_mod_residue.label_comp_id    NAL 
_pdbx_struct_mod_residue.label_seq_id     5 
_pdbx_struct_mod_residue.auth_asym_id     B 
_pdbx_struct_mod_residue.auth_comp_id     NAL 
_pdbx_struct_mod_residue.auth_seq_id      504 
_pdbx_struct_mod_residue.PDB_ins_code     ? 
_pdbx_struct_mod_residue.parent_comp_id   ALA 
_pdbx_struct_mod_residue.details          'BETA-(2-NAPHTHYL)-ALANINE' 
# 
_pdbx_struct_assembly.id                   1 
_pdbx_struct_assembly.details              author_defined_assembly 
_pdbx_struct_assembly.method_details       ? 
_pdbx_struct_assembly.oligomeric_details   dimeric 
_pdbx_struct_assembly.oligomeric_count     2 
# 
_pdbx_struct_assembly_gen.assembly_id       1 
_pdbx_struct_assembly_gen.oper_expression   1 
_pdbx_struct_assembly_gen.asym_id_list      A,B,C,D 
# 
_pdbx_struct_oper_list.id                   1 
_pdbx_struct_oper_list.type                 'identity operation' 
_pdbx_struct_oper_list.name                 1_555 
_pdbx_struct_oper_list.symmetry_operation   x,y,z 
_pdbx_struct_oper_list.matrix[1][1]         1.0000000000 
_pdbx_struct_oper_list.matrix[1][2]         0.0000000000 
_pdbx_struct_oper_list.matrix[1][3]         0.0000000000 
_pdbx_struct_oper_list.vector[1]            0.0000000000 
_pdbx_struct_oper_list.matrix[2][1]         0.0000000000 
_pdbx_struct_oper_list.matrix[2][2]         1.0000000000 
_pdbx_struct_oper_list.matrix[2][3]         0.0000000000 
_pdbx_struct_oper_list.vector[2]            0.0000000000 
_pdbx_struct_oper_list.matrix[3][1]         0.0000000000 
_pdbx_struct_oper_list.matrix[3][2]         0.0000000000 
_pdbx_struct_oper_list.matrix[3][3]         1.0000000000 
_pdbx_struct_oper_list.vector[3]            0.0000000000 
# 
loop_
_pdbx_audit_revision_history.ordinal 
_pdbx_audit_revision_history.data_content_type 
_pdbx_audit_revision_history.major_revision 
_pdbx_audit_revision_history.minor_revision 
_pdbx_audit_revision_history.revision_date 
1 'Structure model' 1 0 2007-05-22 
2 'Structure model' 1 1 2008-05-01 
3 'Structure model' 1 2 2011-07-13 
4 'Structure model' 1 3 2023-08-30 
5 'Structure model' 1 4 2023-11-15 
# 
_pdbx_audit_revision_details.ordinal             1 
_pdbx_audit_revision_details.revision_ordinal    1 
_pdbx_audit_revision_details.data_content_type   'Structure model' 
_pdbx_audit_revision_details.provider            repository 
_pdbx_audit_revision_details.type                'Initial release' 
_pdbx_audit_revision_details.description         ? 
_pdbx_audit_revision_details.details             ? 
# 
loop_
_pdbx_audit_revision_group.ordinal 
_pdbx_audit_revision_group.revision_ordinal 
_pdbx_audit_revision_group.data_content_type 
_pdbx_audit_revision_group.group 
1  2 'Structure model' 'Version format compliance' 
2  3 'Structure model' 'Atomic model'              
3  3 'Structure model' 'Database references'       
4  3 'Structure model' 'Derived calculations'      
5  3 'Structure model' 'Non-polymer description'   
6  3 'Structure model' 'Structure summary'         
7  3 'Structure model' 'Version format compliance' 
8  4 'Structure model' 'Data collection'           
9  4 'Structure model' 'Database references'       
10 4 'Structure model' 'Derived calculations'      
11 4 'Structure model' 'Refinement description'    
12 5 'Structure model' 'Data collection'           
# 
loop_
_pdbx_audit_revision_category.ordinal 
_pdbx_audit_revision_category.revision_ordinal 
_pdbx_audit_revision_category.data_content_type 
_pdbx_audit_revision_category.category 
1 4 'Structure model' chem_comp_atom                
2 4 'Structure model' chem_comp_bond                
3 4 'Structure model' database_2                    
4 4 'Structure model' pdbx_initial_refinement_model 
5 4 'Structure model' struct_conn                   
6 4 'Structure model' struct_ref_seq_dif            
7 4 'Structure model' struct_site                   
8 5 'Structure model' chem_comp_atom                
9 5 'Structure model' chem_comp_bond                
# 
loop_
_pdbx_audit_revision_item.ordinal 
_pdbx_audit_revision_item.revision_ordinal 
_pdbx_audit_revision_item.data_content_type 
_pdbx_audit_revision_item.item 
1 4 'Structure model' '_database_2.pdbx_DOI'                
2 4 'Structure model' '_database_2.pdbx_database_accession' 
3 4 'Structure model' '_struct_conn.pdbx_leaving_atom_flag' 
4 4 'Structure model' '_struct_ref_seq_dif.details'         
5 4 'Structure model' '_struct_site.pdbx_auth_asym_id'      
6 4 'Structure model' '_struct_site.pdbx_auth_comp_id'      
7 4 'Structure model' '_struct_site.pdbx_auth_seq_id'       
8 5 'Structure model' '_chem_comp_atom.atom_id'             
9 5 'Structure model' '_chem_comp_bond.atom_id_2'           
# 
loop_
_software.name 
_software.classification 
_software.version 
_software.citation_id 
_software.pdbx_ordinal 
REFMAC   refinement       5.2.0019 ? 1 
MOSFLM   'data reduction' .        ? 2 
HKL-2000 'data reduction' .        ? 3 
HKL-2000 'data scaling'   .        ? 4 
AMoRE    phasing          .        ? 5 
# 
_pdbx_database_remark.id     600 
_pdbx_database_remark.text   
;HETEROGEN
THE HETGROUP PE4 REPRESENTS POLYETHYLENE GLYCOL 400 WHICH 
WAS USED IN THIS STRUCTURE
;
# 
loop_
_pdbx_validate_rmsd_bond.id 
_pdbx_validate_rmsd_bond.PDB_model_num 
_pdbx_validate_rmsd_bond.auth_atom_id_1 
_pdbx_validate_rmsd_bond.auth_asym_id_1 
_pdbx_validate_rmsd_bond.auth_comp_id_1 
_pdbx_validate_rmsd_bond.auth_seq_id_1 
_pdbx_validate_rmsd_bond.PDB_ins_code_1 
_pdbx_validate_rmsd_bond.label_alt_id_1 
_pdbx_validate_rmsd_bond.auth_atom_id_2 
_pdbx_validate_rmsd_bond.auth_asym_id_2 
_pdbx_validate_rmsd_bond.auth_comp_id_2 
_pdbx_validate_rmsd_bond.auth_seq_id_2 
_pdbx_validate_rmsd_bond.PDB_ins_code_2 
_pdbx_validate_rmsd_bond.label_alt_id_2 
_pdbx_validate_rmsd_bond.bond_value 
_pdbx_validate_rmsd_bond.bond_target_value 
_pdbx_validate_rmsd_bond.bond_deviation 
_pdbx_validate_rmsd_bond.bond_standard_deviation 
_pdbx_validate_rmsd_bond.linker_flag 
1 1 C B PHE 501 ? ? O B PHE 501 ? ? 1.358 1.229 0.129 0.019 N 
2 1 C B GLN 505 ? ? O B GLN 505 ? ? 1.367 1.229 0.138 0.019 N 
# 
loop_
_pdbx_validate_rmsd_angle.id 
_pdbx_validate_rmsd_angle.PDB_model_num 
_pdbx_validate_rmsd_angle.auth_atom_id_1 
_pdbx_validate_rmsd_angle.auth_asym_id_1 
_pdbx_validate_rmsd_angle.auth_comp_id_1 
_pdbx_validate_rmsd_angle.auth_seq_id_1 
_pdbx_validate_rmsd_angle.PDB_ins_code_1 
_pdbx_validate_rmsd_angle.label_alt_id_1 
_pdbx_validate_rmsd_angle.auth_atom_id_2 
_pdbx_validate_rmsd_angle.auth_asym_id_2 
_pdbx_validate_rmsd_angle.auth_comp_id_2 
_pdbx_validate_rmsd_angle.auth_seq_id_2 
_pdbx_validate_rmsd_angle.PDB_ins_code_2 
_pdbx_validate_rmsd_angle.label_alt_id_2 
_pdbx_validate_rmsd_angle.auth_atom_id_3 
_pdbx_validate_rmsd_angle.auth_asym_id_3 
_pdbx_validate_rmsd_angle.auth_comp_id_3 
_pdbx_validate_rmsd_angle.auth_seq_id_3 
_pdbx_validate_rmsd_angle.PDB_ins_code_3 
_pdbx_validate_rmsd_angle.label_alt_id_3 
_pdbx_validate_rmsd_angle.angle_value 
_pdbx_validate_rmsd_angle.angle_target_value 
_pdbx_validate_rmsd_angle.angle_deviation 
_pdbx_validate_rmsd_angle.angle_standard_deviation 
_pdbx_validate_rmsd_angle.linker_flag 
1 1 O  B YCP 503 ? ? C  B YCP 503 ? ? N  B NAL 504 ? ? 111.58 122.70 -11.12 1.60 Y 
2 1 CA B GLN 505 ? ? CB B GLN 505 ? ? CG B GLN 505 ? ? 130.76 113.40 17.36  2.20 N 
# 
_pdbx_validate_torsion.id              1 
_pdbx_validate_torsion.PDB_model_num   1 
_pdbx_validate_torsion.auth_comp_id    ASP 
_pdbx_validate_torsion.auth_asym_id    A 
_pdbx_validate_torsion.auth_seq_id     112 
_pdbx_validate_torsion.PDB_ins_code    ? 
_pdbx_validate_torsion.label_alt_id    ? 
_pdbx_validate_torsion.phi             -83.28 
_pdbx_validate_torsion.psi             33.24 
# 
loop_
_pdbx_unobs_or_zero_occ_atoms.id 
_pdbx_unobs_or_zero_occ_atoms.PDB_model_num 
_pdbx_unobs_or_zero_occ_atoms.polymer_flag 
_pdbx_unobs_or_zero_occ_atoms.occupancy_flag 
_pdbx_unobs_or_zero_occ_atoms.auth_asym_id 
_pdbx_unobs_or_zero_occ_atoms.auth_comp_id 
_pdbx_unobs_or_zero_occ_atoms.auth_seq_id 
_pdbx_unobs_or_zero_occ_atoms.PDB_ins_code 
_pdbx_unobs_or_zero_occ_atoms.auth_atom_id 
_pdbx_unobs_or_zero_occ_atoms.label_alt_id 
_pdbx_unobs_or_zero_occ_atoms.label_asym_id 
_pdbx_unobs_or_zero_occ_atoms.label_comp_id 
_pdbx_unobs_or_zero_occ_atoms.label_seq_id 
_pdbx_unobs_or_zero_occ_atoms.label_atom_id 
1 1 Y 1 B PHE 501 ? CG  ? B PHE 2 CG  
2 1 Y 1 B PHE 501 ? CD1 ? B PHE 2 CD1 
3 1 Y 1 B PHE 501 ? CD2 ? B PHE 2 CD2 
4 1 Y 1 B PHE 501 ? CE1 ? B PHE 2 CE1 
5 1 Y 1 B PHE 501 ? CE2 ? B PHE 2 CE2 
6 1 Y 1 B PHE 501 ? CZ  ? B PHE 2 CZ  
# 
loop_
_pdbx_unobs_or_zero_occ_residues.id 
_pdbx_unobs_or_zero_occ_residues.PDB_model_num 
_pdbx_unobs_or_zero_occ_residues.polymer_flag 
_pdbx_unobs_or_zero_occ_residues.occupancy_flag 
_pdbx_unobs_or_zero_occ_residues.auth_asym_id 
_pdbx_unobs_or_zero_occ_residues.auth_comp_id 
_pdbx_unobs_or_zero_occ_residues.auth_seq_id 
_pdbx_unobs_or_zero_occ_residues.PDB_ins_code 
_pdbx_unobs_or_zero_occ_residues.label_asym_id 
_pdbx_unobs_or_zero_occ_residues.label_comp_id 
_pdbx_unobs_or_zero_occ_residues.label_seq_id 
1  1 Y 1 A GLY -3  ? A GLY 1  
2  1 Y 1 A SER -2  ? A SER 2  
3  1 Y 1 A HIS -1  ? A HIS 3  
4  1 Y 1 A GLY 0   ? A GLY 4  
5  1 Y 1 A MET 1   ? A MET 5  
6  1 Y 1 A ALA 2   ? A ALA 6  
7  1 Y 1 A ASP 3   ? A ASP 7  
8  1 Y 1 A GLU 4   ? A GLU 8  
9  1 Y 1 A GLU 5   ? A GLU 9  
10 1 Y 1 A LYS 6   ? A LYS 10 
11 1 Y 1 A GLY 39  ? A GLY 43 
12 1 Y 1 A ASN 40  ? A ASN 44 
13 1 Y 1 A SER 41  ? A SER 45 
14 1 Y 1 A SER 42  ? A SER 46 
15 1 Y 1 A SER 43  ? A SER 47 
16 1 Y 1 A GLY 44  ? A GLY 48 
17 1 Y 1 A GLY 45  ? A GLY 49 
18 1 Y 1 A LYS 46  ? A LYS 50 
19 1 Y 1 A ASN 47  ? A ASN 51 
20 1 Y 1 A GLY 48  ? A GLY 52 
21 1 Y 1 A GLN 49  ? A GLN 53 
22 1 Y 1 A GLY 50  ? A GLY 54 
23 1 Y 1 B ACE 500 ? B ACE 1  
# 
loop_
_chem_comp_atom.comp_id 
_chem_comp_atom.atom_id 
_chem_comp_atom.type_symbol 
_chem_comp_atom.pdbx_aromatic_flag 
_chem_comp_atom.pdbx_stereo_config 
_chem_comp_atom.pdbx_ordinal 
ACE C    C N N 1   
ACE O    O N N 2   
ACE CH3  C N N 3   
ACE H    H N N 4   
ACE H1   H N N 5   
ACE H2   H N N 6   
ACE H3   H N N 7   
ALA N    N N N 8   
ALA CA   C N S 9   
ALA C    C N N 10  
ALA O    O N N 11  
ALA CB   C N N 12  
ALA OXT  O N N 13  
ALA H    H N N 14  
ALA H2   H N N 15  
ALA HA   H N N 16  
ALA HB1  H N N 17  
ALA HB2  H N N 18  
ALA HB3  H N N 19  
ALA HXT  H N N 20  
ARG N    N N N 21  
ARG CA   C N S 22  
ARG C    C N N 23  
ARG O    O N N 24  
ARG CB   C N N 25  
ARG CG   C N N 26  
ARG CD   C N N 27  
ARG NE   N N N 28  
ARG CZ   C N N 29  
ARG NH1  N N N 30  
ARG NH2  N N N 31  
ARG OXT  O N N 32  
ARG H    H N N 33  
ARG H2   H N N 34  
ARG HA   H N N 35  
ARG HB2  H N N 36  
ARG HB3  H N N 37  
ARG HG2  H N N 38  
ARG HG3  H N N 39  
ARG HD2  H N N 40  
ARG HD3  H N N 41  
ARG HE   H N N 42  
ARG HH11 H N N 43  
ARG HH12 H N N 44  
ARG HH21 H N N 45  
ARG HH22 H N N 46  
ARG HXT  H N N 47  
ASN N    N N N 48  
ASN CA   C N S 49  
ASN C    C N N 50  
ASN O    O N N 51  
ASN CB   C N N 52  
ASN CG   C N N 53  
ASN OD1  O N N 54  
ASN ND2  N N N 55  
ASN OXT  O N N 56  
ASN H    H N N 57  
ASN H2   H N N 58  
ASN HA   H N N 59  
ASN HB2  H N N 60  
ASN HB3  H N N 61  
ASN HD21 H N N 62  
ASN HD22 H N N 63  
ASN HXT  H N N 64  
ASP N    N N N 65  
ASP CA   C N S 66  
ASP C    C N N 67  
ASP O    O N N 68  
ASP CB   C N N 69  
ASP CG   C N N 70  
ASP OD1  O N N 71  
ASP OD2  O N N 72  
ASP OXT  O N N 73  
ASP H    H N N 74  
ASP H2   H N N 75  
ASP HA   H N N 76  
ASP HB2  H N N 77  
ASP HB3  H N N 78  
ASP HD2  H N N 79  
ASP HXT  H N N 80  
CYS N    N N N 81  
CYS CA   C N R 82  
CYS C    C N N 83  
CYS O    O N N 84  
CYS CB   C N N 85  
CYS SG   S N N 86  
CYS OXT  O N N 87  
CYS H    H N N 88  
CYS H2   H N N 89  
CYS HA   H N N 90  
CYS HB2  H N N 91  
CYS HB3  H N N 92  
CYS HG   H N N 93  
CYS HXT  H N N 94  
D11 N    N N N 95  
D11 CA   C N R 96  
D11 CB   C N S 97  
D11 CG2  C N N 98  
D11 OG1  O N N 99  
D11 P    P N N 100 
D11 O1P  O N N 101 
D11 O2P  O N N 102 
D11 O3P  O N N 103 
D11 C    C N N 104 
D11 O    O N N 105 
D11 OXT  O N N 106 
D11 H    H N N 107 
D11 H2   H N N 108 
D11 HA   H N N 109 
D11 HB   H N N 110 
D11 HG21 H N N 111 
D11 HG22 H N N 112 
D11 HG23 H N N 113 
D11 HO2P H N N 114 
D11 HO3P H N N 115 
D11 HXT  H N N 116 
GLN N    N N N 117 
GLN CA   C N S 118 
GLN C    C N N 119 
GLN O    O N N 120 
GLN CB   C N N 121 
GLN CG   C N N 122 
GLN CD   C N N 123 
GLN OE1  O N N 124 
GLN NE2  N N N 125 
GLN OXT  O N N 126 
GLN H    H N N 127 
GLN H2   H N N 128 
GLN HA   H N N 129 
GLN HB2  H N N 130 
GLN HB3  H N N 131 
GLN HG2  H N N 132 
GLN HG3  H N N 133 
GLN HE21 H N N 134 
GLN HE22 H N N 135 
GLN HXT  H N N 136 
GLU N    N N N 137 
GLU CA   C N S 138 
GLU C    C N N 139 
GLU O    O N N 140 
GLU CB   C N N 141 
GLU CG   C N N 142 
GLU CD   C N N 143 
GLU OE1  O N N 144 
GLU OE2  O N N 145 
GLU OXT  O N N 146 
GLU H    H N N 147 
GLU H2   H N N 148 
GLU HA   H N N 149 
GLU HB2  H N N 150 
GLU HB3  H N N 151 
GLU HG2  H N N 152 
GLU HG3  H N N 153 
GLU HE2  H N N 154 
GLU HXT  H N N 155 
GLY N    N N N 156 
GLY CA   C N N 157 
GLY C    C N N 158 
GLY O    O N N 159 
GLY OXT  O N N 160 
GLY H    H N N 161 
GLY H2   H N N 162 
GLY HA2  H N N 163 
GLY HA3  H N N 164 
GLY HXT  H N N 165 
HIS N    N N N 166 
HIS CA   C N S 167 
HIS C    C N N 168 
HIS O    O N N 169 
HIS CB   C N N 170 
HIS CG   C Y N 171 
HIS ND1  N Y N 172 
HIS CD2  C Y N 173 
HIS CE1  C Y N 174 
HIS NE2  N Y N 175 
HIS OXT  O N N 176 
HIS H    H N N 177 
HIS H2   H N N 178 
HIS HA   H N N 179 
HIS HB2  H N N 180 
HIS HB3  H N N 181 
HIS HD1  H N N 182 
HIS HD2  H N N 183 
HIS HE1  H N N 184 
HIS HE2  H N N 185 
HIS HXT  H N N 186 
HOH O    O N N 187 
HOH H1   H N N 188 
HOH H2   H N N 189 
ILE N    N N N 190 
ILE CA   C N S 191 
ILE C    C N N 192 
ILE O    O N N 193 
ILE CB   C N S 194 
ILE CG1  C N N 195 
ILE CG2  C N N 196 
ILE CD1  C N N 197 
ILE OXT  O N N 198 
ILE H    H N N 199 
ILE H2   H N N 200 
ILE HA   H N N 201 
ILE HB   H N N 202 
ILE HG12 H N N 203 
ILE HG13 H N N 204 
ILE HG21 H N N 205 
ILE HG22 H N N 206 
ILE HG23 H N N 207 
ILE HD11 H N N 208 
ILE HD12 H N N 209 
ILE HD13 H N N 210 
ILE HXT  H N N 211 
LEU N    N N N 212 
LEU CA   C N S 213 
LEU C    C N N 214 
LEU O    O N N 215 
LEU CB   C N N 216 
LEU CG   C N N 217 
LEU CD1  C N N 218 
LEU CD2  C N N 219 
LEU OXT  O N N 220 
LEU H    H N N 221 
LEU H2   H N N 222 
LEU HA   H N N 223 
LEU HB2  H N N 224 
LEU HB3  H N N 225 
LEU HG   H N N 226 
LEU HD11 H N N 227 
LEU HD12 H N N 228 
LEU HD13 H N N 229 
LEU HD21 H N N 230 
LEU HD22 H N N 231 
LEU HD23 H N N 232 
LEU HXT  H N N 233 
LYS N    N N N 234 
LYS CA   C N S 235 
LYS C    C N N 236 
LYS O    O N N 237 
LYS CB   C N N 238 
LYS CG   C N N 239 
LYS CD   C N N 240 
LYS CE   C N N 241 
LYS NZ   N N N 242 
LYS OXT  O N N 243 
LYS H    H N N 244 
LYS H2   H N N 245 
LYS HA   H N N 246 
LYS HB2  H N N 247 
LYS HB3  H N N 248 
LYS HG2  H N N 249 
LYS HG3  H N N 250 
LYS HD2  H N N 251 
LYS HD3  H N N 252 
LYS HE2  H N N 253 
LYS HE3  H N N 254 
LYS HZ1  H N N 255 
LYS HZ2  H N N 256 
LYS HZ3  H N N 257 
LYS HXT  H N N 258 
MET N    N N N 259 
MET CA   C N S 260 
MET C    C N N 261 
MET O    O N N 262 
MET CB   C N N 263 
MET CG   C N N 264 
MET SD   S N N 265 
MET CE   C N N 266 
MET OXT  O N N 267 
MET H    H N N 268 
MET H2   H N N 269 
MET HA   H N N 270 
MET HB2  H N N 271 
MET HB3  H N N 272 
MET HG2  H N N 273 
MET HG3  H N N 274 
MET HE1  H N N 275 
MET HE2  H N N 276 
MET HE3  H N N 277 
MET HXT  H N N 278 
NAL C1   C Y N 279 
NAL C2   C Y N 280 
NAL C3   C Y N 281 
NAL C4   C Y N 282 
NAL C4A  C Y N 283 
NAL C5   C Y N 284 
NAL C6   C Y N 285 
NAL C7   C Y N 286 
NAL C8   C Y N 287 
NAL C8A  C Y N 288 
NAL C9   C N N 289 
NAL CA   C N S 290 
NAL C    C N N 291 
NAL N    N N N 292 
NAL O    O N N 293 
NAL OXT  O N N 294 
NAL H1   H N N 295 
NAL H3   H N N 296 
NAL H4   H N N 297 
NAL H5   H N N 298 
NAL H6   H N N 299 
NAL H7   H N N 300 
NAL H8   H N N 301 
NAL H91  H N N 302 
NAL H92  H N N 303 
NAL HA   H N N 304 
NAL H    H N N 305 
NAL H2   H N N 306 
NAL HXT  H N N 307 
NH2 N    N N N 308 
NH2 HN1  H N N 309 
NH2 HN2  H N N 310 
PE4 O1   O N N 311 
PE4 C1   C N N 312 
PE4 C2   C N N 313 
PE4 O2   O N N 314 
PE4 C3   C N N 315 
PE4 C4   C N N 316 
PE4 O3   O N N 317 
PE4 C5   C N N 318 
PE4 C6   C N N 319 
PE4 O4   O N N 320 
PE4 C7   C N N 321 
PE4 C8   C N N 322 
PE4 O5   O N N 323 
PE4 C9   C N N 324 
PE4 C10  C N N 325 
PE4 O6   O N N 326 
PE4 C11  C N N 327 
PE4 C12  C N N 328 
PE4 O7   O N N 329 
PE4 C13  C N N 330 
PE4 C14  C N N 331 
PE4 O8   O N N 332 
PE4 C15  C N N 333 
PE4 C16  C N N 334 
PE4 HO1  H N N 335 
PE4 H11  H N N 336 
PE4 H12  H N N 337 
PE4 H21  H N N 338 
PE4 H22  H N N 339 
PE4 H31  H N N 340 
PE4 H32  H N N 341 
PE4 H41  H N N 342 
PE4 H42  H N N 343 
PE4 H51  H N N 344 
PE4 H52  H N N 345 
PE4 H61  H N N 346 
PE4 H62  H N N 347 
PE4 H71  H N N 348 
PE4 H72  H N N 349 
PE4 H81  H N N 350 
PE4 H82  H N N 351 
PE4 H91  H N N 352 
PE4 H92  H N N 353 
PE4 H101 H N N 354 
PE4 H102 H N N 355 
PE4 H111 H N N 356 
PE4 H112 H N N 357 
PE4 H121 H N N 358 
PE4 H122 H N N 359 
PE4 H131 H N N 360 
PE4 H132 H N N 361 
PE4 H141 H N N 362 
PE4 H142 H N N 363 
PE4 H151 H N N 364 
PE4 H152 H N N 365 
PE4 H161 H N N 366 
PE4 H162 H N N 367 
PE4 H163 H N N 368 
PHE N    N N N 369 
PHE CA   C N S 370 
PHE C    C N N 371 
PHE O    O N N 372 
PHE CB   C N N 373 
PHE CG   C Y N 374 
PHE CD1  C Y N 375 
PHE CD2  C Y N 376 
PHE CE1  C Y N 377 
PHE CE2  C Y N 378 
PHE CZ   C Y N 379 
PHE OXT  O N N 380 
PHE H    H N N 381 
PHE H2   H N N 382 
PHE HA   H N N 383 
PHE HB2  H N N 384 
PHE HB3  H N N 385 
PHE HD1  H N N 386 
PHE HD2  H N N 387 
PHE HE1  H N N 388 
PHE HE2  H N N 389 
PHE HZ   H N N 390 
PHE HXT  H N N 391 
PRO N    N N N 392 
PRO CA   C N S 393 
PRO C    C N N 394 
PRO O    O N N 395 
PRO CB   C N N 396 
PRO CG   C N N 397 
PRO CD   C N N 398 
PRO OXT  O N N 399 
PRO H    H N N 400 
PRO HA   H N N 401 
PRO HB2  H N N 402 
PRO HB3  H N N 403 
PRO HG2  H N N 404 
PRO HG3  H N N 405 
PRO HD2  H N N 406 
PRO HD3  H N N 407 
PRO HXT  H N N 408 
SER N    N N N 409 
SER CA   C N S 410 
SER C    C N N 411 
SER O    O N N 412 
SER CB   C N N 413 
SER OG   O N N 414 
SER OXT  O N N 415 
SER H    H N N 416 
SER H2   H N N 417 
SER HA   H N N 418 
SER HB2  H N N 419 
SER HB3  H N N 420 
SER HG   H N N 421 
SER HXT  H N N 422 
THR N    N N N 423 
THR CA   C N S 424 
THR C    C N N 425 
THR O    O N N 426 
THR CB   C N R 427 
THR OG1  O N N 428 
THR CG2  C N N 429 
THR OXT  O N N 430 
THR H    H N N 431 
THR H2   H N N 432 
THR HA   H N N 433 
THR HB   H N N 434 
THR HG1  H N N 435 
THR HG21 H N N 436 
THR HG22 H N N 437 
THR HG23 H N N 438 
THR HXT  H N N 439 
TRP N    N N N 440 
TRP CA   C N S 441 
TRP C    C N N 442 
TRP O    O N N 443 
TRP CB   C N N 444 
TRP CG   C Y N 445 
TRP CD1  C Y N 446 
TRP CD2  C Y N 447 
TRP NE1  N Y N 448 
TRP CE2  C Y N 449 
TRP CE3  C Y N 450 
TRP CZ2  C Y N 451 
TRP CZ3  C Y N 452 
TRP CH2  C Y N 453 
TRP OXT  O N N 454 
TRP H    H N N 455 
TRP H2   H N N 456 
TRP HA   H N N 457 
TRP HB2  H N N 458 
TRP HB3  H N N 459 
TRP HD1  H N N 460 
TRP HE1  H N N 461 
TRP HE3  H N N 462 
TRP HZ2  H N N 463 
TRP HZ3  H N N 464 
TRP HH2  H N N 465 
TRP HXT  H N N 466 
TYR N    N N N 467 
TYR CA   C N S 468 
TYR C    C N N 469 
TYR O    O N N 470 
TYR CB   C N N 471 
TYR CG   C Y N 472 
TYR CD1  C Y N 473 
TYR CD2  C Y N 474 
TYR CE1  C Y N 475 
TYR CE2  C Y N 476 
TYR CZ   C Y N 477 
TYR OH   O N N 478 
TYR OXT  O N N 479 
TYR H    H N N 480 
TYR H2   H N N 481 
TYR HA   H N N 482 
TYR HB2  H N N 483 
TYR HB3  H N N 484 
TYR HD1  H N N 485 
TYR HD2  H N N 486 
TYR HE1  H N N 487 
TYR HE2  H N N 488 
TYR HH   H N N 489 
TYR HXT  H N N 490 
VAL N    N N N 491 
VAL CA   C N S 492 
VAL C    C N N 493 
VAL O    O N N 494 
VAL CB   C N N 495 
VAL CG1  C N N 496 
VAL CG2  C N N 497 
VAL OXT  O N N 498 
VAL H    H N N 499 
VAL H2   H N N 500 
VAL HA   H N N 501 
VAL HB   H N N 502 
VAL HG11 H N N 503 
VAL HG12 H N N 504 
VAL HG13 H N N 505 
VAL HG21 H N N 506 
VAL HG22 H N N 507 
VAL HG23 H N N 508 
VAL HXT  H N N 509 
YCP C    C N N 510 
YCP N    N N N 511 
YCP O    O N N 512 
YCP CA   C N S 513 
YCP CB   C N N 514 
YCP CD   C N N 515 
YCP CE   C N N 516 
YCP CG   C N N 517 
YCP OXT  O N N 518 
YCP H    H N N 519 
YCP HA   H N N 520 
YCP HB   H N N 521 
YCP HBA  H N N 522 
YCP HD   H N N 523 
YCP HDA  H N N 524 
YCP HE   H N N 525 
YCP HEA  H N N 526 
YCP HG   H N N 527 
YCP HGA  H N N 528 
YCP HXT  H N N 529 
# 
loop_
_chem_comp_bond.comp_id 
_chem_comp_bond.atom_id_1 
_chem_comp_bond.atom_id_2 
_chem_comp_bond.value_order 
_chem_comp_bond.pdbx_aromatic_flag 
_chem_comp_bond.pdbx_stereo_config 
_chem_comp_bond.pdbx_ordinal 
ACE C   O    doub N N 1   
ACE C   CH3  sing N N 2   
ACE C   H    sing N N 3   
ACE CH3 H1   sing N N 4   
ACE CH3 H2   sing N N 5   
ACE CH3 H3   sing N N 6   
ALA N   CA   sing N N 7   
ALA N   H    sing N N 8   
ALA N   H2   sing N N 9   
ALA CA  C    sing N N 10  
ALA CA  CB   sing N N 11  
ALA CA  HA   sing N N 12  
ALA C   O    doub N N 13  
ALA C   OXT  sing N N 14  
ALA CB  HB1  sing N N 15  
ALA CB  HB2  sing N N 16  
ALA CB  HB3  sing N N 17  
ALA OXT HXT  sing N N 18  
ARG N   CA   sing N N 19  
ARG N   H    sing N N 20  
ARG N   H2   sing N N 21  
ARG CA  C    sing N N 22  
ARG CA  CB   sing N N 23  
ARG CA  HA   sing N N 24  
ARG C   O    doub N N 25  
ARG C   OXT  sing N N 26  
ARG CB  CG   sing N N 27  
ARG CB  HB2  sing N N 28  
ARG CB  HB3  sing N N 29  
ARG CG  CD   sing N N 30  
ARG CG  HG2  sing N N 31  
ARG CG  HG3  sing N N 32  
ARG CD  NE   sing N N 33  
ARG CD  HD2  sing N N 34  
ARG CD  HD3  sing N N 35  
ARG NE  CZ   sing N N 36  
ARG NE  HE   sing N N 37  
ARG CZ  NH1  sing N N 38  
ARG CZ  NH2  doub N N 39  
ARG NH1 HH11 sing N N 40  
ARG NH1 HH12 sing N N 41  
ARG NH2 HH21 sing N N 42  
ARG NH2 HH22 sing N N 43  
ARG OXT HXT  sing N N 44  
ASN N   CA   sing N N 45  
ASN N   H    sing N N 46  
ASN N   H2   sing N N 47  
ASN CA  C    sing N N 48  
ASN CA  CB   sing N N 49  
ASN CA  HA   sing N N 50  
ASN C   O    doub N N 51  
ASN C   OXT  sing N N 52  
ASN CB  CG   sing N N 53  
ASN CB  HB2  sing N N 54  
ASN CB  HB3  sing N N 55  
ASN CG  OD1  doub N N 56  
ASN CG  ND2  sing N N 57  
ASN ND2 HD21 sing N N 58  
ASN ND2 HD22 sing N N 59  
ASN OXT HXT  sing N N 60  
ASP N   CA   sing N N 61  
ASP N   H    sing N N 62  
ASP N   H2   sing N N 63  
ASP CA  C    sing N N 64  
ASP CA  CB   sing N N 65  
ASP CA  HA   sing N N 66  
ASP C   O    doub N N 67  
ASP C   OXT  sing N N 68  
ASP CB  CG   sing N N 69  
ASP CB  HB2  sing N N 70  
ASP CB  HB3  sing N N 71  
ASP CG  OD1  doub N N 72  
ASP CG  OD2  sing N N 73  
ASP OD2 HD2  sing N N 74  
ASP OXT HXT  sing N N 75  
CYS N   CA   sing N N 76  
CYS N   H    sing N N 77  
CYS N   H2   sing N N 78  
CYS CA  C    sing N N 79  
CYS CA  CB   sing N N 80  
CYS CA  HA   sing N N 81  
CYS C   O    doub N N 82  
CYS C   OXT  sing N N 83  
CYS CB  SG   sing N N 84  
CYS CB  HB2  sing N N 85  
CYS CB  HB3  sing N N 86  
CYS SG  HG   sing N N 87  
CYS OXT HXT  sing N N 88  
D11 N   CA   sing N N 89  
D11 N   H    sing N N 90  
D11 N   H2   sing N N 91  
D11 CA  CB   sing N N 92  
D11 CA  C    sing N N 93  
D11 CA  HA   sing N N 94  
D11 CB  CG2  sing N N 95  
D11 CB  OG1  sing N N 96  
D11 CB  HB   sing N N 97  
D11 CG2 HG21 sing N N 98  
D11 CG2 HG22 sing N N 99  
D11 CG2 HG23 sing N N 100 
D11 OG1 P    sing N N 101 
D11 P   O1P  doub N N 102 
D11 P   O2P  sing N N 103 
D11 P   O3P  sing N N 104 
D11 O2P HO2P sing N N 105 
D11 O3P HO3P sing N N 106 
D11 C   O    doub N N 107 
D11 C   OXT  sing N N 108 
D11 OXT HXT  sing N N 109 
GLN N   CA   sing N N 110 
GLN N   H    sing N N 111 
GLN N   H2   sing N N 112 
GLN CA  C    sing N N 113 
GLN CA  CB   sing N N 114 
GLN CA  HA   sing N N 115 
GLN C   O    doub N N 116 
GLN C   OXT  sing N N 117 
GLN CB  CG   sing N N 118 
GLN CB  HB2  sing N N 119 
GLN CB  HB3  sing N N 120 
GLN CG  CD   sing N N 121 
GLN CG  HG2  sing N N 122 
GLN CG  HG3  sing N N 123 
GLN CD  OE1  doub N N 124 
GLN CD  NE2  sing N N 125 
GLN NE2 HE21 sing N N 126 
GLN NE2 HE22 sing N N 127 
GLN OXT HXT  sing N N 128 
GLU N   CA   sing N N 129 
GLU N   H    sing N N 130 
GLU N   H2   sing N N 131 
GLU CA  C    sing N N 132 
GLU CA  CB   sing N N 133 
GLU CA  HA   sing N N 134 
GLU C   O    doub N N 135 
GLU C   OXT  sing N N 136 
GLU CB  CG   sing N N 137 
GLU CB  HB2  sing N N 138 
GLU CB  HB3  sing N N 139 
GLU CG  CD   sing N N 140 
GLU CG  HG2  sing N N 141 
GLU CG  HG3  sing N N 142 
GLU CD  OE1  doub N N 143 
GLU CD  OE2  sing N N 144 
GLU OE2 HE2  sing N N 145 
GLU OXT HXT  sing N N 146 
GLY N   CA   sing N N 147 
GLY N   H    sing N N 148 
GLY N   H2   sing N N 149 
GLY CA  C    sing N N 150 
GLY CA  HA2  sing N N 151 
GLY CA  HA3  sing N N 152 
GLY C   O    doub N N 153 
GLY C   OXT  sing N N 154 
GLY OXT HXT  sing N N 155 
HIS N   CA   sing N N 156 
HIS N   H    sing N N 157 
HIS N   H2   sing N N 158 
HIS CA  C    sing N N 159 
HIS CA  CB   sing N N 160 
HIS CA  HA   sing N N 161 
HIS C   O    doub N N 162 
HIS C   OXT  sing N N 163 
HIS CB  CG   sing N N 164 
HIS CB  HB2  sing N N 165 
HIS CB  HB3  sing N N 166 
HIS CG  ND1  sing Y N 167 
HIS CG  CD2  doub Y N 168 
HIS ND1 CE1  doub Y N 169 
HIS ND1 HD1  sing N N 170 
HIS CD2 NE2  sing Y N 171 
HIS CD2 HD2  sing N N 172 
HIS CE1 NE2  sing Y N 173 
HIS CE1 HE1  sing N N 174 
HIS NE2 HE2  sing N N 175 
HIS OXT HXT  sing N N 176 
HOH O   H1   sing N N 177 
HOH O   H2   sing N N 178 
ILE N   CA   sing N N 179 
ILE N   H    sing N N 180 
ILE N   H2   sing N N 181 
ILE CA  C    sing N N 182 
ILE CA  CB   sing N N 183 
ILE CA  HA   sing N N 184 
ILE C   O    doub N N 185 
ILE C   OXT  sing N N 186 
ILE CB  CG1  sing N N 187 
ILE CB  CG2  sing N N 188 
ILE CB  HB   sing N N 189 
ILE CG1 CD1  sing N N 190 
ILE CG1 HG12 sing N N 191 
ILE CG1 HG13 sing N N 192 
ILE CG2 HG21 sing N N 193 
ILE CG2 HG22 sing N N 194 
ILE CG2 HG23 sing N N 195 
ILE CD1 HD11 sing N N 196 
ILE CD1 HD12 sing N N 197 
ILE CD1 HD13 sing N N 198 
ILE OXT HXT  sing N N 199 
LEU N   CA   sing N N 200 
LEU N   H    sing N N 201 
LEU N   H2   sing N N 202 
LEU CA  C    sing N N 203 
LEU CA  CB   sing N N 204 
LEU CA  HA   sing N N 205 
LEU C   O    doub N N 206 
LEU C   OXT  sing N N 207 
LEU CB  CG   sing N N 208 
LEU CB  HB2  sing N N 209 
LEU CB  HB3  sing N N 210 
LEU CG  CD1  sing N N 211 
LEU CG  CD2  sing N N 212 
LEU CG  HG   sing N N 213 
LEU CD1 HD11 sing N N 214 
LEU CD1 HD12 sing N N 215 
LEU CD1 HD13 sing N N 216 
LEU CD2 HD21 sing N N 217 
LEU CD2 HD22 sing N N 218 
LEU CD2 HD23 sing N N 219 
LEU OXT HXT  sing N N 220 
LYS N   CA   sing N N 221 
LYS N   H    sing N N 222 
LYS N   H2   sing N N 223 
LYS CA  C    sing N N 224 
LYS CA  CB   sing N N 225 
LYS CA  HA   sing N N 226 
LYS C   O    doub N N 227 
LYS C   OXT  sing N N 228 
LYS CB  CG   sing N N 229 
LYS CB  HB2  sing N N 230 
LYS CB  HB3  sing N N 231 
LYS CG  CD   sing N N 232 
LYS CG  HG2  sing N N 233 
LYS CG  HG3  sing N N 234 
LYS CD  CE   sing N N 235 
LYS CD  HD2  sing N N 236 
LYS CD  HD3  sing N N 237 
LYS CE  NZ   sing N N 238 
LYS CE  HE2  sing N N 239 
LYS CE  HE3  sing N N 240 
LYS NZ  HZ1  sing N N 241 
LYS NZ  HZ2  sing N N 242 
LYS NZ  HZ3  sing N N 243 
LYS OXT HXT  sing N N 244 
MET N   CA   sing N N 245 
MET N   H    sing N N 246 
MET N   H2   sing N N 247 
MET CA  C    sing N N 248 
MET CA  CB   sing N N 249 
MET CA  HA   sing N N 250 
MET C   O    doub N N 251 
MET C   OXT  sing N N 252 
MET CB  CG   sing N N 253 
MET CB  HB2  sing N N 254 
MET CB  HB3  sing N N 255 
MET CG  SD   sing N N 256 
MET CG  HG2  sing N N 257 
MET CG  HG3  sing N N 258 
MET SD  CE   sing N N 259 
MET CE  HE1  sing N N 260 
MET CE  HE2  sing N N 261 
MET CE  HE3  sing N N 262 
MET OXT HXT  sing N N 263 
NAL C6  C5   doub Y N 264 
NAL C6  C7   sing Y N 265 
NAL C5  C4A  sing Y N 266 
NAL C7  C8   doub Y N 267 
NAL C4A C4   doub Y N 268 
NAL C4A C8A  sing Y N 269 
NAL C8  C8A  sing Y N 270 
NAL C4  C3   sing Y N 271 
NAL C8A C1   doub Y N 272 
NAL C3  C2   doub Y N 273 
NAL C1  C2   sing Y N 274 
NAL C2  C9   sing N N 275 
NAL C9  CA   sing N N 276 
NAL CA  N    sing N N 277 
NAL CA  C    sing N N 278 
NAL C   O    doub N N 279 
NAL C   OXT  sing N N 280 
NAL C1  H1   sing N N 281 
NAL C3  H3   sing N N 282 
NAL C4  H4   sing N N 283 
NAL C5  H5   sing N N 284 
NAL C6  H6   sing N N 285 
NAL C7  H7   sing N N 286 
NAL C8  H8   sing N N 287 
NAL C9  H91  sing N N 288 
NAL C9  H92  sing N N 289 
NAL CA  HA   sing N N 290 
NAL N   H    sing N N 291 
NAL N   H2   sing N N 292 
NAL OXT HXT  sing N N 293 
NH2 N   HN1  sing N N 294 
NH2 N   HN2  sing N N 295 
PE4 O1  C1   sing N N 296 
PE4 O1  HO1  sing N N 297 
PE4 C1  C2   sing N N 298 
PE4 C1  H11  sing N N 299 
PE4 C1  H12  sing N N 300 
PE4 C2  O2   sing N N 301 
PE4 C2  H21  sing N N 302 
PE4 C2  H22  sing N N 303 
PE4 O2  C3   sing N N 304 
PE4 C3  C4   sing N N 305 
PE4 C3  H31  sing N N 306 
PE4 C3  H32  sing N N 307 
PE4 C4  O3   sing N N 308 
PE4 C4  H41  sing N N 309 
PE4 C4  H42  sing N N 310 
PE4 O3  C5   sing N N 311 
PE4 C5  C6   sing N N 312 
PE4 C5  H51  sing N N 313 
PE4 C5  H52  sing N N 314 
PE4 C6  O4   sing N N 315 
PE4 C6  H61  sing N N 316 
PE4 C6  H62  sing N N 317 
PE4 O4  C7   sing N N 318 
PE4 C7  C8   sing N N 319 
PE4 C7  H71  sing N N 320 
PE4 C7  H72  sing N N 321 
PE4 C8  O5   sing N N 322 
PE4 C8  H81  sing N N 323 
PE4 C8  H82  sing N N 324 
PE4 O5  C9   sing N N 325 
PE4 C9  C10  sing N N 326 
PE4 C9  H91  sing N N 327 
PE4 C9  H92  sing N N 328 
PE4 C10 O6   sing N N 329 
PE4 C10 H101 sing N N 330 
PE4 C10 H102 sing N N 331 
PE4 O6  C11  sing N N 332 
PE4 C11 C12  sing N N 333 
PE4 C11 H111 sing N N 334 
PE4 C11 H112 sing N N 335 
PE4 C12 O7   sing N N 336 
PE4 C12 H121 sing N N 337 
PE4 C12 H122 sing N N 338 
PE4 O7  C13  sing N N 339 
PE4 C13 C14  sing N N 340 
PE4 C13 H131 sing N N 341 
PE4 C13 H132 sing N N 342 
PE4 C14 O8   sing N N 343 
PE4 C14 H141 sing N N 344 
PE4 C14 H142 sing N N 345 
PE4 O8  C15  sing N N 346 
PE4 C15 C16  sing N N 347 
PE4 C15 H151 sing N N 348 
PE4 C15 H152 sing N N 349 
PE4 C16 H161 sing N N 350 
PE4 C16 H162 sing N N 351 
PE4 C16 H163 sing N N 352 
PHE N   CA   sing N N 353 
PHE N   H    sing N N 354 
PHE N   H2   sing N N 355 
PHE CA  C    sing N N 356 
PHE CA  CB   sing N N 357 
PHE CA  HA   sing N N 358 
PHE C   O    doub N N 359 
PHE C   OXT  sing N N 360 
PHE CB  CG   sing N N 361 
PHE CB  HB2  sing N N 362 
PHE CB  HB3  sing N N 363 
PHE CG  CD1  doub Y N 364 
PHE CG  CD2  sing Y N 365 
PHE CD1 CE1  sing Y N 366 
PHE CD1 HD1  sing N N 367 
PHE CD2 CE2  doub Y N 368 
PHE CD2 HD2  sing N N 369 
PHE CE1 CZ   doub Y N 370 
PHE CE1 HE1  sing N N 371 
PHE CE2 CZ   sing Y N 372 
PHE CE2 HE2  sing N N 373 
PHE CZ  HZ   sing N N 374 
PHE OXT HXT  sing N N 375 
PRO N   CA   sing N N 376 
PRO N   CD   sing N N 377 
PRO N   H    sing N N 378 
PRO CA  C    sing N N 379 
PRO CA  CB   sing N N 380 
PRO CA  HA   sing N N 381 
PRO C   O    doub N N 382 
PRO C   OXT  sing N N 383 
PRO CB  CG   sing N N 384 
PRO CB  HB2  sing N N 385 
PRO CB  HB3  sing N N 386 
PRO CG  CD   sing N N 387 
PRO CG  HG2  sing N N 388 
PRO CG  HG3  sing N N 389 
PRO CD  HD2  sing N N 390 
PRO CD  HD3  sing N N 391 
PRO OXT HXT  sing N N 392 
SER N   CA   sing N N 393 
SER N   H    sing N N 394 
SER N   H2   sing N N 395 
SER CA  C    sing N N 396 
SER CA  CB   sing N N 397 
SER CA  HA   sing N N 398 
SER C   O    doub N N 399 
SER C   OXT  sing N N 400 
SER CB  OG   sing N N 401 
SER CB  HB2  sing N N 402 
SER CB  HB3  sing N N 403 
SER OG  HG   sing N N 404 
SER OXT HXT  sing N N 405 
THR N   CA   sing N N 406 
THR N   H    sing N N 407 
THR N   H2   sing N N 408 
THR CA  C    sing N N 409 
THR CA  CB   sing N N 410 
THR CA  HA   sing N N 411 
THR C   O    doub N N 412 
THR C   OXT  sing N N 413 
THR CB  OG1  sing N N 414 
THR CB  CG2  sing N N 415 
THR CB  HB   sing N N 416 
THR OG1 HG1  sing N N 417 
THR CG2 HG21 sing N N 418 
THR CG2 HG22 sing N N 419 
THR CG2 HG23 sing N N 420 
THR OXT HXT  sing N N 421 
TRP N   CA   sing N N 422 
TRP N   H    sing N N 423 
TRP N   H2   sing N N 424 
TRP CA  C    sing N N 425 
TRP CA  CB   sing N N 426 
TRP CA  HA   sing N N 427 
TRP C   O    doub N N 428 
TRP C   OXT  sing N N 429 
TRP CB  CG   sing N N 430 
TRP CB  HB2  sing N N 431 
TRP CB  HB3  sing N N 432 
TRP CG  CD1  doub Y N 433 
TRP CG  CD2  sing Y N 434 
TRP CD1 NE1  sing Y N 435 
TRP CD1 HD1  sing N N 436 
TRP CD2 CE2  doub Y N 437 
TRP CD2 CE3  sing Y N 438 
TRP NE1 CE2  sing Y N 439 
TRP NE1 HE1  sing N N 440 
TRP CE2 CZ2  sing Y N 441 
TRP CE3 CZ3  doub Y N 442 
TRP CE3 HE3  sing N N 443 
TRP CZ2 CH2  doub Y N 444 
TRP CZ2 HZ2  sing N N 445 
TRP CZ3 CH2  sing Y N 446 
TRP CZ3 HZ3  sing N N 447 
TRP CH2 HH2  sing N N 448 
TRP OXT HXT  sing N N 449 
TYR N   CA   sing N N 450 
TYR N   H    sing N N 451 
TYR N   H2   sing N N 452 
TYR CA  C    sing N N 453 
TYR CA  CB   sing N N 454 
TYR CA  HA   sing N N 455 
TYR C   O    doub N N 456 
TYR C   OXT  sing N N 457 
TYR CB  CG   sing N N 458 
TYR CB  HB2  sing N N 459 
TYR CB  HB3  sing N N 460 
TYR CG  CD1  doub Y N 461 
TYR CG  CD2  sing Y N 462 
TYR CD1 CE1  sing Y N 463 
TYR CD1 HD1  sing N N 464 
TYR CD2 CE2  doub Y N 465 
TYR CD2 HD2  sing N N 466 
TYR CE1 CZ   doub Y N 467 
TYR CE1 HE1  sing N N 468 
TYR CE2 CZ   sing Y N 469 
TYR CE2 HE2  sing N N 470 
TYR CZ  OH   sing N N 471 
TYR OH  HH   sing N N 472 
TYR OXT HXT  sing N N 473 
VAL N   CA   sing N N 474 
VAL N   H    sing N N 475 
VAL N   H2   sing N N 476 
VAL CA  C    sing N N 477 
VAL CA  CB   sing N N 478 
VAL CA  HA   sing N N 479 
VAL C   O    doub N N 480 
VAL C   OXT  sing N N 481 
VAL CB  CG1  sing N N 482 
VAL CB  CG2  sing N N 483 
VAL CB  HB   sing N N 484 
VAL CG1 HG11 sing N N 485 
VAL CG1 HG12 sing N N 486 
VAL CG1 HG13 sing N N 487 
VAL CG2 HG21 sing N N 488 
VAL CG2 HG22 sing N N 489 
VAL CG2 HG23 sing N N 490 
VAL OXT HXT  sing N N 491 
YCP C   O    doub N N 492 
YCP C   CA   sing N N 493 
YCP C   OXT  sing N N 494 
YCP N   CA   sing N N 495 
YCP N   CE   sing N N 496 
YCP CA  CB   sing N N 497 
YCP CB  CG   sing N N 498 
YCP CD  CE   sing N N 499 
YCP CD  CG   sing N N 500 
YCP N   H    sing N N 501 
YCP CA  HA   sing N N 502 
YCP CB  HB   sing N N 503 
YCP CB  HBA  sing N N 504 
YCP CD  HD   sing N N 505 
YCP CD  HDA  sing N N 506 
YCP CE  HE   sing N N 507 
YCP CE  HEA  sing N N 508 
YCP CG  HG   sing N N 509 
YCP CG  HGA  sing N N 510 
YCP OXT HXT  sing N N 511 
# 
loop_
_pdbx_entity_nonpoly.entity_id 
_pdbx_entity_nonpoly.name 
_pdbx_entity_nonpoly.comp_id 
3 '2-{2-[2-(2-{2-[2-(2-ETHOXY-ETHOXY)-ETHOXY]-ETHOXY}-ETHOXY)-ETHOXY]-ETHOXY}-ETHANOL' PE4 
4 water                                                                                HOH 
# 
_pdbx_initial_refinement_model.id               1 
_pdbx_initial_refinement_model.entity_id_list   ? 
_pdbx_initial_refinement_model.type             'experimental model' 
_pdbx_initial_refinement_model.source_name      PDB 
_pdbx_initial_refinement_model.accession_code   1PIN 
_pdbx_initial_refinement_model.details          'PDB ENTRY 1PIN' 
# 
